data_1YAT
# 
_entry.id   1YAT 
# 
_audit_conform.dict_name       mmcif_pdbx.dic 
_audit_conform.dict_version    5.387 
_audit_conform.dict_location   http://mmcif.pdb.org/dictionaries/ascii/mmcif_pdbx.dic 
# 
loop_
_database_2.database_id 
_database_2.database_code 
_database_2.pdbx_database_accession 
_database_2.pdbx_DOI 
PDB   1YAT         pdb_00001yat 10.2210/pdb1yat/pdb 
WWPDB D_1000177360 ?            ?                   
# 
loop_
_pdbx_audit_revision_history.ordinal 
_pdbx_audit_revision_history.data_content_type 
_pdbx_audit_revision_history.major_revision 
_pdbx_audit_revision_history.minor_revision 
_pdbx_audit_revision_history.revision_date 
1 'Structure model' 1 0 1993-10-31 
2 'Structure model' 1 1 2008-03-03 
3 'Structure model' 1 2 2011-07-13 
4 'Structure model' 1 3 2017-11-29 
5 'Structure model' 1 4 2024-02-14 
# 
_pdbx_audit_revision_details.ordinal             1 
_pdbx_audit_revision_details.revision_ordinal    1 
_pdbx_audit_revision_details.data_content_type   'Structure model' 
_pdbx_audit_revision_details.provider            repository 
_pdbx_audit_revision_details.type                'Initial release' 
_pdbx_audit_revision_details.description         ? 
_pdbx_audit_revision_details.details             ? 
# 
loop_
_pdbx_audit_revision_group.ordinal 
_pdbx_audit_revision_group.revision_ordinal 
_pdbx_audit_revision_group.data_content_type 
_pdbx_audit_revision_group.group 
1 2 'Structure model' 'Version format compliance' 
2 3 'Structure model' 'Version format compliance' 
3 4 'Structure model' 'Derived calculations'      
4 4 'Structure model' Other                       
5 5 'Structure model' 'Data collection'           
6 5 'Structure model' 'Database references'       
7 5 'Structure model' 'Derived calculations'      
# 
loop_
_pdbx_audit_revision_category.ordinal 
_pdbx_audit_revision_category.revision_ordinal 
_pdbx_audit_revision_category.data_content_type 
_pdbx_audit_revision_category.category 
1 4 'Structure model' pdbx_database_status 
2 4 'Structure model' struct_conf          
3 4 'Structure model' struct_conf_type     
4 5 'Structure model' chem_comp_atom       
5 5 'Structure model' chem_comp_bond       
6 5 'Structure model' database_2           
7 5 'Structure model' struct_site          
# 
loop_
_pdbx_audit_revision_item.ordinal 
_pdbx_audit_revision_item.revision_ordinal 
_pdbx_audit_revision_item.data_content_type 
_pdbx_audit_revision_item.item 
1 4 'Structure model' '_pdbx_database_status.process_site'  
2 5 'Structure model' '_database_2.pdbx_DOI'                
3 5 'Structure model' '_database_2.pdbx_database_accession' 
4 5 'Structure model' '_struct_site.pdbx_auth_asym_id'      
5 5 'Structure model' '_struct_site.pdbx_auth_comp_id'      
6 5 'Structure model' '_struct_site.pdbx_auth_seq_id'       
# 
_pdbx_database_status.status_code                     REL 
_pdbx_database_status.entry_id                        1YAT 
_pdbx_database_status.recvd_initial_deposition_date   1993-01-06 
_pdbx_database_status.deposit_site                    ? 
_pdbx_database_status.process_site                    BNL 
_pdbx_database_status.status_code_sf                  REL 
_pdbx_database_status.status_code_mr                  ? 
_pdbx_database_status.SG_entry                        ? 
_pdbx_database_status.pdb_format_compatible           Y 
_pdbx_database_status.status_code_cs                  ? 
_pdbx_database_status.methods_development_category    ? 
_pdbx_database_status.status_code_nmr_data            ? 
# 
loop_
_audit_author.name 
_audit_author.pdbx_ordinal 
'Rotonda, J.'  1 
'Becker, J.W.' 2 
# 
loop_
_citation.id 
_citation.title 
_citation.journal_abbrev 
_citation.journal_volume 
_citation.page_first 
_citation.page_last 
_citation.year 
_citation.journal_id_ASTM 
_citation.country 
_citation.journal_id_ISSN 
_citation.journal_id_CSD 
_citation.book_publisher 
_citation.pdbx_database_id_PubMed 
_citation.pdbx_database_id_DOI 
primary 'Improved calcineurin inhibition by yeast FKBP12-drug complexes. Crystallographic and functional analysis.' J.Biol.Chem. 
268 7607  7609 1993 JBCHA3 US 0021-9258 0071 ? 7681823 ? 
1       'Fk-506-Binding Protein: Three-Dimensional Structure of the Complex with the Antagonist L-685,818'          J.Biol.Chem. 
268 11335 ?    1993 JBCHA3 US 0021-9258 0071 ? ?       ? 
# 
loop_
_citation_author.citation_id 
_citation_author.name 
_citation_author.ordinal 
_citation_author.identifier_ORCID 
primary 'Rotonda, J.'     1  ? 
primary 'Burbaum, J.J.'   2  ? 
primary 'Chan, H.K.'      3  ? 
primary 'Marcy, A.I.'     4  ? 
primary 'Becker, J.W.'    5  ? 
1       'Becker, J.W.'    6  ? 
1       'Rotonda, J.'     7  ? 
1       'Mckeever, B.M.'  8  ? 
1       'Chan, H.K.'      9  ? 
1       'Marcy, A.I.'     10 ? 
1       'Wiederrecht, G.' 11 ? 
1       'Hermes, J.D.'    12 ? 
1       'Springer, J.P.'  13 ? 
# 
loop_
_entity.id 
_entity.type 
_entity.src_method 
_entity.pdbx_description 
_entity.formula_weight 
_entity.pdbx_number_of_molecules 
_entity.pdbx_ec 
_entity.pdbx_mutation 
_entity.pdbx_fragment 
_entity.details 
1 polymer     man 'FK506 BINDING PROTEIN'              12038.628 1  ? ? ? ? 
2 non-polymer syn '8-DEETHYL-8-[BUT-3-ENYL]-ASCOMYCIN' 804.018   1  ? ? ? ? 
3 water       nat water                                18.015    41 ? ? ? ? 
# 
_entity_poly.entity_id                      1 
_entity_poly.type                           'polypeptide(L)' 
_entity_poly.nstd_linkage                   no 
_entity_poly.nstd_monomer                   no 
_entity_poly.pdbx_seq_one_letter_code       
;SEVIEGNVKIDRISPGDGATFPKTGDLVTIHYTGTLENGQKFDSSVDRGSPFQCNIGVGQVIKGWDVGIPKLSVGEKARL
TIPGPYAYGPRGFPGLIPPNSTLVFDVELLKVN
;
_entity_poly.pdbx_seq_one_letter_code_can   
;SEVIEGNVKIDRISPGDGATFPKTGDLVTIHYTGTLENGQKFDSSVDRGSPFQCNIGVGQVIKGWDVGIPKLSVGEKARL
TIPGPYAYGPRGFPGLIPPNSTLVFDVELLKVN
;
_entity_poly.pdbx_strand_id                 A 
_entity_poly.pdbx_target_identifier         ? 
# 
loop_
_pdbx_entity_nonpoly.entity_id 
_pdbx_entity_nonpoly.name 
_pdbx_entity_nonpoly.comp_id 
2 '8-DEETHYL-8-[BUT-3-ENYL]-ASCOMYCIN' FK5 
3 water                                HOH 
# 
loop_
_entity_poly_seq.entity_id 
_entity_poly_seq.num 
_entity_poly_seq.mon_id 
_entity_poly_seq.hetero 
1 1   SER n 
1 2   GLU n 
1 3   VAL n 
1 4   ILE n 
1 5   GLU n 
1 6   GLY n 
1 7   ASN n 
1 8   VAL n 
1 9   LYS n 
1 10  ILE n 
1 11  ASP n 
1 12  ARG n 
1 13  ILE n 
1 14  SER n 
1 15  PRO n 
1 16  GLY n 
1 17  ASP n 
1 18  GLY n 
1 19  ALA n 
1 20  THR n 
1 21  PHE n 
1 22  PRO n 
1 23  LYS n 
1 24  THR n 
1 25  GLY n 
1 26  ASP n 
1 27  LEU n 
1 28  VAL n 
1 29  THR n 
1 30  ILE n 
1 31  HIS n 
1 32  TYR n 
1 33  THR n 
1 34  GLY n 
1 35  THR n 
1 36  LEU n 
1 37  GLU n 
1 38  ASN n 
1 39  GLY n 
1 40  GLN n 
1 41  LYS n 
1 42  PHE n 
1 43  ASP n 
1 44  SER n 
1 45  SER n 
1 46  VAL n 
1 47  ASP n 
1 48  ARG n 
1 49  GLY n 
1 50  SER n 
1 51  PRO n 
1 52  PHE n 
1 53  GLN n 
1 54  CYS n 
1 55  ASN n 
1 56  ILE n 
1 57  GLY n 
1 58  VAL n 
1 59  GLY n 
1 60  GLN n 
1 61  VAL n 
1 62  ILE n 
1 63  LYS n 
1 64  GLY n 
1 65  TRP n 
1 66  ASP n 
1 67  VAL n 
1 68  GLY n 
1 69  ILE n 
1 70  PRO n 
1 71  LYS n 
1 72  LEU n 
1 73  SER n 
1 74  VAL n 
1 75  GLY n 
1 76  GLU n 
1 77  LYS n 
1 78  ALA n 
1 79  ARG n 
1 80  LEU n 
1 81  THR n 
1 82  ILE n 
1 83  PRO n 
1 84  GLY n 
1 85  PRO n 
1 86  TYR n 
1 87  ALA n 
1 88  TYR n 
1 89  GLY n 
1 90  PRO n 
1 91  ARG n 
1 92  GLY n 
1 93  PHE n 
1 94  PRO n 
1 95  GLY n 
1 96  LEU n 
1 97  ILE n 
1 98  PRO n 
1 99  PRO n 
1 100 ASN n 
1 101 SER n 
1 102 THR n 
1 103 LEU n 
1 104 VAL n 
1 105 PHE n 
1 106 ASP n 
1 107 VAL n 
1 108 GLU n 
1 109 LEU n 
1 110 LEU n 
1 111 LYS n 
1 112 VAL n 
1 113 ASN n 
# 
_entity_src_gen.entity_id                          1 
_entity_src_gen.pdbx_src_id                        1 
_entity_src_gen.pdbx_alt_source_flag               sample 
_entity_src_gen.pdbx_seq_type                      ? 
_entity_src_gen.pdbx_beg_seq_num                   ? 
_entity_src_gen.pdbx_end_seq_num                   ? 
_entity_src_gen.gene_src_common_name               
;baker's yeast
;
_entity_src_gen.gene_src_genus                     Saccharomyces 
_entity_src_gen.pdbx_gene_src_gene                 ? 
_entity_src_gen.gene_src_species                   ? 
_entity_src_gen.gene_src_strain                    ? 
_entity_src_gen.gene_src_tissue                    ? 
_entity_src_gen.gene_src_tissue_fraction           ? 
_entity_src_gen.gene_src_details                   ? 
_entity_src_gen.pdbx_gene_src_fragment             ? 
_entity_src_gen.pdbx_gene_src_scientific_name      'Saccharomyces cerevisiae' 
_entity_src_gen.pdbx_gene_src_ncbi_taxonomy_id     4932 
_entity_src_gen.pdbx_gene_src_variant              ? 
_entity_src_gen.pdbx_gene_src_cell_line            ? 
_entity_src_gen.pdbx_gene_src_atcc                 ? 
_entity_src_gen.pdbx_gene_src_organ                ? 
_entity_src_gen.pdbx_gene_src_organelle            ? 
_entity_src_gen.pdbx_gene_src_cell                 ? 
_entity_src_gen.pdbx_gene_src_cellular_location    ? 
_entity_src_gen.host_org_common_name               ? 
_entity_src_gen.pdbx_host_org_scientific_name      ? 
_entity_src_gen.pdbx_host_org_ncbi_taxonomy_id     ? 
_entity_src_gen.host_org_genus                     ? 
_entity_src_gen.pdbx_host_org_gene                 ? 
_entity_src_gen.pdbx_host_org_organ                ? 
_entity_src_gen.host_org_species                   ? 
_entity_src_gen.pdbx_host_org_tissue               ? 
_entity_src_gen.pdbx_host_org_tissue_fraction      ? 
_entity_src_gen.pdbx_host_org_strain               ? 
_entity_src_gen.pdbx_host_org_variant              ? 
_entity_src_gen.pdbx_host_org_cell_line            ? 
_entity_src_gen.pdbx_host_org_atcc                 ? 
_entity_src_gen.pdbx_host_org_culture_collection   ? 
_entity_src_gen.pdbx_host_org_cell                 ? 
_entity_src_gen.pdbx_host_org_organelle            ? 
_entity_src_gen.pdbx_host_org_cellular_location    ? 
_entity_src_gen.pdbx_host_org_vector_type          ? 
_entity_src_gen.pdbx_host_org_vector               ? 
_entity_src_gen.host_org_details                   ? 
_entity_src_gen.expression_system_id               ? 
_entity_src_gen.plasmid_name                       ? 
_entity_src_gen.plasmid_details                    ? 
_entity_src_gen.pdbx_description                   ? 
# 
loop_
_chem_comp.id 
_chem_comp.type 
_chem_comp.mon_nstd_flag 
_chem_comp.name 
_chem_comp.pdbx_synonyms 
_chem_comp.formula 
_chem_comp.formula_weight 
ALA 'L-peptide linking' y ALANINE                              ?    'C3 H7 N O2'     89.093  
ARG 'L-peptide linking' y ARGININE                             ?    'C6 H15 N4 O2 1' 175.209 
ASN 'L-peptide linking' y ASPARAGINE                           ?    'C4 H8 N2 O3'    132.118 
ASP 'L-peptide linking' y 'ASPARTIC ACID'                      ?    'C4 H7 N O4'     133.103 
CYS 'L-peptide linking' y CYSTEINE                             ?    'C3 H7 N O2 S'   121.158 
FK5 non-polymer         . '8-DEETHYL-8-[BUT-3-ENYL]-ASCOMYCIN' K506 'C44 H69 N O12'  804.018 
GLN 'L-peptide linking' y GLUTAMINE                            ?    'C5 H10 N2 O3'   146.144 
GLU 'L-peptide linking' y 'GLUTAMIC ACID'                      ?    'C5 H9 N O4'     147.129 
GLY 'peptide linking'   y GLYCINE                              ?    'C2 H5 N O2'     75.067  
HIS 'L-peptide linking' y HISTIDINE                            ?    'C6 H10 N3 O2 1' 156.162 
HOH non-polymer         . WATER                                ?    'H2 O'           18.015  
ILE 'L-peptide linking' y ISOLEUCINE                           ?    'C6 H13 N O2'    131.173 
LEU 'L-peptide linking' y LEUCINE                              ?    'C6 H13 N O2'    131.173 
LYS 'L-peptide linking' y LYSINE                               ?    'C6 H15 N2 O2 1' 147.195 
PHE 'L-peptide linking' y PHENYLALANINE                        ?    'C9 H11 N O2'    165.189 
PRO 'L-peptide linking' y PROLINE                              ?    'C5 H9 N O2'     115.130 
SER 'L-peptide linking' y SERINE                               ?    'C3 H7 N O3'     105.093 
THR 'L-peptide linking' y THREONINE                            ?    'C4 H9 N O3'     119.119 
TRP 'L-peptide linking' y TRYPTOPHAN                           ?    'C11 H12 N2 O2'  204.225 
TYR 'L-peptide linking' y TYROSINE                             ?    'C9 H11 N O3'    181.189 
VAL 'L-peptide linking' y VALINE                               ?    'C5 H11 N O2'    117.146 
# 
loop_
_pdbx_poly_seq_scheme.asym_id 
_pdbx_poly_seq_scheme.entity_id 
_pdbx_poly_seq_scheme.seq_id 
_pdbx_poly_seq_scheme.mon_id 
_pdbx_poly_seq_scheme.ndb_seq_num 
_pdbx_poly_seq_scheme.pdb_seq_num 
_pdbx_poly_seq_scheme.auth_seq_num 
_pdbx_poly_seq_scheme.pdb_mon_id 
_pdbx_poly_seq_scheme.auth_mon_id 
_pdbx_poly_seq_scheme.pdb_strand_id 
_pdbx_poly_seq_scheme.pdb_ins_code 
_pdbx_poly_seq_scheme.hetero 
A 1 1   SER 1   -5  -5  SER SER A . n 
A 1 2   GLU 2   -4  -4  GLU GLU A . n 
A 1 3   VAL 3   -3  -3  VAL VAL A . n 
A 1 4   ILE 4   -2  -2  ILE ILE A . n 
A 1 5   GLU 5   -1  -1  GLU GLU A . n 
A 1 6   GLY 6   0   0   GLY GLY A . n 
A 1 7   ASN 7   1   1   ASN ASN A . n 
A 1 8   VAL 8   2   2   VAL VAL A . n 
A 1 9   LYS 9   3   3   LYS LYS A . n 
A 1 10  ILE 10  4   4   ILE ILE A . n 
A 1 11  ASP 11  5   5   ASP ASP A . n 
A 1 12  ARG 12  6   6   ARG ARG A . n 
A 1 13  ILE 13  7   7   ILE ILE A . n 
A 1 14  SER 14  8   8   SER SER A . n 
A 1 15  PRO 15  9   9   PRO PRO A . n 
A 1 16  GLY 16  10  10  GLY GLY A . n 
A 1 17  ASP 17  11  11  ASP ASP A . n 
A 1 18  GLY 18  12  12  GLY GLY A . n 
A 1 19  ALA 19  13  13  ALA ALA A . n 
A 1 20  THR 20  14  14  THR THR A . n 
A 1 21  PHE 21  15  15  PHE PHE A . n 
A 1 22  PRO 22  16  16  PRO PRO A . n 
A 1 23  LYS 23  17  17  LYS LYS A . n 
A 1 24  THR 24  18  18  THR THR A . n 
A 1 25  GLY 25  19  19  GLY GLY A . n 
A 1 26  ASP 26  20  20  ASP ASP A . n 
A 1 27  LEU 27  21  21  LEU LEU A . n 
A 1 28  VAL 28  22  22  VAL VAL A . n 
A 1 29  THR 29  23  23  THR THR A . n 
A 1 30  ILE 30  24  24  ILE ILE A . n 
A 1 31  HIS 31  25  25  HIS HIS A . n 
A 1 32  TYR 32  26  26  TYR TYR A . n 
A 1 33  THR 33  27  27  THR THR A . n 
A 1 34  GLY 34  28  28  GLY GLY A . n 
A 1 35  THR 35  29  29  THR THR A . n 
A 1 36  LEU 36  30  30  LEU LEU A . n 
A 1 37  GLU 37  31  31  GLU GLU A . n 
A 1 38  ASN 38  32  32  ASN ASN A . n 
A 1 39  GLY 39  33  33  GLY GLY A . n 
A 1 40  GLN 40  34  34  GLN GLN A . n 
A 1 41  LYS 41  35  35  LYS LYS A . n 
A 1 42  PHE 42  36  36  PHE PHE A . n 
A 1 43  ASP 43  37  37  ASP ASP A . n 
A 1 44  SER 44  38  38  SER SER A . n 
A 1 45  SER 45  39  39  SER SER A . n 
A 1 46  VAL 46  40  40  VAL VAL A . n 
A 1 47  ASP 47  41  41  ASP ASP A . n 
A 1 48  ARG 48  42  42  ARG ARG A . n 
A 1 49  GLY 49  43  43  GLY GLY A . n 
A 1 50  SER 50  44  44  SER SER A . n 
A 1 51  PRO 51  45  45  PRO PRO A . n 
A 1 52  PHE 52  46  46  PHE PHE A . n 
A 1 53  GLN 53  47  47  GLN GLN A . n 
A 1 54  CYS 54  48  48  CYS CYS A . n 
A 1 55  ASN 55  49  49  ASN ASN A . n 
A 1 56  ILE 56  50  50  ILE ILE A . n 
A 1 57  GLY 57  51  51  GLY GLY A . n 
A 1 58  VAL 58  52  52  VAL VAL A . n 
A 1 59  GLY 59  53  53  GLY GLY A . n 
A 1 60  GLN 60  54  54  GLN GLN A . n 
A 1 61  VAL 61  55  55  VAL VAL A . n 
A 1 62  ILE 62  56  56  ILE ILE A . n 
A 1 63  LYS 63  57  57  LYS LYS A . n 
A 1 64  GLY 64  58  58  GLY GLY A . n 
A 1 65  TRP 65  59  59  TRP TRP A . n 
A 1 66  ASP 66  60  60  ASP ASP A . n 
A 1 67  VAL 67  61  61  VAL VAL A . n 
A 1 68  GLY 68  62  62  GLY GLY A . n 
A 1 69  ILE 69  63  63  ILE ILE A . n 
A 1 70  PRO 70  64  64  PRO PRO A . n 
A 1 71  LYS 71  65  65  LYS LYS A . n 
A 1 72  LEU 72  66  66  LEU LEU A . n 
A 1 73  SER 73  67  67  SER SER A . n 
A 1 74  VAL 74  68  68  VAL VAL A . n 
A 1 75  GLY 75  69  69  GLY GLY A . n 
A 1 76  GLU 76  70  70  GLU GLU A . n 
A 1 77  LYS 77  71  71  LYS LYS A . n 
A 1 78  ALA 78  72  72  ALA ALA A . n 
A 1 79  ARG 79  73  73  ARG ARG A . n 
A 1 80  LEU 80  74  74  LEU LEU A . n 
A 1 81  THR 81  75  75  THR THR A . n 
A 1 82  ILE 82  76  76  ILE ILE A . n 
A 1 83  PRO 83  77  77  PRO PRO A . n 
A 1 84  GLY 84  78  78  GLY GLY A . n 
A 1 85  PRO 85  79  79  PRO PRO A . n 
A 1 86  TYR 86  80  80  TYR TYR A . n 
A 1 87  ALA 87  81  81  ALA ALA A . n 
A 1 88  TYR 88  82  82  TYR TYR A . n 
A 1 89  GLY 89  83  83  GLY GLY A . n 
A 1 90  PRO 90  84  84  PRO PRO A . n 
A 1 91  ARG 91  85  85  ARG ARG A . n 
A 1 92  GLY 92  86  86  GLY GLY A . n 
A 1 93  PHE 93  87  87  PHE PHE A . n 
A 1 94  PRO 94  88  88  PRO PRO A . n 
A 1 95  GLY 95  89  89  GLY GLY A . n 
A 1 96  LEU 96  90  90  LEU LEU A . n 
A 1 97  ILE 97  91  91  ILE ILE A . n 
A 1 98  PRO 98  92  92  PRO PRO A . n 
A 1 99  PRO 99  93  93  PRO PRO A . n 
A 1 100 ASN 100 94  94  ASN ASN A . n 
A 1 101 SER 101 95  95  SER SER A . n 
A 1 102 THR 102 96  96  THR THR A . n 
A 1 103 LEU 103 97  97  LEU LEU A . n 
A 1 104 VAL 104 98  98  VAL VAL A . n 
A 1 105 PHE 105 99  99  PHE PHE A . n 
A 1 106 ASP 106 100 100 ASP ASP A . n 
A 1 107 VAL 107 101 101 VAL VAL A . n 
A 1 108 GLU 108 102 102 GLU GLU A . n 
A 1 109 LEU 109 103 103 LEU LEU A . n 
A 1 110 LEU 110 104 104 LEU LEU A . n 
A 1 111 LYS 111 105 105 LYS LYS A . n 
A 1 112 VAL 112 106 106 VAL VAL A . n 
A 1 113 ASN 113 107 107 ASN ASN A . n 
# 
loop_
_pdbx_nonpoly_scheme.asym_id 
_pdbx_nonpoly_scheme.entity_id 
_pdbx_nonpoly_scheme.mon_id 
_pdbx_nonpoly_scheme.ndb_seq_num 
_pdbx_nonpoly_scheme.pdb_seq_num 
_pdbx_nonpoly_scheme.auth_seq_num 
_pdbx_nonpoly_scheme.pdb_mon_id 
_pdbx_nonpoly_scheme.auth_mon_id 
_pdbx_nonpoly_scheme.pdb_strand_id 
_pdbx_nonpoly_scheme.pdb_ins_code 
B 2 FK5 1  108 108 FK5 FK5 A . 
C 3 HOH 1  201 201 HOH HOH A . 
C 3 HOH 2  202 202 HOH HOH A . 
C 3 HOH 3  203 203 HOH HOH A . 
C 3 HOH 4  204 204 HOH HOH A . 
C 3 HOH 5  205 205 HOH HOH A . 
C 3 HOH 6  206 206 HOH HOH A . 
C 3 HOH 7  207 207 HOH HOH A . 
C 3 HOH 8  208 208 HOH HOH A . 
C 3 HOH 9  209 209 HOH HOH A . 
C 3 HOH 10 210 210 HOH HOH A . 
C 3 HOH 11 211 211 HOH HOH A . 
C 3 HOH 12 212 212 HOH HOH A . 
C 3 HOH 13 213 213 HOH HOH A . 
C 3 HOH 14 214 214 HOH HOH A . 
C 3 HOH 15 215 215 HOH HOH A . 
C 3 HOH 16 216 216 HOH HOH A . 
C 3 HOH 17 217 217 HOH HOH A . 
C 3 HOH 18 218 218 HOH HOH A . 
C 3 HOH 19 219 219 HOH HOH A . 
C 3 HOH 20 220 220 HOH HOH A . 
C 3 HOH 21 221 221 HOH HOH A . 
C 3 HOH 22 222 222 HOH HOH A . 
C 3 HOH 23 223 223 HOH HOH A . 
C 3 HOH 24 224 224 HOH HOH A . 
C 3 HOH 25 225 225 HOH HOH A . 
C 3 HOH 26 226 226 HOH HOH A . 
C 3 HOH 27 227 227 HOH HOH A . 
C 3 HOH 28 228 228 HOH HOH A . 
C 3 HOH 29 229 229 HOH HOH A . 
C 3 HOH 30 230 230 HOH HOH A . 
C 3 HOH 31 231 231 HOH HOH A . 
C 3 HOH 32 232 232 HOH HOH A . 
C 3 HOH 33 233 233 HOH HOH A . 
C 3 HOH 34 234 234 HOH HOH A . 
C 3 HOH 35 235 235 HOH HOH A . 
C 3 HOH 36 236 236 HOH HOH A . 
C 3 HOH 37 237 237 HOH HOH A . 
C 3 HOH 38 238 238 HOH HOH A . 
C 3 HOH 39 239 239 HOH HOH A . 
C 3 HOH 40 240 240 HOH HOH A . 
C 3 HOH 41 241 241 HOH HOH A . 
# 
loop_
_software.name 
_software.classification 
_software.version 
_software.citation_id 
_software.pdbx_ordinal 
CORELS refinement . ? 1 
PROLSQ refinement . ? 2 
# 
_cell.entry_id           1YAT 
_cell.length_a           79.681 
_cell.length_b           79.681 
_cell.length_c           54.063 
_cell.angle_alpha        90.00 
_cell.angle_beta         90.00 
_cell.angle_gamma        120.00 
_cell.Z_PDB              6 
_cell.pdbx_unique_axis   ? 
# 
_symmetry.entry_id                         1YAT 
_symmetry.space_group_name_H-M             'P 63' 
_symmetry.pdbx_full_space_group_name_H-M   ? 
_symmetry.cell_setting                     ? 
_symmetry.Int_Tables_number                173 
# 
_exptl.entry_id          1YAT 
_exptl.method            'X-RAY DIFFRACTION' 
_exptl.crystals_number   ? 
# 
_exptl_crystal.id                    1 
_exptl_crystal.density_meas          ? 
_exptl_crystal.density_Matthews      4.11 
_exptl_crystal.density_percent_sol   70.09 
_exptl_crystal.description           ? 
# 
_refine.entry_id                                 1YAT 
_refine.ls_number_reflns_obs                     6822 
_refine.ls_number_reflns_all                     ? 
_refine.pdbx_ls_sigma_I                          ? 
_refine.pdbx_ls_sigma_F                          0.0 
_refine.pdbx_data_cutoff_high_absF               ? 
_refine.pdbx_data_cutoff_low_absF                ? 
_refine.pdbx_data_cutoff_high_rms_absF           ? 
_refine.ls_d_res_low                             8.0 
_refine.ls_d_res_high                            2.5 
_refine.ls_percent_reflns_obs                    ? 
_refine.ls_R_factor_obs                          0.1770000 
_refine.ls_R_factor_all                          ? 
_refine.ls_R_factor_R_work                       ? 
_refine.ls_R_factor_R_free                       ? 
_refine.ls_R_factor_R_free_error                 ? 
_refine.ls_R_factor_R_free_error_details         ? 
_refine.ls_percent_reflns_R_free                 ? 
_refine.ls_number_reflns_R_free                  ? 
_refine.ls_number_parameters                     ? 
_refine.ls_number_restraints                     ? 
_refine.occupancy_min                            ? 
_refine.occupancy_max                            ? 
_refine.B_iso_mean                               ? 
_refine.aniso_B[1][1]                            ? 
_refine.aniso_B[2][2]                            ? 
_refine.aniso_B[3][3]                            ? 
_refine.aniso_B[1][2]                            ? 
_refine.aniso_B[1][3]                            ? 
_refine.aniso_B[2][3]                            ? 
_refine.solvent_model_details                    ? 
_refine.solvent_model_param_ksol                 ? 
_refine.solvent_model_param_bsol                 ? 
_refine.pdbx_ls_cross_valid_method               ? 
_refine.details                                  ? 
_refine.pdbx_starting_model                      ? 
_refine.pdbx_method_to_determine_struct          ? 
_refine.pdbx_isotropic_thermal_model             ? 
_refine.pdbx_stereochemistry_target_values       ? 
_refine.pdbx_stereochem_target_val_spec_case     ? 
_refine.pdbx_R_Free_selection_details            ? 
_refine.pdbx_overall_ESU_R                       ? 
_refine.pdbx_overall_ESU_R_Free                  ? 
_refine.overall_SU_ML                            ? 
_refine.overall_SU_B                             ? 
_refine.pdbx_refine_id                           'X-RAY DIFFRACTION' 
_refine.pdbx_diffrn_id                           1 
_refine.pdbx_TLS_residual_ADP_flag               ? 
_refine.correlation_coeff_Fo_to_Fc               ? 
_refine.correlation_coeff_Fo_to_Fc_free          ? 
_refine.pdbx_solvent_vdw_probe_radii             ? 
_refine.pdbx_solvent_ion_probe_radii             ? 
_refine.pdbx_solvent_shrinkage_radii             ? 
_refine.pdbx_overall_phase_error                 ? 
_refine.overall_SU_R_Cruickshank_DPI             ? 
_refine.pdbx_overall_SU_R_free_Cruickshank_DPI   ? 
_refine.pdbx_overall_SU_R_Blow_DPI               ? 
_refine.pdbx_overall_SU_R_free_Blow_DPI          ? 
# 
_refine_hist.pdbx_refine_id                   'X-RAY DIFFRACTION' 
_refine_hist.cycle_id                         LAST 
_refine_hist.pdbx_number_atoms_protein        849 
_refine_hist.pdbx_number_atoms_nucleic_acid   0 
_refine_hist.pdbx_number_atoms_ligand         57 
_refine_hist.number_atoms_solvent             41 
_refine_hist.number_atoms_total               947 
_refine_hist.d_res_high                       2.5 
_refine_hist.d_res_low                        8.0 
# 
_struct.entry_id                  1YAT 
_struct.title                     
'IMPROVED CALCINEURIN INHIBITION BY YEAST FKBP12-DRUG COMPLEXES. CRYSTALLOGRAPHIC AND FUNCTIONAL ANALYSIS' 
_struct.pdbx_model_details        ? 
_struct.pdbx_CASP_flag            ? 
_struct.pdbx_model_type_details   ? 
# 
_struct_keywords.entry_id        1YAT 
_struct_keywords.pdbx_keywords   'BINDING PROTEIN' 
_struct_keywords.text            'BINDING PROTEIN' 
# 
loop_
_struct_asym.id 
_struct_asym.pdbx_blank_PDB_chainid_flag 
_struct_asym.pdbx_modified 
_struct_asym.entity_id 
_struct_asym.details 
A N N 1 ? 
B N N 2 ? 
C N N 3 ? 
# 
_struct_ref.id                         1 
_struct_ref.db_name                    UNP 
_struct_ref.db_code                    FKBP_YEAST 
_struct_ref.entity_id                  1 
_struct_ref.pdbx_db_accession          P20081 
_struct_ref.pdbx_align_begin           1 
_struct_ref.pdbx_seq_one_letter_code   
;MSEVIEGNVKIDRISPGDGATFPKTGDLVTIHYTGTLENGQKFDSSVDRGSPFQCNIGVGQVIKGWDVGIPKLSVGEKAR
LTIPGPYAYGPRGFPGLIPPNSTLVFDVELLKVN
;
_struct_ref.pdbx_db_isoform            ? 
# 
_struct_ref_seq.align_id                      1 
_struct_ref_seq.ref_id                        1 
_struct_ref_seq.pdbx_PDB_id_code              1YAT 
_struct_ref_seq.pdbx_strand_id                A 
_struct_ref_seq.seq_align_beg                 1 
_struct_ref_seq.pdbx_seq_align_beg_ins_code   ? 
_struct_ref_seq.seq_align_end                 113 
_struct_ref_seq.pdbx_seq_align_end_ins_code   ? 
_struct_ref_seq.pdbx_db_accession             P20081 
_struct_ref_seq.db_align_beg                  2 
_struct_ref_seq.pdbx_db_align_beg_ins_code    ? 
_struct_ref_seq.db_align_end                  114 
_struct_ref_seq.pdbx_db_align_end_ins_code    ? 
_struct_ref_seq.pdbx_auth_seq_align_beg       -5 
_struct_ref_seq.pdbx_auth_seq_align_end       107 
# 
_pdbx_struct_assembly.id                   1 
_pdbx_struct_assembly.details              author_defined_assembly 
_pdbx_struct_assembly.method_details       ? 
_pdbx_struct_assembly.oligomeric_details   monomeric 
_pdbx_struct_assembly.oligomeric_count     1 
# 
_pdbx_struct_assembly_gen.assembly_id       1 
_pdbx_struct_assembly_gen.oper_expression   1 
_pdbx_struct_assembly_gen.asym_id_list      A,B,C 
# 
_pdbx_struct_oper_list.id                   1 
_pdbx_struct_oper_list.type                 'identity operation' 
_pdbx_struct_oper_list.name                 1_555 
_pdbx_struct_oper_list.symmetry_operation   x,y,z 
_pdbx_struct_oper_list.matrix[1][1]         1.0000000000 
_pdbx_struct_oper_list.matrix[1][2]         0.0000000000 
_pdbx_struct_oper_list.matrix[1][3]         0.0000000000 
_pdbx_struct_oper_list.vector[1]            0.0000000000 
_pdbx_struct_oper_list.matrix[2][1]         0.0000000000 
_pdbx_struct_oper_list.matrix[2][2]         1.0000000000 
_pdbx_struct_oper_list.matrix[2][3]         0.0000000000 
_pdbx_struct_oper_list.vector[2]            0.0000000000 
_pdbx_struct_oper_list.matrix[3][1]         0.0000000000 
_pdbx_struct_oper_list.matrix[3][2]         0.0000000000 
_pdbx_struct_oper_list.matrix[3][3]         1.0000000000 
_pdbx_struct_oper_list.vector[3]            0.0000000000 
# 
_struct_biol.id   1 
# 
_struct_conf.conf_type_id            HELX_P 
_struct_conf.id                      HELX_P1 
_struct_conf.pdbx_PDB_helix_id       A 
_struct_conf.beg_label_comp_id       LYS 
_struct_conf.beg_label_asym_id       A 
_struct_conf.beg_label_seq_id        63 
_struct_conf.pdbx_beg_PDB_ins_code   ? 
_struct_conf.end_label_comp_id       GLY 
_struct_conf.end_label_asym_id       A 
_struct_conf.end_label_seq_id        68 
_struct_conf.pdbx_end_PDB_ins_code   ? 
_struct_conf.beg_auth_comp_id        LYS 
_struct_conf.beg_auth_asym_id        A 
_struct_conf.beg_auth_seq_id         57 
_struct_conf.end_auth_comp_id        GLY 
_struct_conf.end_auth_asym_id        A 
_struct_conf.end_auth_seq_id         62 
_struct_conf.pdbx_PDB_helix_class    1 
_struct_conf.details                 ? 
_struct_conf.pdbx_PDB_helix_length   6 
# 
_struct_conf_type.id          HELX_P 
_struct_conf_type.criteria    ? 
_struct_conf_type.reference   ? 
# 
loop_
_struct_sheet.id 
_struct_sheet.type 
_struct_sheet.number_strands 
_struct_sheet.details 
A1 ? 6 ? 
A2 ? 6 ? 
# 
loop_
_struct_sheet_order.sheet_id 
_struct_sheet_order.range_id_1 
_struct_sheet_order.range_id_2 
_struct_sheet_order.offset 
_struct_sheet_order.sense 
A1 1 2 ? anti-parallel 
A1 2 3 ? anti-parallel 
A1 3 4 ? anti-parallel 
A1 4 5 ? anti-parallel 
A1 5 6 ? anti-parallel 
A2 1 2 ? anti-parallel 
A2 2 3 ? anti-parallel 
A2 3 4 ? anti-parallel 
A2 4 5 ? anti-parallel 
A2 5 6 ? anti-parallel 
# 
loop_
_struct_sheet_range.sheet_id 
_struct_sheet_range.id 
_struct_sheet_range.beg_label_comp_id 
_struct_sheet_range.beg_label_asym_id 
_struct_sheet_range.beg_label_seq_id 
_struct_sheet_range.pdbx_beg_PDB_ins_code 
_struct_sheet_range.end_label_comp_id 
_struct_sheet_range.end_label_asym_id 
_struct_sheet_range.end_label_seq_id 
_struct_sheet_range.pdbx_end_PDB_ins_code 
_struct_sheet_range.beg_auth_comp_id 
_struct_sheet_range.beg_auth_asym_id 
_struct_sheet_range.beg_auth_seq_id 
_struct_sheet_range.end_auth_comp_id 
_struct_sheet_range.end_auth_asym_id 
_struct_sheet_range.end_auth_seq_id 
A1 1 GLU A 2   ? VAL A 3   ? GLU A -4 VAL A -3  
A1 2 LYS A 9   ? SER A 14  ? LYS A 3  SER A 8   
A1 3 GLY A 75  ? PRO A 83  ? GLY A 69 PRO A 77  
A1 4 THR A 102 ? VAL A 112 ? THR A 96 VAL A 106 
A1 5 GLY A 25  ? LEU A 36  ? GLY A 19 LEU A 30  
A1 6 LYS A 41  ? SER A 44  ? LYS A 35 SER A 38  
A2 1 GLU A 2   ? VAL A 3   ? GLU A -4 VAL A -3  
A2 2 LYS A 9   ? SER A 14  ? LYS A 3  SER A 8   
A2 3 GLY A 75  ? PRO A 83  ? GLY A 69 PRO A 77  
A2 4 THR A 102 ? VAL A 112 ? THR A 96 VAL A 106 
A2 5 GLY A 25  ? LEU A 36  ? GLY A 19 LEU A 30  
A2 6 PHE A 52  ? ILE A 56  ? PHE A 46 ILE A 50  
# 
loop_
_pdbx_struct_sheet_hbond.sheet_id 
_pdbx_struct_sheet_hbond.range_id_1 
_pdbx_struct_sheet_hbond.range_id_2 
_pdbx_struct_sheet_hbond.range_1_label_atom_id 
_pdbx_struct_sheet_hbond.range_1_label_comp_id 
_pdbx_struct_sheet_hbond.range_1_label_asym_id 
_pdbx_struct_sheet_hbond.range_1_label_seq_id 
_pdbx_struct_sheet_hbond.range_1_PDB_ins_code 
_pdbx_struct_sheet_hbond.range_1_auth_atom_id 
_pdbx_struct_sheet_hbond.range_1_auth_comp_id 
_pdbx_struct_sheet_hbond.range_1_auth_asym_id 
_pdbx_struct_sheet_hbond.range_1_auth_seq_id 
_pdbx_struct_sheet_hbond.range_2_label_atom_id 
_pdbx_struct_sheet_hbond.range_2_label_comp_id 
_pdbx_struct_sheet_hbond.range_2_label_asym_id 
_pdbx_struct_sheet_hbond.range_2_label_seq_id 
_pdbx_struct_sheet_hbond.range_2_PDB_ins_code 
_pdbx_struct_sheet_hbond.range_2_auth_atom_id 
_pdbx_struct_sheet_hbond.range_2_auth_comp_id 
_pdbx_struct_sheet_hbond.range_2_auth_asym_id 
_pdbx_struct_sheet_hbond.range_2_auth_seq_id 
A1 1 2 O GLU A 2   ? O GLU A -4  N ILE A 10  ? N ILE A 4  
A1 2 3 O SER A 14  ? O SER A 8   N LYS A 77  ? N LYS A 71 
A1 3 4 O ILE A 82  ? O ILE A 76  N LEU A 103 ? N LEU A 97 
A1 4 5 O LYS A 111 ? O LYS A 105 N THR A 29  ? N THR A 23 
A1 5 6 O GLY A 34  ? O GLY A 28  N PHE A 42  ? N PHE A 36 
A2 1 2 O GLU A 2   ? O GLU A -4  N ILE A 10  ? N ILE A 4  
A2 2 3 O SER A 14  ? O SER A 8   N LYS A 77  ? N LYS A 71 
A2 3 4 O ILE A 82  ? O ILE A 76  N LEU A 103 ? N LEU A 97 
A2 4 5 O LYS A 111 ? O LYS A 105 N THR A 29  ? N THR A 23 
A2 5 6 O ILE A 30  ? O ILE A 24  N PHE A 52  ? N PHE A 46 
# 
loop_
_struct_site.id 
_struct_site.pdbx_evidence_code 
_struct_site.pdbx_auth_asym_id 
_struct_site.pdbx_auth_comp_id 
_struct_site.pdbx_auth_seq_id 
_struct_site.pdbx_auth_ins_code 
_struct_site.pdbx_num_residues 
_struct_site.details 
506 Unknown  ? ?   ?   ? 12 ?                                    
AC1 Software A FK5 108 ? 13 'BINDING SITE FOR RESIDUE FK5 A 108' 
# 
loop_
_struct_site_gen.id 
_struct_site_gen.site_id 
_struct_site_gen.pdbx_num_res 
_struct_site_gen.label_comp_id 
_struct_site_gen.label_asym_id 
_struct_site_gen.label_seq_id 
_struct_site_gen.pdbx_auth_ins_code 
_struct_site_gen.auth_comp_id 
_struct_site_gen.auth_asym_id 
_struct_site_gen.auth_seq_id 
_struct_site_gen.label_atom_id 
_struct_site_gen.label_alt_id 
_struct_site_gen.symmetry 
_struct_site_gen.details 
1  506 12 TYR A 32  ? TYR A 26 . ? 1_555 ? 
2  506 12 PHE A 42  ? PHE A 36 . ? 1_555 ? 
3  506 12 ASP A 43  ? ASP A 37 . ? 1_555 ? 
4  506 12 PHE A 52  ? PHE A 46 . ? 1_555 ? 
5  506 12 GLN A 60  ? GLN A 54 . ? 1_555 ? 
6  506 12 VAL A 61  ? VAL A 55 . ? 1_555 ? 
7  506 12 ILE A 62  ? ILE A 56 . ? 1_555 ? 
8  506 12 TRP A 65  ? TRP A 59 . ? 1_555 ? 
9  506 12 PHE A 93  ? PHE A 87 . ? 1_555 ? 
10 506 12 ILE A 97  ? ILE A 91 . ? 1_555 ? 
11 506 12 TYR A 88  ? TYR A 82 . ? 1_555 ? 
12 506 12 PHE A 105 ? PHE A 99 . ? 1_555 ? 
13 AC1 13 TYR A 32  ? TYR A 26 . ? 1_555 ? 
14 AC1 13 PHE A 42  ? PHE A 36 . ? 1_555 ? 
15 AC1 13 ASP A 43  ? ASP A 37 . ? 1_555 ? 
16 AC1 13 ARG A 48  ? ARG A 42 . ? 1_555 ? 
17 AC1 13 PHE A 52  ? PHE A 46 . ? 1_555 ? 
18 AC1 13 GLN A 60  ? GLN A 54 . ? 1_555 ? 
19 AC1 13 VAL A 61  ? VAL A 55 . ? 1_555 ? 
20 AC1 13 ILE A 62  ? ILE A 56 . ? 1_555 ? 
21 AC1 13 TRP A 65  ? TRP A 59 . ? 1_555 ? 
22 AC1 13 ALA A 87  ? ALA A 81 . ? 1_555 ? 
23 AC1 13 TYR A 88  ? TYR A 82 . ? 1_555 ? 
24 AC1 13 PRO A 94  ? PRO A 88 . ? 2_655 ? 
25 AC1 13 ILE A 97  ? ILE A 91 . ? 1_555 ? 
# 
loop_
_pdbx_validate_rmsd_angle.id 
_pdbx_validate_rmsd_angle.PDB_model_num 
_pdbx_validate_rmsd_angle.auth_atom_id_1 
_pdbx_validate_rmsd_angle.auth_asym_id_1 
_pdbx_validate_rmsd_angle.auth_comp_id_1 
_pdbx_validate_rmsd_angle.auth_seq_id_1 
_pdbx_validate_rmsd_angle.PDB_ins_code_1 
_pdbx_validate_rmsd_angle.label_alt_id_1 
_pdbx_validate_rmsd_angle.auth_atom_id_2 
_pdbx_validate_rmsd_angle.auth_asym_id_2 
_pdbx_validate_rmsd_angle.auth_comp_id_2 
_pdbx_validate_rmsd_angle.auth_seq_id_2 
_pdbx_validate_rmsd_angle.PDB_ins_code_2 
_pdbx_validate_rmsd_angle.label_alt_id_2 
_pdbx_validate_rmsd_angle.auth_atom_id_3 
_pdbx_validate_rmsd_angle.auth_asym_id_3 
_pdbx_validate_rmsd_angle.auth_comp_id_3 
_pdbx_validate_rmsd_angle.auth_seq_id_3 
_pdbx_validate_rmsd_angle.PDB_ins_code_3 
_pdbx_validate_rmsd_angle.label_alt_id_3 
_pdbx_validate_rmsd_angle.angle_value 
_pdbx_validate_rmsd_angle.angle_target_value 
_pdbx_validate_rmsd_angle.angle_deviation 
_pdbx_validate_rmsd_angle.angle_standard_deviation 
_pdbx_validate_rmsd_angle.linker_flag 
1 1 CB A ASP 5   ? ? CG A ASP 5   ? ? OD1 A ASP 5   ? ? 124.45 118.30 6.15   0.90 N 
2 1 NE A ARG 42  ? ? CZ A ARG 42  ? ? NH1 A ARG 42  ? ? 125.15 120.30 4.85   0.50 N 
3 1 NE A ARG 42  ? ? CZ A ARG 42  ? ? NH2 A ARG 42  ? ? 116.39 120.30 -3.91  0.50 N 
4 1 NE A ARG 73  ? ? CZ A ARG 73  ? ? NH2 A ARG 73  ? ? 115.70 120.30 -4.60  0.50 N 
5 1 CD A ARG 85  ? ? NE A ARG 85  ? ? CZ  A ARG 85  ? ? 114.50 123.60 -9.10  1.40 N 
6 1 NE A ARG 85  ? ? CZ A ARG 85  ? ? NH1 A ARG 85  ? ? 113.97 120.30 -6.33  0.50 N 
7 1 NE A ARG 85  ? ? CZ A ARG 85  ? ? NH2 A ARG 85  ? ? 126.56 120.30 6.26   0.50 N 
8 1 CB A ASP 100 ? ? CG A ASP 100 ? ? OD1 A ASP 100 ? ? 123.79 118.30 5.49   0.90 N 
9 1 N  A ASN 107 ? ? CA A ASN 107 ? ? CB  A ASN 107 ? ? 96.27  110.60 -14.33 1.80 N 
# 
loop_
_pdbx_validate_torsion.id 
_pdbx_validate_torsion.PDB_model_num 
_pdbx_validate_torsion.auth_comp_id 
_pdbx_validate_torsion.auth_asym_id 
_pdbx_validate_torsion.auth_seq_id 
_pdbx_validate_torsion.PDB_ins_code 
_pdbx_validate_torsion.label_alt_id 
_pdbx_validate_torsion.phi 
_pdbx_validate_torsion.psi 
1 1 ALA A 13 ? ? -137.08 -36.87  
2 1 ALA A 81 ? ? -128.36 -118.74 
# 
_pdbx_database_remark.id     700 
_pdbx_database_remark.text   
;SHEET
THE SHEET STRUCTURE OF THIS MOLECULE IS BIFURCATED.  IN
ORDER TO REPRESENT THIS FEATURE IN THE SHEET RECORDS BELOW,
TWO SIX-STRANDED SHEETS ARE DEFINED.  STRANDS 1, 2, 3, 4,
AND 5 ARE IDENTICAL IN BOTH SHEETS WHILE STRAND 6 IS
DIFFERENT.
;
# 
loop_
_chem_comp_atom.comp_id 
_chem_comp_atom.atom_id 
_chem_comp_atom.type_symbol 
_chem_comp_atom.pdbx_aromatic_flag 
_chem_comp_atom.pdbx_stereo_config 
_chem_comp_atom.pdbx_ordinal 
ALA N    N N N 1   
ALA CA   C N S 2   
ALA C    C N N 3   
ALA O    O N N 4   
ALA CB   C N N 5   
ALA OXT  O N N 6   
ALA H    H N N 7   
ALA H2   H N N 8   
ALA HA   H N N 9   
ALA HB1  H N N 10  
ALA HB2  H N N 11  
ALA HB3  H N N 12  
ALA HXT  H N N 13  
ARG N    N N N 14  
ARG CA   C N S 15  
ARG C    C N N 16  
ARG O    O N N 17  
ARG CB   C N N 18  
ARG CG   C N N 19  
ARG CD   C N N 20  
ARG NE   N N N 21  
ARG CZ   C N N 22  
ARG NH1  N N N 23  
ARG NH2  N N N 24  
ARG OXT  O N N 25  
ARG H    H N N 26  
ARG H2   H N N 27  
ARG HA   H N N 28  
ARG HB2  H N N 29  
ARG HB3  H N N 30  
ARG HG2  H N N 31  
ARG HG3  H N N 32  
ARG HD2  H N N 33  
ARG HD3  H N N 34  
ARG HE   H N N 35  
ARG HH11 H N N 36  
ARG HH12 H N N 37  
ARG HH21 H N N 38  
ARG HH22 H N N 39  
ARG HXT  H N N 40  
ASN N    N N N 41  
ASN CA   C N S 42  
ASN C    C N N 43  
ASN O    O N N 44  
ASN CB   C N N 45  
ASN CG   C N N 46  
ASN OD1  O N N 47  
ASN ND2  N N N 48  
ASN OXT  O N N 49  
ASN H    H N N 50  
ASN H2   H N N 51  
ASN HA   H N N 52  
ASN HB2  H N N 53  
ASN HB3  H N N 54  
ASN HD21 H N N 55  
ASN HD22 H N N 56  
ASN HXT  H N N 57  
ASP N    N N N 58  
ASP CA   C N S 59  
ASP C    C N N 60  
ASP O    O N N 61  
ASP CB   C N N 62  
ASP CG   C N N 63  
ASP OD1  O N N 64  
ASP OD2  O N N 65  
ASP OXT  O N N 66  
ASP H    H N N 67  
ASP H2   H N N 68  
ASP HA   H N N 69  
ASP HB2  H N N 70  
ASP HB3  H N N 71  
ASP HD2  H N N 72  
ASP HXT  H N N 73  
CYS N    N N N 74  
CYS CA   C N R 75  
CYS C    C N N 76  
CYS O    O N N 77  
CYS CB   C N N 78  
CYS SG   S N N 79  
CYS OXT  O N N 80  
CYS H    H N N 81  
CYS H2   H N N 82  
CYS HA   H N N 83  
CYS HB2  H N N 84  
CYS HB3  H N N 85  
CYS HG   H N N 86  
CYS HXT  H N N 87  
FK5 C1   C N N 88  
FK5 C2   C N S 89  
FK5 C3   C N N 90  
FK5 C4   C N N 91  
FK5 C5   C N N 92  
FK5 C6   C N N 93  
FK5 C8   C N N 94  
FK5 C9   C N N 95  
FK5 C10  C N R 96  
FK5 C11  C N R 97  
FK5 C12  C N N 98  
FK5 C13  C N S 99  
FK5 C14  C N R 100 
FK5 C15  C N S 101 
FK5 C16  C N N 102 
FK5 C17  C N S 103 
FK5 C18  C N N 104 
FK5 C19  C N N 105 
FK5 C20  C N N 106 
FK5 C21  C N R 107 
FK5 C22  C N N 108 
FK5 C23  C N N 109 
FK5 C24  C N S 110 
FK5 C25  C N R 111 
FK5 C26  C N S 112 
FK5 C27  C N N 113 
FK5 C28  C N N 114 
FK5 C29  C N R 115 
FK5 C30  C N N 116 
FK5 C31  C N R 117 
FK5 C32  C N R 118 
FK5 C33  C N N 119 
FK5 C34  C N N 120 
FK5 C35  C N N 121 
FK5 C36  C N N 122 
FK5 C37  C N N 123 
FK5 C38  C N N 124 
FK5 C39  C N N 125 
FK5 C40  C N N 126 
FK5 C41  C N N 127 
FK5 C42  C N N 128 
FK5 C43  C N N 129 
FK5 C44  C N N 130 
FK5 C45  C N N 131 
FK5 N7   N N N 132 
FK5 O1   O N N 133 
FK5 O2   O N N 134 
FK5 O3   O N N 135 
FK5 O4   O N N 136 
FK5 O5   O N N 137 
FK5 O6   O N N 138 
FK5 O7   O N N 139 
FK5 O8   O N N 140 
FK5 O9   O N N 141 
FK5 O10  O N N 142 
FK5 O11  O N N 143 
FK5 O12  O N N 144 
FK5 H2   H N N 145 
FK5 H31A H N N 146 
FK5 H32A H N N 147 
FK5 H41  H N N 148 
FK5 H42  H N N 149 
FK5 H51  H N N 150 
FK5 H52  H N N 151 
FK5 H61  H N N 152 
FK5 H62  H N N 153 
FK5 H11  H N N 154 
FK5 H121 H N N 155 
FK5 H122 H N N 156 
FK5 H13  H N N 157 
FK5 H14  H N N 158 
FK5 H15  H N N 159 
FK5 H161 H N N 160 
FK5 H162 H N N 161 
FK5 H17  H N N 162 
FK5 H181 H N N 163 
FK5 H182 H N N 164 
FK5 H20  H N N 165 
FK5 H21  H N N 166 
FK5 H231 H N N 167 
FK5 H232 H N N 168 
FK5 H24  H N N 169 
FK5 H25  H N N 170 
FK5 H26  H N N 171 
FK5 H28  H N N 172 
FK5 H29  H N N 173 
FK5 H301 H N N 174 
FK5 H302 H N N 175 
FK5 H31  H N N 176 
FK5 H32  H N N 177 
FK5 H331 H N N 178 
FK5 H332 H N N 179 
FK5 H341 H N N 180 
FK5 H342 H N N 181 
FK5 H351 H N N 182 
FK5 H352 H N N 183 
FK5 H353 H N N 184 
FK5 H361 H N N 185 
FK5 H362 H N N 186 
FK5 H363 H N N 187 
FK5 H371 H N N 188 
FK5 H372 H N N 189 
FK5 H373 H N N 190 
FK5 H381 H N N 191 
FK5 H382 H N N 192 
FK5 H39  H N N 193 
FK5 H401 H N N 194 
FK5 H402 H N N 195 
FK5 H411 H N N 196 
FK5 H412 H N N 197 
FK5 H413 H N N 198 
FK5 H421 H N N 199 
FK5 H422 H N N 200 
FK5 H423 H N N 201 
FK5 H431 H N N 202 
FK5 H432 H N N 203 
FK5 H433 H N N 204 
FK5 H441 H N N 205 
FK5 H442 H N N 206 
FK5 H443 H N N 207 
FK5 H451 H N N 208 
FK5 H452 H N N 209 
FK5 H453 H N N 210 
FK5 HO6  H N N 211 
FK5 HO10 H N N 212 
FK5 HO12 H N N 213 
GLN N    N N N 214 
GLN CA   C N S 215 
GLN C    C N N 216 
GLN O    O N N 217 
GLN CB   C N N 218 
GLN CG   C N N 219 
GLN CD   C N N 220 
GLN OE1  O N N 221 
GLN NE2  N N N 222 
GLN OXT  O N N 223 
GLN H    H N N 224 
GLN H2   H N N 225 
GLN HA   H N N 226 
GLN HB2  H N N 227 
GLN HB3  H N N 228 
GLN HG2  H N N 229 
GLN HG3  H N N 230 
GLN HE21 H N N 231 
GLN HE22 H N N 232 
GLN HXT  H N N 233 
GLU N    N N N 234 
GLU CA   C N S 235 
GLU C    C N N 236 
GLU O    O N N 237 
GLU CB   C N N 238 
GLU CG   C N N 239 
GLU CD   C N N 240 
GLU OE1  O N N 241 
GLU OE2  O N N 242 
GLU OXT  O N N 243 
GLU H    H N N 244 
GLU H2   H N N 245 
GLU HA   H N N 246 
GLU HB2  H N N 247 
GLU HB3  H N N 248 
GLU HG2  H N N 249 
GLU HG3  H N N 250 
GLU HE2  H N N 251 
GLU HXT  H N N 252 
GLY N    N N N 253 
GLY CA   C N N 254 
GLY C    C N N 255 
GLY O    O N N 256 
GLY OXT  O N N 257 
GLY H    H N N 258 
GLY H2   H N N 259 
GLY HA2  H N N 260 
GLY HA3  H N N 261 
GLY HXT  H N N 262 
HIS N    N N N 263 
HIS CA   C N S 264 
HIS C    C N N 265 
HIS O    O N N 266 
HIS CB   C N N 267 
HIS CG   C Y N 268 
HIS ND1  N Y N 269 
HIS CD2  C Y N 270 
HIS CE1  C Y N 271 
HIS NE2  N Y N 272 
HIS OXT  O N N 273 
HIS H    H N N 274 
HIS H2   H N N 275 
HIS HA   H N N 276 
HIS HB2  H N N 277 
HIS HB3  H N N 278 
HIS HD1  H N N 279 
HIS HD2  H N N 280 
HIS HE1  H N N 281 
HIS HE2  H N N 282 
HIS HXT  H N N 283 
HOH O    O N N 284 
HOH H1   H N N 285 
HOH H2   H N N 286 
ILE N    N N N 287 
ILE CA   C N S 288 
ILE C    C N N 289 
ILE O    O N N 290 
ILE CB   C N S 291 
ILE CG1  C N N 292 
ILE CG2  C N N 293 
ILE CD1  C N N 294 
ILE OXT  O N N 295 
ILE H    H N N 296 
ILE H2   H N N 297 
ILE HA   H N N 298 
ILE HB   H N N 299 
ILE HG12 H N N 300 
ILE HG13 H N N 301 
ILE HG21 H N N 302 
ILE HG22 H N N 303 
ILE HG23 H N N 304 
ILE HD11 H N N 305 
ILE HD12 H N N 306 
ILE HD13 H N N 307 
ILE HXT  H N N 308 
LEU N    N N N 309 
LEU CA   C N S 310 
LEU C    C N N 311 
LEU O    O N N 312 
LEU CB   C N N 313 
LEU CG   C N N 314 
LEU CD1  C N N 315 
LEU CD2  C N N 316 
LEU OXT  O N N 317 
LEU H    H N N 318 
LEU H2   H N N 319 
LEU HA   H N N 320 
LEU HB2  H N N 321 
LEU HB3  H N N 322 
LEU HG   H N N 323 
LEU HD11 H N N 324 
LEU HD12 H N N 325 
LEU HD13 H N N 326 
LEU HD21 H N N 327 
LEU HD22 H N N 328 
LEU HD23 H N N 329 
LEU HXT  H N N 330 
LYS N    N N N 331 
LYS CA   C N S 332 
LYS C    C N N 333 
LYS O    O N N 334 
LYS CB   C N N 335 
LYS CG   C N N 336 
LYS CD   C N N 337 
LYS CE   C N N 338 
LYS NZ   N N N 339 
LYS OXT  O N N 340 
LYS H    H N N 341 
LYS H2   H N N 342 
LYS HA   H N N 343 
LYS HB2  H N N 344 
LYS HB3  H N N 345 
LYS HG2  H N N 346 
LYS HG3  H N N 347 
LYS HD2  H N N 348 
LYS HD3  H N N 349 
LYS HE2  H N N 350 
LYS HE3  H N N 351 
LYS HZ1  H N N 352 
LYS HZ2  H N N 353 
LYS HZ3  H N N 354 
LYS HXT  H N N 355 
PHE N    N N N 356 
PHE CA   C N S 357 
PHE C    C N N 358 
PHE O    O N N 359 
PHE CB   C N N 360 
PHE CG   C Y N 361 
PHE CD1  C Y N 362 
PHE CD2  C Y N 363 
PHE CE1  C Y N 364 
PHE CE2  C Y N 365 
PHE CZ   C Y N 366 
PHE OXT  O N N 367 
PHE H    H N N 368 
PHE H2   H N N 369 
PHE HA   H N N 370 
PHE HB2  H N N 371 
PHE HB3  H N N 372 
PHE HD1  H N N 373 
PHE HD2  H N N 374 
PHE HE1  H N N 375 
PHE HE2  H N N 376 
PHE HZ   H N N 377 
PHE HXT  H N N 378 
PRO N    N N N 379 
PRO CA   C N S 380 
PRO C    C N N 381 
PRO O    O N N 382 
PRO CB   C N N 383 
PRO CG   C N N 384 
PRO CD   C N N 385 
PRO OXT  O N N 386 
PRO H    H N N 387 
PRO HA   H N N 388 
PRO HB2  H N N 389 
PRO HB3  H N N 390 
PRO HG2  H N N 391 
PRO HG3  H N N 392 
PRO HD2  H N N 393 
PRO HD3  H N N 394 
PRO HXT  H N N 395 
SER N    N N N 396 
SER CA   C N S 397 
SER C    C N N 398 
SER O    O N N 399 
SER CB   C N N 400 
SER OG   O N N 401 
SER OXT  O N N 402 
SER H    H N N 403 
SER H2   H N N 404 
SER HA   H N N 405 
SER HB2  H N N 406 
SER HB3  H N N 407 
SER HG   H N N 408 
SER HXT  H N N 409 
THR N    N N N 410 
THR CA   C N S 411 
THR C    C N N 412 
THR O    O N N 413 
THR CB   C N R 414 
THR OG1  O N N 415 
THR CG2  C N N 416 
THR OXT  O N N 417 
THR H    H N N 418 
THR H2   H N N 419 
THR HA   H N N 420 
THR HB   H N N 421 
THR HG1  H N N 422 
THR HG21 H N N 423 
THR HG22 H N N 424 
THR HG23 H N N 425 
THR HXT  H N N 426 
TRP N    N N N 427 
TRP CA   C N S 428 
TRP C    C N N 429 
TRP O    O N N 430 
TRP CB   C N N 431 
TRP CG   C Y N 432 
TRP CD1  C Y N 433 
TRP CD2  C Y N 434 
TRP NE1  N Y N 435 
TRP CE2  C Y N 436 
TRP CE3  C Y N 437 
TRP CZ2  C Y N 438 
TRP CZ3  C Y N 439 
TRP CH2  C Y N 440 
TRP OXT  O N N 441 
TRP H    H N N 442 
TRP H2   H N N 443 
TRP HA   H N N 444 
TRP HB2  H N N 445 
TRP HB3  H N N 446 
TRP HD1  H N N 447 
TRP HE1  H N N 448 
TRP HE3  H N N 449 
TRP HZ2  H N N 450 
TRP HZ3  H N N 451 
TRP HH2  H N N 452 
TRP HXT  H N N 453 
TYR N    N N N 454 
TYR CA   C N S 455 
TYR C    C N N 456 
TYR O    O N N 457 
TYR CB   C N N 458 
TYR CG   C Y N 459 
TYR CD1  C Y N 460 
TYR CD2  C Y N 461 
TYR CE1  C Y N 462 
TYR CE2  C Y N 463 
TYR CZ   C Y N 464 
TYR OH   O N N 465 
TYR OXT  O N N 466 
TYR H    H N N 467 
TYR H2   H N N 468 
TYR HA   H N N 469 
TYR HB2  H N N 470 
TYR HB3  H N N 471 
TYR HD1  H N N 472 
TYR HD2  H N N 473 
TYR HE1  H N N 474 
TYR HE2  H N N 475 
TYR HH   H N N 476 
TYR HXT  H N N 477 
VAL N    N N N 478 
VAL CA   C N S 479 
VAL C    C N N 480 
VAL O    O N N 481 
VAL CB   C N N 482 
VAL CG1  C N N 483 
VAL CG2  C N N 484 
VAL OXT  O N N 485 
VAL H    H N N 486 
VAL H2   H N N 487 
VAL HA   H N N 488 
VAL HB   H N N 489 
VAL HG11 H N N 490 
VAL HG12 H N N 491 
VAL HG13 H N N 492 
VAL HG21 H N N 493 
VAL HG22 H N N 494 
VAL HG23 H N N 495 
VAL HXT  H N N 496 
# 
loop_
_chem_comp_bond.comp_id 
_chem_comp_bond.atom_id_1 
_chem_comp_bond.atom_id_2 
_chem_comp_bond.value_order 
_chem_comp_bond.pdbx_aromatic_flag 
_chem_comp_bond.pdbx_stereo_config 
_chem_comp_bond.pdbx_ordinal 
ALA N   CA   sing N N 1   
ALA N   H    sing N N 2   
ALA N   H2   sing N N 3   
ALA CA  C    sing N N 4   
ALA CA  CB   sing N N 5   
ALA CA  HA   sing N N 6   
ALA C   O    doub N N 7   
ALA C   OXT  sing N N 8   
ALA CB  HB1  sing N N 9   
ALA CB  HB2  sing N N 10  
ALA CB  HB3  sing N N 11  
ALA OXT HXT  sing N N 12  
ARG N   CA   sing N N 13  
ARG N   H    sing N N 14  
ARG N   H2   sing N N 15  
ARG CA  C    sing N N 16  
ARG CA  CB   sing N N 17  
ARG CA  HA   sing N N 18  
ARG C   O    doub N N 19  
ARG C   OXT  sing N N 20  
ARG CB  CG   sing N N 21  
ARG CB  HB2  sing N N 22  
ARG CB  HB3  sing N N 23  
ARG CG  CD   sing N N 24  
ARG CG  HG2  sing N N 25  
ARG CG  HG3  sing N N 26  
ARG CD  NE   sing N N 27  
ARG CD  HD2  sing N N 28  
ARG CD  HD3  sing N N 29  
ARG NE  CZ   sing N N 30  
ARG NE  HE   sing N N 31  
ARG CZ  NH1  sing N N 32  
ARG CZ  NH2  doub N N 33  
ARG NH1 HH11 sing N N 34  
ARG NH1 HH12 sing N N 35  
ARG NH2 HH21 sing N N 36  
ARG NH2 HH22 sing N N 37  
ARG OXT HXT  sing N N 38  
ASN N   CA   sing N N 39  
ASN N   H    sing N N 40  
ASN N   H2   sing N N 41  
ASN CA  C    sing N N 42  
ASN CA  CB   sing N N 43  
ASN CA  HA   sing N N 44  
ASN C   O    doub N N 45  
ASN C   OXT  sing N N 46  
ASN CB  CG   sing N N 47  
ASN CB  HB2  sing N N 48  
ASN CB  HB3  sing N N 49  
ASN CG  OD1  doub N N 50  
ASN CG  ND2  sing N N 51  
ASN ND2 HD21 sing N N 52  
ASN ND2 HD22 sing N N 53  
ASN OXT HXT  sing N N 54  
ASP N   CA   sing N N 55  
ASP N   H    sing N N 56  
ASP N   H2   sing N N 57  
ASP CA  C    sing N N 58  
ASP CA  CB   sing N N 59  
ASP CA  HA   sing N N 60  
ASP C   O    doub N N 61  
ASP C   OXT  sing N N 62  
ASP CB  CG   sing N N 63  
ASP CB  HB2  sing N N 64  
ASP CB  HB3  sing N N 65  
ASP CG  OD1  doub N N 66  
ASP CG  OD2  sing N N 67  
ASP OD2 HD2  sing N N 68  
ASP OXT HXT  sing N N 69  
CYS N   CA   sing N N 70  
CYS N   H    sing N N 71  
CYS N   H2   sing N N 72  
CYS CA  C    sing N N 73  
CYS CA  CB   sing N N 74  
CYS CA  HA   sing N N 75  
CYS C   O    doub N N 76  
CYS C   OXT  sing N N 77  
CYS CB  SG   sing N N 78  
CYS CB  HB2  sing N N 79  
CYS CB  HB3  sing N N 80  
CYS SG  HG   sing N N 81  
CYS OXT HXT  sing N N 82  
FK5 C1  C2   sing N N 83  
FK5 C1  O1   sing N N 84  
FK5 C1  O2   doub N N 85  
FK5 C2  C3   sing N N 86  
FK5 C2  N7   sing N N 87  
FK5 C2  H2   sing N N 88  
FK5 C3  C4   sing N N 89  
FK5 C3  H31A sing N N 90  
FK5 C3  H32A sing N N 91  
FK5 C4  C5   sing N N 92  
FK5 C4  H41  sing N N 93  
FK5 C4  H42  sing N N 94  
FK5 C5  C6   sing N N 95  
FK5 C5  H51  sing N N 96  
FK5 C5  H52  sing N N 97  
FK5 C6  N7   sing N N 98  
FK5 C6  H61  sing N N 99  
FK5 C6  H62  sing N N 100 
FK5 C8  C9   sing N N 101 
FK5 C8  N7   sing N N 102 
FK5 C8  O3   doub N N 103 
FK5 C9  C10  sing N N 104 
FK5 C9  O4   doub N N 105 
FK5 C10 C11  sing N N 106 
FK5 C10 O5   sing N N 107 
FK5 C10 O6   sing N N 108 
FK5 C11 C12  sing N N 109 
FK5 C11 C35  sing N N 110 
FK5 C11 H11  sing N N 111 
FK5 C12 C13  sing N N 112 
FK5 C12 H121 sing N N 113 
FK5 C12 H122 sing N N 114 
FK5 C13 C14  sing N N 115 
FK5 C13 O7   sing N N 116 
FK5 C13 H13  sing N N 117 
FK5 C14 C15  sing N N 118 
FK5 C14 O5   sing N N 119 
FK5 C14 H14  sing N N 120 
FK5 C15 C16  sing N N 121 
FK5 C15 O8   sing N N 122 
FK5 C15 H15  sing N N 123 
FK5 C16 C17  sing N N 124 
FK5 C16 H161 sing N N 125 
FK5 C16 H162 sing N N 126 
FK5 C17 C18  sing N N 127 
FK5 C17 C36  sing N N 128 
FK5 C17 H17  sing N N 129 
FK5 C18 C19  sing N N 130 
FK5 C18 H181 sing N N 131 
FK5 C18 H182 sing N N 132 
FK5 C19 C20  doub N E 133 
FK5 C19 C37  sing N N 134 
FK5 C20 C21  sing N N 135 
FK5 C20 H20  sing N N 136 
FK5 C21 C22  sing N N 137 
FK5 C21 C38  sing N N 138 
FK5 C21 H21  sing N N 139 
FK5 C22 C23  sing N N 140 
FK5 C22 O9   doub N N 141 
FK5 C23 C24  sing N N 142 
FK5 C23 H231 sing N N 143 
FK5 C23 H232 sing N N 144 
FK5 C24 C25  sing N N 145 
FK5 C24 O10  sing N N 146 
FK5 C24 H24  sing N N 147 
FK5 C25 C26  sing N N 148 
FK5 C25 C41  sing N N 149 
FK5 C25 H25  sing N N 150 
FK5 C26 C27  sing N N 151 
FK5 C26 O1   sing N N 152 
FK5 C26 H26  sing N N 153 
FK5 C27 C28  doub N E 154 
FK5 C27 C42  sing N N 155 
FK5 C28 C29  sing N N 156 
FK5 C28 H28  sing N N 157 
FK5 C29 C30  sing N N 158 
FK5 C29 C34  sing N N 159 
FK5 C29 H29  sing N N 160 
FK5 C30 C31  sing N N 161 
FK5 C30 H301 sing N N 162 
FK5 C30 H302 sing N N 163 
FK5 C31 C32  sing N N 164 
FK5 C31 O11  sing N N 165 
FK5 C31 H31  sing N N 166 
FK5 C32 C33  sing N N 167 
FK5 C32 O12  sing N N 168 
FK5 C32 H32  sing N N 169 
FK5 C33 C34  sing N N 170 
FK5 C33 H331 sing N N 171 
FK5 C33 H332 sing N N 172 
FK5 C34 H341 sing N N 173 
FK5 C34 H342 sing N N 174 
FK5 C35 H351 sing N N 175 
FK5 C35 H352 sing N N 176 
FK5 C35 H353 sing N N 177 
FK5 C36 H361 sing N N 178 
FK5 C36 H362 sing N N 179 
FK5 C36 H363 sing N N 180 
FK5 C37 H371 sing N N 181 
FK5 C37 H372 sing N N 182 
FK5 C37 H373 sing N N 183 
FK5 C38 C39  sing N N 184 
FK5 C38 H381 sing N N 185 
FK5 C38 H382 sing N N 186 
FK5 C39 C40  doub N N 187 
FK5 C39 H39  sing N N 188 
FK5 C40 H401 sing N N 189 
FK5 C40 H402 sing N N 190 
FK5 C41 H411 sing N N 191 
FK5 C41 H412 sing N N 192 
FK5 C41 H413 sing N N 193 
FK5 C42 H421 sing N N 194 
FK5 C42 H422 sing N N 195 
FK5 C42 H423 sing N N 196 
FK5 C43 O7   sing N N 197 
FK5 C43 H431 sing N N 198 
FK5 C43 H432 sing N N 199 
FK5 C43 H433 sing N N 200 
FK5 C44 O8   sing N N 201 
FK5 C44 H441 sing N N 202 
FK5 C44 H442 sing N N 203 
FK5 C44 H443 sing N N 204 
FK5 C45 O11  sing N N 205 
FK5 C45 H451 sing N N 206 
FK5 C45 H452 sing N N 207 
FK5 C45 H453 sing N N 208 
FK5 O6  HO6  sing N N 209 
FK5 O10 HO10 sing N N 210 
FK5 O12 HO12 sing N N 211 
GLN N   CA   sing N N 212 
GLN N   H    sing N N 213 
GLN N   H2   sing N N 214 
GLN CA  C    sing N N 215 
GLN CA  CB   sing N N 216 
GLN CA  HA   sing N N 217 
GLN C   O    doub N N 218 
GLN C   OXT  sing N N 219 
GLN CB  CG   sing N N 220 
GLN CB  HB2  sing N N 221 
GLN CB  HB3  sing N N 222 
GLN CG  CD   sing N N 223 
GLN CG  HG2  sing N N 224 
GLN CG  HG3  sing N N 225 
GLN CD  OE1  doub N N 226 
GLN CD  NE2  sing N N 227 
GLN NE2 HE21 sing N N 228 
GLN NE2 HE22 sing N N 229 
GLN OXT HXT  sing N N 230 
GLU N   CA   sing N N 231 
GLU N   H    sing N N 232 
GLU N   H2   sing N N 233 
GLU CA  C    sing N N 234 
GLU CA  CB   sing N N 235 
GLU CA  HA   sing N N 236 
GLU C   O    doub N N 237 
GLU C   OXT  sing N N 238 
GLU CB  CG   sing N N 239 
GLU CB  HB2  sing N N 240 
GLU CB  HB3  sing N N 241 
GLU CG  CD   sing N N 242 
GLU CG  HG2  sing N N 243 
GLU CG  HG3  sing N N 244 
GLU CD  OE1  doub N N 245 
GLU CD  OE2  sing N N 246 
GLU OE2 HE2  sing N N 247 
GLU OXT HXT  sing N N 248 
GLY N   CA   sing N N 249 
GLY N   H    sing N N 250 
GLY N   H2   sing N N 251 
GLY CA  C    sing N N 252 
GLY CA  HA2  sing N N 253 
GLY CA  HA3  sing N N 254 
GLY C   O    doub N N 255 
GLY C   OXT  sing N N 256 
GLY OXT HXT  sing N N 257 
HIS N   CA   sing N N 258 
HIS N   H    sing N N 259 
HIS N   H2   sing N N 260 
HIS CA  C    sing N N 261 
HIS CA  CB   sing N N 262 
HIS CA  HA   sing N N 263 
HIS C   O    doub N N 264 
HIS C   OXT  sing N N 265 
HIS CB  CG   sing N N 266 
HIS CB  HB2  sing N N 267 
HIS CB  HB3  sing N N 268 
HIS CG  ND1  sing Y N 269 
HIS CG  CD2  doub Y N 270 
HIS ND1 CE1  doub Y N 271 
HIS ND1 HD1  sing N N 272 
HIS CD2 NE2  sing Y N 273 
HIS CD2 HD2  sing N N 274 
HIS CE1 NE2  sing Y N 275 
HIS CE1 HE1  sing N N 276 
HIS NE2 HE2  sing N N 277 
HIS OXT HXT  sing N N 278 
HOH O   H1   sing N N 279 
HOH O   H2   sing N N 280 
ILE N   CA   sing N N 281 
ILE N   H    sing N N 282 
ILE N   H2   sing N N 283 
ILE CA  C    sing N N 284 
ILE CA  CB   sing N N 285 
ILE CA  HA   sing N N 286 
ILE C   O    doub N N 287 
ILE C   OXT  sing N N 288 
ILE CB  CG1  sing N N 289 
ILE CB  CG2  sing N N 290 
ILE CB  HB   sing N N 291 
ILE CG1 CD1  sing N N 292 
ILE CG1 HG12 sing N N 293 
ILE CG1 HG13 sing N N 294 
ILE CG2 HG21 sing N N 295 
ILE CG2 HG22 sing N N 296 
ILE CG2 HG23 sing N N 297 
ILE CD1 HD11 sing N N 298 
ILE CD1 HD12 sing N N 299 
ILE CD1 HD13 sing N N 300 
ILE OXT HXT  sing N N 301 
LEU N   CA   sing N N 302 
LEU N   H    sing N N 303 
LEU N   H2   sing N N 304 
LEU CA  C    sing N N 305 
LEU CA  CB   sing N N 306 
LEU CA  HA   sing N N 307 
LEU C   O    doub N N 308 
LEU C   OXT  sing N N 309 
LEU CB  CG   sing N N 310 
LEU CB  HB2  sing N N 311 
LEU CB  HB3  sing N N 312 
LEU CG  CD1  sing N N 313 
LEU CG  CD2  sing N N 314 
LEU CG  HG   sing N N 315 
LEU CD1 HD11 sing N N 316 
LEU CD1 HD12 sing N N 317 
LEU CD1 HD13 sing N N 318 
LEU CD2 HD21 sing N N 319 
LEU CD2 HD22 sing N N 320 
LEU CD2 HD23 sing N N 321 
LEU OXT HXT  sing N N 322 
LYS N   CA   sing N N 323 
LYS N   H    sing N N 324 
LYS N   H2   sing N N 325 
LYS CA  C    sing N N 326 
LYS CA  CB   sing N N 327 
LYS CA  HA   sing N N 328 
LYS C   O    doub N N 329 
LYS C   OXT  sing N N 330 
LYS CB  CG   sing N N 331 
LYS CB  HB2  sing N N 332 
LYS CB  HB3  sing N N 333 
LYS CG  CD   sing N N 334 
LYS CG  HG2  sing N N 335 
LYS CG  HG3  sing N N 336 
LYS CD  CE   sing N N 337 
LYS CD  HD2  sing N N 338 
LYS CD  HD3  sing N N 339 
LYS CE  NZ   sing N N 340 
LYS CE  HE2  sing N N 341 
LYS CE  HE3  sing N N 342 
LYS NZ  HZ1  sing N N 343 
LYS NZ  HZ2  sing N N 344 
LYS NZ  HZ3  sing N N 345 
LYS OXT HXT  sing N N 346 
PHE N   CA   sing N N 347 
PHE N   H    sing N N 348 
PHE N   H2   sing N N 349 
PHE CA  C    sing N N 350 
PHE CA  CB   sing N N 351 
PHE CA  HA   sing N N 352 
PHE C   O    doub N N 353 
PHE C   OXT  sing N N 354 
PHE CB  CG   sing N N 355 
PHE CB  HB2  sing N N 356 
PHE CB  HB3  sing N N 357 
PHE CG  CD1  doub Y N 358 
PHE CG  CD2  sing Y N 359 
PHE CD1 CE1  sing Y N 360 
PHE CD1 HD1  sing N N 361 
PHE CD2 CE2  doub Y N 362 
PHE CD2 HD2  sing N N 363 
PHE CE1 CZ   doub Y N 364 
PHE CE1 HE1  sing N N 365 
PHE CE2 CZ   sing Y N 366 
PHE CE2 HE2  sing N N 367 
PHE CZ  HZ   sing N N 368 
PHE OXT HXT  sing N N 369 
PRO N   CA   sing N N 370 
PRO N   CD   sing N N 371 
PRO N   H    sing N N 372 
PRO CA  C    sing N N 373 
PRO CA  CB   sing N N 374 
PRO CA  HA   sing N N 375 
PRO C   O    doub N N 376 
PRO C   OXT  sing N N 377 
PRO CB  CG   sing N N 378 
PRO CB  HB2  sing N N 379 
PRO CB  HB3  sing N N 380 
PRO CG  CD   sing N N 381 
PRO CG  HG2  sing N N 382 
PRO CG  HG3  sing N N 383 
PRO CD  HD2  sing N N 384 
PRO CD  HD3  sing N N 385 
PRO OXT HXT  sing N N 386 
SER N   CA   sing N N 387 
SER N   H    sing N N 388 
SER N   H2   sing N N 389 
SER CA  C    sing N N 390 
SER CA  CB   sing N N 391 
SER CA  HA   sing N N 392 
SER C   O    doub N N 393 
SER C   OXT  sing N N 394 
SER CB  OG   sing N N 395 
SER CB  HB2  sing N N 396 
SER CB  HB3  sing N N 397 
SER OG  HG   sing N N 398 
SER OXT HXT  sing N N 399 
THR N   CA   sing N N 400 
THR N   H    sing N N 401 
THR N   H2   sing N N 402 
THR CA  C    sing N N 403 
THR CA  CB   sing N N 404 
THR CA  HA   sing N N 405 
THR C   O    doub N N 406 
THR C   OXT  sing N N 407 
THR CB  OG1  sing N N 408 
THR CB  CG2  sing N N 409 
THR CB  HB   sing N N 410 
THR OG1 HG1  sing N N 411 
THR CG2 HG21 sing N N 412 
THR CG2 HG22 sing N N 413 
THR CG2 HG23 sing N N 414 
THR OXT HXT  sing N N 415 
TRP N   CA   sing N N 416 
TRP N   H    sing N N 417 
TRP N   H2   sing N N 418 
TRP CA  C    sing N N 419 
TRP CA  CB   sing N N 420 
TRP CA  HA   sing N N 421 
TRP C   O    doub N N 422 
TRP C   OXT  sing N N 423 
TRP CB  CG   sing N N 424 
TRP CB  HB2  sing N N 425 
TRP CB  HB3  sing N N 426 
TRP CG  CD1  doub Y N 427 
TRP CG  CD2  sing Y N 428 
TRP CD1 NE1  sing Y N 429 
TRP CD1 HD1  sing N N 430 
TRP CD2 CE2  doub Y N 431 
TRP CD2 CE3  sing Y N 432 
TRP NE1 CE2  sing Y N 433 
TRP NE1 HE1  sing N N 434 
TRP CE2 CZ2  sing Y N 435 
TRP CE3 CZ3  doub Y N 436 
TRP CE3 HE3  sing N N 437 
TRP CZ2 CH2  doub Y N 438 
TRP CZ2 HZ2  sing N N 439 
TRP CZ3 CH2  sing Y N 440 
TRP CZ3 HZ3  sing N N 441 
TRP CH2 HH2  sing N N 442 
TRP OXT HXT  sing N N 443 
TYR N   CA   sing N N 444 
TYR N   H    sing N N 445 
TYR N   H2   sing N N 446 
TYR CA  C    sing N N 447 
TYR CA  CB   sing N N 448 
TYR CA  HA   sing N N 449 
TYR C   O    doub N N 450 
TYR C   OXT  sing N N 451 
TYR CB  CG   sing N N 452 
TYR CB  HB2  sing N N 453 
TYR CB  HB3  sing N N 454 
TYR CG  CD1  doub Y N 455 
TYR CG  CD2  sing Y N 456 
TYR CD1 CE1  sing Y N 457 
TYR CD1 HD1  sing N N 458 
TYR CD2 CE2  doub Y N 459 
TYR CD2 HD2  sing N N 460 
TYR CE1 CZ   doub Y N 461 
TYR CE1 HE1  sing N N 462 
TYR CE2 CZ   sing Y N 463 
TYR CE2 HE2  sing N N 464 
TYR CZ  OH   sing N N 465 
TYR OH  HH   sing N N 466 
TYR OXT HXT  sing N N 467 
VAL N   CA   sing N N 468 
VAL N   H    sing N N 469 
VAL N   H2   sing N N 470 
VAL CA  C    sing N N 471 
VAL CA  CB   sing N N 472 
VAL CA  HA   sing N N 473 
VAL C   O    doub N N 474 
VAL C   OXT  sing N N 475 
VAL CB  CG1  sing N N 476 
VAL CB  CG2  sing N N 477 
VAL CB  HB   sing N N 478 
VAL CG1 HG11 sing N N 479 
VAL CG1 HG12 sing N N 480 
VAL CG1 HG13 sing N N 481 
VAL CG2 HG21 sing N N 482 
VAL CG2 HG22 sing N N 483 
VAL CG2 HG23 sing N N 484 
VAL OXT HXT  sing N N 485 
# 
_atom_sites.entry_id                    1YAT 
_atom_sites.fract_transf_matrix[1][1]   -0.01017846 
_atom_sites.fract_transf_matrix[1][2]   0.00204736 
_atom_sites.fract_transf_matrix[1][3]   0.01011011 
_atom_sites.fract_transf_matrix[2][1]   -0.01214288 
_atom_sites.fract_transf_matrix[2][2]   -0.00790647 
_atom_sites.fract_transf_matrix[2][3]   -0.00023732 
_atom_sites.fract_transf_matrix[3][1]   0.00808016 
_atom_sites.fract_transf_matrix[3][2]   -0.01273118 
_atom_sites.fract_transf_matrix[3][3]   0.01071293 
_atom_sites.fract_transf_vector[1]      0.944850 
_atom_sites.fract_transf_vector[2]      0.459652 
_atom_sites.fract_transf_vector[3]      0.018921 
# 
loop_
_atom_type.symbol 
C 
N 
O 
S 
# 
loop_
_atom_site.group_PDB 
_atom_site.id 
_atom_site.type_symbol 
_atom_site.label_atom_id 
_atom_site.label_alt_id 
_atom_site.label_comp_id 
_atom_site.label_asym_id 
_atom_site.label_entity_id 
_atom_site.label_seq_id 
_atom_site.pdbx_PDB_ins_code 
_atom_site.Cartn_x 
_atom_site.Cartn_y 
_atom_site.Cartn_z 
_atom_site.occupancy 
_atom_site.B_iso_or_equiv 
_atom_site.pdbx_formal_charge 
_atom_site.auth_seq_id 
_atom_site.auth_comp_id 
_atom_site.auth_asym_id 
_atom_site.auth_atom_id 
_atom_site.pdbx_PDB_model_num 
ATOM   1   N N   . SER A 1 1   ? -5.015  3.480   14.967  1.00 30.37 ? -5  SER A N   1 
ATOM   2   C CA  . SER A 1 1   ? -4.111  2.770   14.066  1.00 30.02 ? -5  SER A CA  1 
ATOM   3   C C   . SER A 1 1   ? -3.598  1.450   14.638  1.00 29.29 ? -5  SER A C   1 
ATOM   4   O O   . SER A 1 1   ? -3.000  1.354   15.735  1.00 29.68 ? -5  SER A O   1 
ATOM   5   C CB  . SER A 1 1   ? -2.932  3.671   13.679  1.00 30.56 ? -5  SER A CB  1 
ATOM   6   O OG  . SER A 1 1   ? -2.355  4.276   14.809  1.00 30.69 ? -5  SER A OG  1 
ATOM   7   N N   . GLU A 1 2   ? -3.792  0.454   13.802  1.00 27.95 ? -4  GLU A N   1 
ATOM   8   C CA  . GLU A 1 2   ? -3.370  -0.934  13.998  1.00 26.66 ? -4  GLU A CA  1 
ATOM   9   C C   . GLU A 1 2   ? -1.962  -1.198  13.493  1.00 25.22 ? -4  GLU A C   1 
ATOM   10  O O   . GLU A 1 2   ? -1.515  -0.616  12.478  1.00 25.07 ? -4  GLU A O   1 
ATOM   11  C CB  . GLU A 1 2   ? -4.314  -1.815  13.180  1.00 27.69 ? -4  GLU A CB  1 
ATOM   12  C CG  . GLU A 1 2   ? -5.769  -1.337  13.374  1.00 29.09 ? -4  GLU A CG  1 
ATOM   13  C CD  . GLU A 1 2   ? -6.628  -1.702  12.202  1.00 30.70 ? -4  GLU A CD  1 
ATOM   14  O OE1 . GLU A 1 2   ? -6.640  -2.828  11.732  1.00 31.28 ? -4  GLU A OE1 1 
ATOM   15  O OE2 . GLU A 1 2   ? -7.255  -0.691  11.784  1.00 31.98 ? -4  GLU A OE2 1 
ATOM   16  N N   . VAL A 1 3   ? -1.263  -2.002  14.270  1.00 23.17 ? -3  VAL A N   1 
ATOM   17  C CA  . VAL A 1 3   ? 0.134   -2.388  14.016  1.00 21.30 ? -3  VAL A CA  1 
ATOM   18  C C   . VAL A 1 3   ? 0.077   -3.850  13.624  1.00 21.15 ? -3  VAL A C   1 
ATOM   19  O O   . VAL A 1 3   ? -0.184  -4.731  14.443  1.00 21.95 ? -3  VAL A O   1 
ATOM   20  C CB  . VAL A 1 3   ? 1.017   -2.028  15.199  1.00 20.79 ? -3  VAL A CB  1 
ATOM   21  C CG1 . VAL A 1 3   ? 2.516   -2.249  14.928  1.00 20.52 ? -3  VAL A CG1 1 
ATOM   22  C CG2 . VAL A 1 3   ? 0.793   -0.573  15.602  1.00 19.45 ? -3  VAL A CG2 1 
ATOM   23  N N   . ILE A 1 4   ? 0.225   -4.048  12.320  1.00 20.15 ? -2  ILE A N   1 
ATOM   24  C CA  . ILE A 1 4   ? 0.180   -5.345  11.697  1.00 18.37 ? -2  ILE A CA  1 
ATOM   25  C C   . ILE A 1 4   ? 1.579   -5.940  11.571  1.00 18.10 ? -2  ILE A C   1 
ATOM   26  O O   . ILE A 1 4   ? 2.558   -5.535  12.258  1.00 17.13 ? -2  ILE A O   1 
ATOM   27  C CB  . ILE A 1 4   ? -0.726  -5.304  10.447  1.00 18.49 ? -2  ILE A CB  1 
ATOM   28  C CG1 . ILE A 1 4   ? -0.179  -4.464  9.274   1.00 17.65 ? -2  ILE A CG1 1 
ATOM   29  C CG2 . ILE A 1 4   ? -2.200  -4.850  10.733  1.00 18.05 ? -2  ILE A CG2 1 
ATOM   30  C CD1 . ILE A 1 4   ? -0.729  -4.961  7.914   1.00 16.37 ? -2  ILE A CD1 1 
ATOM   31  N N   . GLU A 1 5   ? 1.657   -6.968  10.700  1.00 17.88 ? -1  GLU A N   1 
ATOM   32  C CA  . GLU A 1 5   ? 2.997   -7.635  10.564  1.00 17.61 ? -1  GLU A CA  1 
ATOM   33  C C   . GLU A 1 5   ? 4.046   -6.594  10.266  1.00 17.05 ? -1  GLU A C   1 
ATOM   34  O O   . GLU A 1 5   ? 3.801   -5.549  9.656   1.00 17.02 ? -1  GLU A O   1 
ATOM   35  C CB  . GLU A 1 5   ? 2.994   -8.684  9.456   1.00 17.60 ? -1  GLU A CB  1 
ATOM   36  C CG  . GLU A 1 5   ? 1.924   -9.732  9.514   1.00 18.30 ? -1  GLU A CG  1 
ATOM   37  C CD  . GLU A 1 5   ? 0.558   -9.647  8.984   1.00 19.03 ? -1  GLU A CD  1 
ATOM   38  O OE1 . GLU A 1 5   ? 0.069   -8.531  8.750   1.00 19.05 ? -1  GLU A OE1 1 
ATOM   39  O OE2 . GLU A 1 5   ? -0.159  -10.666 8.814   1.00 19.94 ? -1  GLU A OE2 1 
ATOM   40  N N   . GLY A 1 6   ? 5.257   -6.865  10.664  1.00 17.35 ? 0   GLY A N   1 
ATOM   41  C CA  . GLY A 1 6   ? 6.432   -6.047  10.477  1.00 16.73 ? 0   GLY A CA  1 
ATOM   42  C C   . GLY A 1 6   ? 6.314   -4.663  11.057  1.00 16.63 ? 0   GLY A C   1 
ATOM   43  O O   . GLY A 1 6   ? 7.230   -3.872  10.780  1.00 16.67 ? 0   GLY A O   1 
ATOM   44  N N   . ASN A 1 7   ? 5.310   -4.354  11.861  1.00 16.98 ? 1   ASN A N   1 
ATOM   45  C CA  . ASN A 1 7   ? 5.213   -2.988  12.384  1.00 17.67 ? 1   ASN A CA  1 
ATOM   46  C C   . ASN A 1 7   ? 4.621   -2.051  11.302  1.00 17.63 ? 1   ASN A C   1 
ATOM   47  O O   . ASN A 1 7   ? 4.908   -0.853  11.441  1.00 18.76 ? 1   ASN A O   1 
ATOM   48  C CB  . ASN A 1 7   ? 6.581   -2.397  12.701  1.00 18.85 ? 1   ASN A CB  1 
ATOM   49  C CG  . ASN A 1 7   ? 7.016   -2.683  14.098  1.00 20.50 ? 1   ASN A CG  1 
ATOM   50  O OD1 . ASN A 1 7   ? 6.073   -2.886  14.884  1.00 22.03 ? 1   ASN A OD1 1 
ATOM   51  N ND2 . ASN A 1 7   ? 8.329   -2.767  14.378  1.00 21.33 ? 1   ASN A ND2 1 
ATOM   52  N N   . VAL A 1 8   ? 3.985   -2.552  10.306  1.00 16.81 ? 2   VAL A N   1 
ATOM   53  C CA  . VAL A 1 8   ? 3.341   -1.696  9.295   1.00 16.49 ? 2   VAL A CA  1 
ATOM   54  C C   . VAL A 1 8   ? 2.097   -1.167  10.050  1.00 17.10 ? 2   VAL A C   1 
ATOM   55  O O   . VAL A 1 8   ? 1.515   -1.957  10.794  1.00 16.37 ? 2   VAL A O   1 
ATOM   56  C CB  . VAL A 1 8   ? 3.044   -2.564  8.048   1.00 15.23 ? 2   VAL A CB  1 
ATOM   57  C CG1 . VAL A 1 8   ? 1.872   -2.036  7.244   1.00 14.12 ? 2   VAL A CG1 1 
ATOM   58  C CG2 . VAL A 1 8   ? 4.305   -2.775  7.240   1.00 14.16 ? 2   VAL A CG2 1 
ATOM   59  N N   . LYS A 1 9   ? 1.742   0.092   9.841   1.00 18.27 ? 3   LYS A N   1 
ATOM   60  C CA  . LYS A 1 9   ? 0.584   0.692   10.466  1.00 20.15 ? 3   LYS A CA  1 
ATOM   61  C C   . LYS A 1 9   ? -0.585  0.948   9.514   1.00 20.65 ? 3   LYS A C   1 
ATOM   62  O O   . LYS A 1 9   ? -0.351  1.485   8.435   1.00 22.33 ? 3   LYS A O   1 
ATOM   63  C CB  . LYS A 1 9   ? 0.823   2.055   11.119  1.00 20.42 ? 3   LYS A CB  1 
ATOM   64  C CG  . LYS A 1 9   ? 1.423   2.000   12.504  1.00 21.60 ? 3   LYS A CG  1 
ATOM   65  C CD  . LYS A 1 9   ? 2.258   3.230   12.813  1.00 22.32 ? 3   LYS A CD  1 
ATOM   66  C CE  . LYS A 1 9   ? 2.875   3.170   14.196  0.01 22.13 ? 3   LYS A CE  1 
ATOM   67  N NZ  . LYS A 1 9   ? 3.634   4.412   14.483  0.01 22.19 ? 3   LYS A NZ  1 
ATOM   68  N N   . ILE A 1 10  ? -1.779  0.671   9.947   1.00 20.69 ? 4   ILE A N   1 
ATOM   69  C CA  . ILE A 1 10  ? -2.960  0.943   9.158   1.00 21.50 ? 4   ILE A CA  1 
ATOM   70  C C   . ILE A 1 10  ? -3.776  2.015   9.903   1.00 22.43 ? 4   ILE A C   1 
ATOM   71  O O   . ILE A 1 10  ? -3.949  1.859   11.108  1.00 22.94 ? 4   ILE A O   1 
ATOM   72  C CB  . ILE A 1 10  ? -3.869  -0.284  8.865   1.00 20.49 ? 4   ILE A CB  1 
ATOM   73  C CG1 . ILE A 1 10  ? -3.056  -1.381  8.165   1.00 20.36 ? 4   ILE A CG1 1 
ATOM   74  C CG2 . ILE A 1 10  ? -5.086  0.117   8.010   1.00 19.99 ? 4   ILE A CG2 1 
ATOM   75  C CD1 . ILE A 1 10  ? -3.894  -2.663  7.837   1.00 20.97 ? 4   ILE A CD1 1 
ATOM   76  N N   . ASP A 1 11  ? -4.137  3.026   9.172   1.00 23.57 ? 5   ASP A N   1 
ATOM   77  C CA  . ASP A 1 11  ? -4.991  4.134   9.624   1.00 23.91 ? 5   ASP A CA  1 
ATOM   78  C C   . ASP A 1 11  ? -6.229  4.069   8.715   1.00 23.55 ? 5   ASP A C   1 
ATOM   79  O O   . ASP A 1 11  ? -6.065  4.334   7.532   1.00 23.99 ? 5   ASP A O   1 
ATOM   80  C CB  . ASP A 1 11  ? -4.337  5.475   9.646   1.00 25.40 ? 5   ASP A CB  1 
ATOM   81  C CG  . ASP A 1 11  ? -3.370  5.611   10.795  1.00 27.06 ? 5   ASP A CG  1 
ATOM   82  O OD1 . ASP A 1 11  ? -3.695  5.590   11.991  1.00 27.93 ? 5   ASP A OD1 1 
ATOM   83  O OD2 . ASP A 1 11  ? -2.186  5.755   10.437  1.00 29.11 ? 5   ASP A OD2 1 
ATOM   84  N N   . ARG A 1 12  ? -7.331  3.658   9.266   1.00 23.92 ? 6   ARG A N   1 
ATOM   85  C CA  . ARG A 1 12  ? -8.584  3.517   8.443   1.00 24.56 ? 6   ARG A CA  1 
ATOM   86  C C   . ARG A 1 12  ? -9.147  4.897   8.154   1.00 23.64 ? 6   ARG A C   1 
ATOM   87  O O   . ARG A 1 12  ? -9.269  5.673   9.100   1.00 24.16 ? 6   ARG A O   1 
ATOM   88  C CB  . ARG A 1 12  ? -9.554  2.615   9.185   1.00 24.92 ? 6   ARG A CB  1 
ATOM   89  C CG  . ARG A 1 12  ? -8.896  1.306   9.718   1.00 25.40 ? 6   ARG A CG  1 
ATOM   90  C CD  . ARG A 1 12  ? -9.037  0.226   8.691   1.00 25.88 ? 6   ARG A CD  1 
ATOM   91  N NE  . ARG A 1 12  ? -8.566  -1.052  9.206   1.00 26.29 ? 6   ARG A NE  1 
ATOM   92  C CZ  . ARG A 1 12  ? -8.644  -2.178  8.485   1.00 26.61 ? 6   ARG A CZ  1 
ATOM   93  N NH1 . ARG A 1 12  ? -9.208  -2.153  7.286   1.00 26.09 ? 6   ARG A NH1 1 
ATOM   94  N NH2 . ARG A 1 12  ? -8.165  -3.330  8.964   1.00 26.72 ? 6   ARG A NH2 1 
ATOM   95  N N   . ILE A 1 13  ? -9.428  5.236   6.928   1.00 22.95 ? 7   ILE A N   1 
ATOM   96  C CA  . ILE A 1 13  ? -9.945  6.563   6.609   1.00 23.13 ? 7   ILE A CA  1 
ATOM   97  C C   . ILE A 1 13  ? -11.409 6.545   6.194   1.00 24.38 ? 7   ILE A C   1 
ATOM   98  O O   . ILE A 1 13  ? -12.158 7.419   6.693   1.00 25.97 ? 7   ILE A O   1 
ATOM   99  C CB  . ILE A 1 13  ? -9.064  7.232   5.534   1.00 22.33 ? 7   ILE A CB  1 
ATOM   100 C CG1 . ILE A 1 13  ? -7.651  7.497   6.096   1.00 22.07 ? 7   ILE A CG1 1 
ATOM   101 C CG2 . ILE A 1 13  ? -9.752  8.460   4.928   1.00 22.06 ? 7   ILE A CG2 1 
ATOM   102 C CD1 . ILE A 1 13  ? -6.648  7.960   4.997   1.00 21.55 ? 7   ILE A CD1 1 
ATOM   103 N N   . SER A 1 14  ? -11.810 5.620   5.359   1.00 24.13 ? 8   SER A N   1 
ATOM   104 C CA  . SER A 1 14  ? -13.173 5.478   4.853   1.00 24.32 ? 8   SER A CA  1 
ATOM   105 C C   . SER A 1 14  ? -13.393 3.997   4.559   1.00 24.17 ? 8   SER A C   1 
ATOM   106 O O   . SER A 1 14  ? -12.567 3.361   3.893   1.00 24.71 ? 8   SER A O   1 
ATOM   107 C CB  . SER A 1 14  ? -13.407 6.453   3.734   1.00 24.99 ? 8   SER A CB  1 
ATOM   108 O OG  . SER A 1 14  ? -13.890 5.855   2.555   1.00 26.97 ? 8   SER A OG  1 
ATOM   109 N N   . PRO A 1 15  ? -14.489 3.451   5.080   1.00 24.05 ? 9   PRO A N   1 
ATOM   110 C CA  . PRO A 1 15  ? -14.824 2.040   4.983   1.00 23.90 ? 9   PRO A CA  1 
ATOM   111 C C   . PRO A 1 15  ? -15.076 1.441   3.620   1.00 24.43 ? 9   PRO A C   1 
ATOM   112 O O   . PRO A 1 15  ? -15.411 2.123   2.640   1.00 25.39 ? 9   PRO A O   1 
ATOM   113 C CB  . PRO A 1 15  ? -16.044 1.886   5.882   1.00 23.69 ? 9   PRO A CB  1 
ATOM   114 C CG  . PRO A 1 15  ? -16.677 3.258   5.857   1.00 23.43 ? 9   PRO A CG  1 
ATOM   115 C CD  . PRO A 1 15  ? -15.488 4.200   5.898   1.00 23.49 ? 9   PRO A CD  1 
ATOM   116 N N   . GLY A 1 16  ? -14.943 0.134   3.581   1.00 24.56 ? 10  GLY A N   1 
ATOM   117 C CA  . GLY A 1 16  ? -15.184 -0.718  2.398   1.00 24.65 ? 10  GLY A CA  1 
ATOM   118 C C   . GLY A 1 16  ? -16.516 -1.419  2.720   1.00 25.08 ? 10  GLY A C   1 
ATOM   119 O O   . GLY A 1 16  ? -17.197 -0.919  3.620   1.00 25.31 ? 10  GLY A O   1 
ATOM   120 N N   . ASP A 1 17  ? -16.821 -2.491  2.051   1.00 25.68 ? 11  ASP A N   1 
ATOM   121 C CA  . ASP A 1 17  ? -18.098 -3.187  2.290   1.00 26.47 ? 11  ASP A CA  1 
ATOM   122 C C   . ASP A 1 17  ? -17.943 -4.016  3.564   1.00 27.68 ? 11  ASP A C   1 
ATOM   123 O O   . ASP A 1 17  ? -18.834 -4.837  3.908   1.00 28.94 ? 11  ASP A O   1 
ATOM   124 C CB  . ASP A 1 17  ? -18.488 -4.001  1.061   1.00 26.02 ? 11  ASP A CB  1 
ATOM   125 C CG  . ASP A 1 17  ? -17.632 -5.221  0.784   1.00 25.97 ? 11  ASP A CG  1 
ATOM   126 O OD1 . ASP A 1 17  ? -16.674 -5.403  1.548   1.00 25.86 ? 11  ASP A OD1 1 
ATOM   127 O OD2 . ASP A 1 17  ? -17.919 -5.995  -0.167  1.00 25.57 ? 11  ASP A OD2 1 
ATOM   128 N N   . GLY A 1 18  ? -16.787 -3.854  4.175   1.00 27.30 ? 12  GLY A N   1 
ATOM   129 C CA  . GLY A 1 18  ? -16.424 -4.575  5.387   1.00 26.76 ? 12  GLY A CA  1 
ATOM   130 C C   . GLY A 1 18  ? -16.608 -6.081  5.205   1.00 26.81 ? 12  GLY A C   1 
ATOM   131 O O   . GLY A 1 18  ? -16.627 -6.748  6.264   1.00 26.96 ? 12  GLY A O   1 
ATOM   132 N N   . ALA A 1 19  ? -16.684 -6.551  3.980   1.00 26.52 ? 13  ALA A N   1 
ATOM   133 C CA  . ALA A 1 19  ? -16.859 -7.959  3.701   1.00 27.51 ? 13  ALA A CA  1 
ATOM   134 C C   . ALA A 1 19  ? -16.013 -8.546  2.576   1.00 27.82 ? 13  ALA A C   1 
ATOM   135 O O   . ALA A 1 19  ? -15.646 -9.752  2.714   1.00 28.62 ? 13  ALA A O   1 
ATOM   136 C CB  . ALA A 1 19  ? -18.330 -8.280  3.394   1.00 28.07 ? 13  ALA A CB  1 
ATOM   137 N N   . THR A 1 20  ? -15.771 -7.816  1.505   1.00 27.22 ? 14  THR A N   1 
ATOM   138 C CA  . THR A 1 20  ? -14.948 -8.342  0.411   1.00 26.93 ? 14  THR A CA  1 
ATOM   139 C C   . THR A 1 20  ? -13.477 -8.055  0.639   1.00 26.14 ? 14  THR A C   1 
ATOM   140 O O   . THR A 1 20  ? -13.052 -6.935  0.344   1.00 26.21 ? 14  THR A O   1 
ATOM   141 C CB  . THR A 1 20  ? -15.411 -7.744  -0.975  1.00 27.59 ? 14  THR A CB  1 
ATOM   142 O OG1 . THR A 1 20  ? -16.855 -7.974  -0.990  1.00 28.72 ? 14  THR A OG1 1 
ATOM   143 C CG2 . THR A 1 20  ? -14.768 -8.429  -2.183  1.00 28.17 ? 14  THR A CG2 1 
ATOM   144 N N   . PHE A 1 21  ? -12.745 -9.004  1.141   1.00 25.84 ? 15  PHE A N   1 
ATOM   145 C CA  . PHE A 1 21  ? -11.303 -8.902  1.439   1.00 25.42 ? 15  PHE A CA  1 
ATOM   146 C C   . PHE A 1 21  ? -10.467 -9.674  0.437   1.00 25.31 ? 15  PHE A C   1 
ATOM   147 O O   . PHE A 1 21  ? -10.828 -10.816 0.115   1.00 25.43 ? 15  PHE A O   1 
ATOM   148 C CB  . PHE A 1 21  ? -11.027 -9.455  2.857   1.00 24.97 ? 15  PHE A CB  1 
ATOM   149 C CG  . PHE A 1 21  ? -11.602 -8.574  3.925   1.00 24.82 ? 15  PHE A CG  1 
ATOM   150 C CD1 . PHE A 1 21  ? -10.906 -7.459  4.352   1.00 24.69 ? 15  PHE A CD1 1 
ATOM   151 C CD2 . PHE A 1 21  ? -12.849 -8.834  4.476   1.00 24.94 ? 15  PHE A CD2 1 
ATOM   152 C CE1 . PHE A 1 21  ? -11.431 -6.625  5.333   1.00 24.71 ? 15  PHE A CE1 1 
ATOM   153 C CE2 . PHE A 1 21  ? -13.395 -7.992  5.456   1.00 24.53 ? 15  PHE A CE2 1 
ATOM   154 C CZ  . PHE A 1 21  ? -12.668 -6.878  5.883   1.00 24.02 ? 15  PHE A CZ  1 
ATOM   155 N N   . PRO A 1 22  ? -9.377  -9.064  -0.012  1.00 25.35 ? 16  PRO A N   1 
ATOM   156 C CA  . PRO A 1 22  ? -8.464  -9.730  -0.970  1.00 25.65 ? 16  PRO A CA  1 
ATOM   157 C C   . PRO A 1 22  ? -7.837  -10.957 -0.301  1.00 25.83 ? 16  PRO A C   1 
ATOM   158 O O   . PRO A 1 22  ? -7.472  -10.868 0.881   1.00 26.06 ? 16  PRO A O   1 
ATOM   159 C CB  . PRO A 1 22  ? -7.371  -8.732  -1.296  1.00 24.43 ? 16  PRO A CB  1 
ATOM   160 C CG  . PRO A 1 22  ? -7.879  -7.449  -0.760  1.00 24.75 ? 16  PRO A CG  1 
ATOM   161 C CD  . PRO A 1 22  ? -8.898  -7.742  0.315   1.00 24.75 ? 16  PRO A CD  1 
ATOM   162 N N   . LYS A 1 23  ? -7.727  -11.998 -1.097  1.00 25.90 ? 17  LYS A N   1 
ATOM   163 C CA  . LYS A 1 23  ? -7.121  -13.274 -0.615  1.00 25.94 ? 17  LYS A CA  1 
ATOM   164 C C   . LYS A 1 23  ? -5.857  -13.519 -1.421  1.00 25.78 ? 17  LYS A C   1 
ATOM   165 O O   . LYS A 1 23  ? -5.672  -12.902 -2.507  1.00 26.25 ? 17  LYS A O   1 
ATOM   166 C CB  . LYS A 1 23  ? -8.204  -14.344 -0.656  1.00 25.78 ? 17  LYS A CB  1 
ATOM   167 C CG  . LYS A 1 23  ? -9.524  -13.918 -0.006  0.01 25.83 ? 17  LYS A CG  1 
ATOM   168 C CD  . LYS A 1 23  ? -9.721  -14.528 1.374   0.01 25.84 ? 17  LYS A CD  1 
ATOM   169 C CE  . LYS A 1 23  ? -10.568 -15.820 1.286   0.01 25.86 ? 17  LYS A CE  1 
ATOM   170 N NZ  . LYS A 1 23  ? -11.056 -16.164 2.659   0.01 25.87 ? 17  LYS A NZ  1 
ATOM   171 N N   . THR A 1 24  ? -4.933  -14.336 -0.948  1.00 24.64 ? 18  THR A N   1 
ATOM   172 C CA  . THR A 1 24  ? -3.665  -14.598 -1.610  1.00 23.66 ? 18  THR A CA  1 
ATOM   173 C C   . THR A 1 24  ? -3.834  -15.009 -3.062  1.00 22.94 ? 18  THR A C   1 
ATOM   174 O O   . THR A 1 24  ? -4.456  -16.041 -3.393  1.00 23.07 ? 18  THR A O   1 
ATOM   175 C CB  . THR A 1 24  ? -2.769  -15.628 -0.815  1.00 24.05 ? 18  THR A CB  1 
ATOM   176 O OG1 . THR A 1 24  ? -2.118  -14.872 0.254   1.00 25.71 ? 18  THR A OG1 1 
ATOM   177 C CG2 . THR A 1 24  ? -1.669  -16.345 -1.599  1.00 23.85 ? 18  THR A CG2 1 
ATOM   178 N N   . GLY A 1 25  ? -3.222  -14.227 -3.957  1.00 21.35 ? 19  GLY A N   1 
ATOM   179 C CA  . GLY A 1 25  ? -3.244  -14.529 -5.385  1.00 18.96 ? 19  GLY A CA  1 
ATOM   180 C C   . GLY A 1 25  ? -4.270  -13.681 -6.073  1.00 18.12 ? 19  GLY A C   1 
ATOM   181 O O   . GLY A 1 25  ? -4.210  -13.507 -7.300  1.00 18.38 ? 19  GLY A O   1 
ATOM   182 N N   . ASP A 1 26  ? -5.173  -13.125 -5.309  1.00 17.56 ? 20  ASP A N   1 
ATOM   183 C CA  . ASP A 1 26  ? -6.260  -12.284 -5.905  1.00 16.66 ? 20  ASP A CA  1 
ATOM   184 C C   . ASP A 1 26  ? -5.615  -11.076 -6.590  1.00 15.64 ? 20  ASP A C   1 
ATOM   185 O O   . ASP A 1 26  ? -4.582  -10.599 -6.085  1.00 16.41 ? 20  ASP A O   1 
ATOM   186 C CB  . ASP A 1 26  ? -7.192  -11.771 -4.836  1.00 17.16 ? 20  ASP A CB  1 
ATOM   187 C CG  . ASP A 1 26  ? -8.308  -12.714 -4.466  1.00 18.16 ? 20  ASP A CG  1 
ATOM   188 O OD1 . ASP A 1 26  ? -8.580  -13.697 -5.167  1.00 18.07 ? 20  ASP A OD1 1 
ATOM   189 O OD2 . ASP A 1 26  ? -8.920  -12.415 -3.417  1.00 19.53 ? 20  ASP A OD2 1 
ATOM   190 N N   . LEU A 1 27  ? -6.241  -10.632 -7.636  1.00 14.48 ? 21  LEU A N   1 
ATOM   191 C CA  . LEU A 1 27  ? -5.877  -9.469  -8.420  1.00 12.92 ? 21  LEU A CA  1 
ATOM   192 C C   . LEU A 1 27  ? -6.552  -8.293  -7.703  1.00 13.69 ? 21  LEU A C   1 
ATOM   193 O O   . LEU A 1 27  ? -7.749  -8.494  -7.327  1.00 14.25 ? 21  LEU A O   1 
ATOM   194 C CB  . LEU A 1 27  ? -6.378  -9.628  -9.824  1.00 12.18 ? 21  LEU A CB  1 
ATOM   195 C CG  . LEU A 1 27  ? -5.997  -8.556  -10.859 1.00 11.94 ? 21  LEU A CG  1 
ATOM   196 C CD1 . LEU A 1 27  ? -4.568  -8.483  -11.328 1.00 10.53 ? 21  LEU A CD1 1 
ATOM   197 C CD2 . LEU A 1 27  ? -6.924  -8.755  -12.034 1.00 11.72 ? 21  LEU A CD2 1 
ATOM   198 N N   . VAL A 1 28  ? -5.823  -7.209  -7.504  1.00 12.65 ? 22  VAL A N   1 
ATOM   199 C CA  . VAL A 1 28  ? -6.469  -6.067  -6.826  1.00 11.64 ? 22  VAL A CA  1 
ATOM   200 C C   . VAL A 1 28  ? -6.299  -4.852  -7.702  1.00 12.05 ? 22  VAL A C   1 
ATOM   201 O O   . VAL A 1 28  ? -5.205  -4.759  -8.294  1.00 12.89 ? 22  VAL A O   1 
ATOM   202 C CB  . VAL A 1 28  ? -5.942  -5.821  -5.425  1.00 12.05 ? 22  VAL A CB  1 
ATOM   203 C CG1 . VAL A 1 28  ? -6.259  -6.999  -4.504  1.00 11.29 ? 22  VAL A CG1 1 
ATOM   204 C CG2 . VAL A 1 28  ? -4.468  -5.436  -5.366  1.00 11.82 ? 22  VAL A CG2 1 
ATOM   205 N N   . THR A 1 29  ? -7.316  -4.021  -7.718  1.00 12.01 ? 23  THR A N   1 
ATOM   206 C CA  . THR A 1 29  ? -7.278  -2.757  -8.441  1.00 12.70 ? 23  THR A CA  1 
ATOM   207 C C   . THR A 1 29  ? -7.161  -1.654  -7.400  1.00 13.54 ? 23  THR A C   1 
ATOM   208 O O   . THR A 1 29  ? -8.084  -1.456  -6.605  1.00 14.22 ? 23  THR A O   1 
ATOM   209 C CB  . THR A 1 29  ? -8.464  -2.561  -9.452  1.00 12.39 ? 23  THR A CB  1 
ATOM   210 O OG1 . THR A 1 29  ? -8.449  -3.806  -10.245 1.00 13.63 ? 23  THR A OG1 1 
ATOM   211 C CG2 . THR A 1 29  ? -8.291  -1.330  -10.336 1.00 10.77 ? 23  THR A CG2 1 
ATOM   212 N N   . ILE A 1 30  ? -6.057  -0.946  -7.329  1.00 14.02 ? 24  ILE A N   1 
ATOM   213 C CA  . ILE A 1 30  ? -5.890  0.108   -6.322  1.00 14.21 ? 24  ILE A CA  1 
ATOM   214 C C   . ILE A 1 30  ? -5.407  1.444   -6.891  1.00 14.10 ? 24  ILE A C   1 
ATOM   215 O O   . ILE A 1 30  ? -4.694  1.480   -7.885  1.00 13.72 ? 24  ILE A O   1 
ATOM   216 C CB  . ILE A 1 30  ? -4.795  -0.378  -5.322  1.00 15.15 ? 24  ILE A CB  1 
ATOM   217 C CG1 . ILE A 1 30  ? -5.095  -1.894  -5.072  1.00 16.64 ? 24  ILE A CG1 1 
ATOM   218 C CG2 . ILE A 1 30  ? -4.780  0.261   -3.924  1.00 15.48 ? 24  ILE A CG2 1 
ATOM   219 C CD1 . ILE A 1 30  ? -3.916  -2.441  -4.222  1.00 18.20 ? 24  ILE A CD1 1 
ATOM   220 N N   . HIS A 1 31  ? -5.810  2.486   -6.148  1.00 13.02 ? 25  HIS A N   1 
ATOM   221 C CA  . HIS A 1 31  ? -5.378  3.831   -6.438  1.00 12.36 ? 25  HIS A CA  1 
ATOM   222 C C   . HIS A 1 31  ? -4.508  4.216   -5.227  1.00 11.90 ? 25  HIS A C   1 
ATOM   223 O O   . HIS A 1 31  ? -5.028  4.197   -4.140  1.00 12.16 ? 25  HIS A O   1 
ATOM   224 C CB  . HIS A 1 31  ? -6.533  4.886   -6.567  1.00 12.65 ? 25  HIS A CB  1 
ATOM   225 C CG  . HIS A 1 31  ? -6.659  5.334   -7.995  1.00 11.82 ? 25  HIS A CG  1 
ATOM   226 N ND1 . HIS A 1 31  ? -5.561  5.703   -8.697  1.00 11.57 ? 25  HIS A ND1 1 
ATOM   227 C CD2 . HIS A 1 31  ? -7.695  5.386   -8.847  1.00 12.17 ? 25  HIS A CD2 1 
ATOM   228 C CE1 . HIS A 1 31  ? -5.944  5.998   -9.956  1.00 11.72 ? 25  HIS A CE1 1 
ATOM   229 N NE2 . HIS A 1 31  ? -7.201  5.862   -10.065 1.00 11.57 ? 25  HIS A NE2 1 
ATOM   230 N N   . TYR A 1 32  ? -3.274  4.585   -5.472  1.00 12.09 ? 26  TYR A N   1 
ATOM   231 C CA  . TYR A 1 32  ? -2.379  4.957   -4.391  1.00 12.04 ? 26  TYR A CA  1 
ATOM   232 C C   . TYR A 1 32  ? -1.729  6.294   -4.615  1.00 12.03 ? 26  TYR A C   1 
ATOM   233 O O   . TYR A 1 32  ? -1.692  6.782   -5.717  1.00 12.87 ? 26  TYR A O   1 
ATOM   234 C CB  . TYR A 1 32  ? -1.301  3.812   -4.304  1.00 11.38 ? 26  TYR A CB  1 
ATOM   235 C CG  . TYR A 1 32  ? -0.319  3.755   -5.432  1.00 9.67  ? 26  TYR A CG  1 
ATOM   236 C CD1 . TYR A 1 32  ? 0.864   4.500   -5.356  1.00 9.51  ? 26  TYR A CD1 1 
ATOM   237 C CD2 . TYR A 1 32  ? -0.463  2.921   -6.532  1.00 9.71  ? 26  TYR A CD2 1 
ATOM   238 C CE1 . TYR A 1 32  ? 1.836   4.497   -6.344  1.00 8.58  ? 26  TYR A CE1 1 
ATOM   239 C CE2 . TYR A 1 32  ? 0.514   2.870   -7.541  1.00 9.54  ? 26  TYR A CE2 1 
ATOM   240 C CZ  . TYR A 1 32  ? 1.636   3.685   -7.438  1.00 9.28  ? 26  TYR A CZ  1 
ATOM   241 O OH  . TYR A 1 32  ? 2.582   3.635   -8.462  1.00 10.25 ? 26  TYR A OH  1 
ATOM   242 N N   . THR A 1 33  ? -1.179  6.864   -3.596  1.00 12.73 ? 27  THR A N   1 
ATOM   243 C CA  . THR A 1 33  ? -0.371  8.063   -3.547  1.00 13.08 ? 27  THR A CA  1 
ATOM   244 C C   . THR A 1 33  ? 0.736   7.705   -2.569  1.00 13.92 ? 27  THR A C   1 
ATOM   245 O O   . THR A 1 33  ? 0.375   7.242   -1.460  1.00 14.29 ? 27  THR A O   1 
ATOM   246 C CB  . THR A 1 33  ? -1.063  9.410   -3.188  1.00 12.52 ? 27  THR A CB  1 
ATOM   247 O OG1 . THR A 1 33  ? -1.909  9.704   -4.345  1.00 13.17 ? 27  THR A OG1 1 
ATOM   248 C CG2 . THR A 1 33  ? -0.036  10.510  -2.989  1.00 12.24 ? 27  THR A CG2 1 
ATOM   249 N N   . GLY A 1 34  ? 1.959   7.859   -2.995  1.00 15.50 ? 28  GLY A N   1 
ATOM   250 C CA  . GLY A 1 34  ? 3.103   7.544   -2.127  1.00 16.53 ? 28  GLY A CA  1 
ATOM   251 C C   . GLY A 1 34  ? 3.808   8.841   -1.799  1.00 18.45 ? 28  GLY A C   1 
ATOM   252 O O   . GLY A 1 34  ? 4.169   9.676   -2.643  1.00 19.59 ? 28  GLY A O   1 
ATOM   253 N N   . THR A 1 35  ? 4.142   8.980   -0.556  1.00 19.59 ? 29  THR A N   1 
ATOM   254 C CA  . THR A 1 35  ? 4.840   10.057  0.116   1.00 19.96 ? 29  THR A CA  1 
ATOM   255 C C   . THR A 1 35  ? 5.923   9.520   1.034   1.00 20.56 ? 29  THR A C   1 
ATOM   256 O O   . THR A 1 35  ? 5.757   8.383   1.548   1.00 21.38 ? 29  THR A O   1 
ATOM   257 C CB  . THR A 1 35  ? 3.702   10.535  1.161   1.00 20.61 ? 29  THR A CB  1 
ATOM   258 O OG1 . THR A 1 35  ? 2.819   11.354  0.400   1.00 21.54 ? 29  THR A OG1 1 
ATOM   259 C CG2 . THR A 1 35  ? 4.269   11.109  2.419   1.00 21.80 ? 29  THR A CG2 1 
ATOM   260 N N   . LEU A 1 36  ? 6.942   10.269  1.292   1.00 20.90 ? 30  LEU A N   1 
ATOM   261 C CA  . LEU A 1 36  ? 7.943   9.845   2.273   1.00 22.66 ? 30  LEU A CA  1 
ATOM   262 C C   . LEU A 1 36  ? 7.375   10.346  3.609   1.00 24.33 ? 30  LEU A C   1 
ATOM   263 O O   . LEU A 1 36  ? 6.409   11.157  3.631   1.00 24.28 ? 30  LEU A O   1 
ATOM   264 C CB  . LEU A 1 36  ? 9.252   10.532  1.916   1.00 22.14 ? 30  LEU A CB  1 
ATOM   265 C CG  . LEU A 1 36  ? 9.831   10.283  0.550   1.00 21.98 ? 30  LEU A CG  1 
ATOM   266 C CD1 . LEU A 1 36  ? 11.039  11.135  0.274   1.00 20.83 ? 30  LEU A CD1 1 
ATOM   267 C CD2 . LEU A 1 36  ? 10.157  8.794   0.441   1.00 22.21 ? 30  LEU A CD2 1 
ATOM   268 N N   . GLU A 1 37  ? 8.014   9.965   4.667   1.00 27.02 ? 31  GLU A N   1 
ATOM   269 C CA  . GLU A 1 37  ? 7.679   10.384  6.035   1.00 29.80 ? 31  GLU A CA  1 
ATOM   270 C C   . GLU A 1 37  ? 7.629   11.899  6.204   1.00 30.42 ? 31  GLU A C   1 
ATOM   271 O O   . GLU A 1 37  ? 6.880   12.424  7.071   1.00 30.83 ? 31  GLU A O   1 
ATOM   272 C CB  . GLU A 1 37  ? 8.725   9.828   6.995   1.00 31.61 ? 31  GLU A CB  1 
ATOM   273 C CG  . GLU A 1 37  ? 8.144   8.987   8.127   1.00 34.56 ? 31  GLU A CG  1 
ATOM   274 C CD  . GLU A 1 37  ? 9.101   8.655   9.236   1.00 36.39 ? 31  GLU A CD  1 
ATOM   275 O OE1 . GLU A 1 37  ? 10.325  8.693   9.168   1.00 36.84 ? 31  GLU A OE1 1 
ATOM   276 O OE2 . GLU A 1 37  ? 8.422   8.352   10.271  1.00 38.23 ? 31  GLU A OE2 1 
ATOM   277 N N   . ASN A 1 38  ? 8.355   12.649  5.372   1.00 30.61 ? 32  ASN A N   1 
ATOM   278 C CA  . ASN A 1 38  ? 8.318   14.110  5.376   1.00 30.32 ? 32  ASN A CA  1 
ATOM   279 C C   . ASN A 1 38  ? 7.111   14.639  4.609   1.00 30.80 ? 32  ASN A C   1 
ATOM   280 O O   . ASN A 1 38  ? 6.948   15.890  4.637   1.00 32.76 ? 32  ASN A O   1 
ATOM   281 C CB  . ASN A 1 38  ? 9.563   14.722  4.727   1.00 30.47 ? 32  ASN A CB  1 
ATOM   282 C CG  . ASN A 1 38  ? 9.752   14.239  3.301   1.00 31.08 ? 32  ASN A CG  1 
ATOM   283 O OD1 . ASN A 1 38  ? 8.784   13.926  2.559   1.00 31.61 ? 32  ASN A OD1 1 
ATOM   284 N ND2 . ASN A 1 38  ? 11.011  14.171  2.869   1.00 30.60 ? 32  ASN A ND2 1 
ATOM   285 N N   . GLY A 1 39  ? 6.330   13.860  3.884   1.00 30.18 ? 33  GLY A N   1 
ATOM   286 C CA  . GLY A 1 39  ? 5.167   14.461  3.163   1.00 28.73 ? 33  GLY A CA  1 
ATOM   287 C C   . GLY A 1 39  ? 5.522   14.660  1.691   1.00 28.46 ? 33  GLY A C   1 
ATOM   288 O O   . GLY A 1 39  ? 4.633   14.915  0.841   1.00 28.85 ? 33  GLY A O   1 
ATOM   289 N N   . GLN A 1 40  ? 6.799   14.493  1.386   1.00 26.84 ? 34  GLN A N   1 
ATOM   290 C CA  . GLN A 1 40  ? 7.228   14.633  -0.013  1.00 26.02 ? 34  GLN A CA  1 
ATOM   291 C C   . GLN A 1 40  ? 6.721   13.474  -0.866  1.00 23.53 ? 34  GLN A C   1 
ATOM   292 O O   . GLN A 1 40  ? 7.154   12.329  -0.750  1.00 22.66 ? 34  GLN A O   1 
ATOM   293 C CB  . GLN A 1 40  ? 8.741   14.767  -0.037  1.00 28.20 ? 34  GLN A CB  1 
ATOM   294 C CG  . GLN A 1 40  ? 9.335   14.475  -1.405  1.00 30.94 ? 34  GLN A CG  1 
ATOM   295 C CD  . GLN A 1 40  ? 10.858  14.558  -1.256  1.00 32.71 ? 34  GLN A CD  1 
ATOM   296 O OE1 . GLN A 1 40  ? 11.418  15.329  -0.457  1.00 32.99 ? 34  GLN A OE1 1 
ATOM   297 N NE2 . GLN A 1 40  ? 11.488  13.686  -2.067  1.00 33.70 ? 34  GLN A NE2 1 
ATOM   298 N N   . LYS A 1 41  ? 5.812   13.767  -1.741  1.00 21.16 ? 35  LYS A N   1 
ATOM   299 C CA  . LYS A 1 41  ? 5.175   12.869  -2.695  1.00 19.55 ? 35  LYS A CA  1 
ATOM   300 C C   . LYS A 1 41  ? 6.143   12.436  -3.776  1.00 18.22 ? 35  LYS A C   1 
ATOM   301 O O   . LYS A 1 41  ? 6.821   13.269  -4.376  1.00 18.28 ? 35  LYS A O   1 
ATOM   302 C CB  . LYS A 1 41  ? 3.912   13.473  -3.247  1.00 20.37 ? 35  LYS A CB  1 
ATOM   303 C CG  . LYS A 1 41  ? 3.469   12.837  -4.582  1.00 21.76 ? 35  LYS A CG  1 
ATOM   304 C CD  . LYS A 1 41  ? 2.170   13.479  -5.025  1.00 22.42 ? 35  LYS A CD  1 
ATOM   305 C CE  . LYS A 1 41  ? 1.898   13.393  -6.486  1.00 23.32 ? 35  LYS A CE  1 
ATOM   306 N NZ  . LYS A 1 41  ? 0.566   14.002  -6.819  1.00 23.30 ? 35  LYS A NZ  1 
ATOM   307 N N   . PHE A 1 42  ? 6.256   11.110  -4.014  1.00 16.26 ? 36  PHE A N   1 
ATOM   308 C CA  . PHE A 1 42  ? 7.168   10.554  -5.005  1.00 13.62 ? 36  PHE A CA  1 
ATOM   309 C C   . PHE A 1 42  ? 6.433   9.796   -6.088  1.00 12.92 ? 36  PHE A C   1 
ATOM   310 O O   . PHE A 1 42  ? 7.054   9.450   -7.122  1.00 12.72 ? 36  PHE A O   1 
ATOM   311 C CB  . PHE A 1 42  ? 8.224   9.644   -4.327  1.00 13.81 ? 36  PHE A CB  1 
ATOM   312 C CG  . PHE A 1 42  ? 7.641   8.398   -3.679  1.00 12.86 ? 36  PHE A CG  1 
ATOM   313 C CD1 . PHE A 1 42  ? 7.280   7.308   -4.435  1.00 12.37 ? 36  PHE A CD1 1 
ATOM   314 C CD2 . PHE A 1 42  ? 7.363   8.409   -2.309  1.00 12.72 ? 36  PHE A CD2 1 
ATOM   315 C CE1 . PHE A 1 42  ? 6.690   6.169   -3.839  1.00 11.90 ? 36  PHE A CE1 1 
ATOM   316 C CE2 . PHE A 1 42  ? 6.745   7.338   -1.678  1.00 12.30 ? 36  PHE A CE2 1 
ATOM   317 C CZ  . PHE A 1 42  ? 6.434   6.218   -2.457  1.00 12.46 ? 36  PHE A CZ  1 
ATOM   318 N N   . ASP A 1 43  ? 5.177   9.472   -5.939  1.00 12.57 ? 37  ASP A N   1 
ATOM   319 C CA  . ASP A 1 43  ? 4.416   8.741   -6.992  1.00 12.34 ? 37  ASP A CA  1 
ATOM   320 C C   . ASP A 1 43  ? 2.954   8.709   -6.668  1.00 11.69 ? 37  ASP A C   1 
ATOM   321 O O   . ASP A 1 43  ? 2.607   8.753   -5.491  1.00 11.28 ? 37  ASP A O   1 
ATOM   322 C CB  . ASP A 1 43  ? 4.966   7.299   -7.121  1.00 13.45 ? 37  ASP A CB  1 
ATOM   323 C CG  . ASP A 1 43  ? 4.457   6.630   -8.362  1.00 14.53 ? 37  ASP A CG  1 
ATOM   324 O OD1 . ASP A 1 43  ? 3.888   7.305   -9.244  1.00 14.76 ? 37  ASP A OD1 1 
ATOM   325 O OD2 . ASP A 1 43  ? 4.576   5.413   -8.543  1.00 15.89 ? 37  ASP A OD2 1 
ATOM   326 N N   . SER A 1 44  ? 2.119   8.561   -7.653  1.00 12.39 ? 38  SER A N   1 
ATOM   327 C CA  . SER A 1 44  ? 0.668   8.483   -7.504  1.00 12.92 ? 38  SER A CA  1 
ATOM   328 C C   . SER A 1 44  ? 0.084   7.877   -8.747  1.00 13.52 ? 38  SER A C   1 
ATOM   329 O O   . SER A 1 44  ? 0.608   8.252   -9.816  1.00 15.35 ? 38  SER A O   1 
ATOM   330 C CB  . SER A 1 44  ? 0.021   9.860   -7.339  1.00 13.28 ? 38  SER A CB  1 
ATOM   331 O OG  . SER A 1 44  ? -1.389  9.521   -7.075  1.00 15.77 ? 38  SER A OG  1 
ATOM   332 N N   . SER A 1 45  ? -0.884  7.017   -8.735  1.00 13.65 ? 39  SER A N   1 
ATOM   333 C CA  . SER A 1 45  ? -1.380  6.487   -10.043 1.00 13.43 ? 39  SER A CA  1 
ATOM   334 C C   . SER A 1 45  ? -2.641  7.280   -10.469 1.00 14.66 ? 39  SER A C   1 
ATOM   335 O O   . SER A 1 45  ? -3.219  7.048   -11.533 1.00 13.63 ? 39  SER A O   1 
ATOM   336 C CB  . SER A 1 45  ? -1.758  5.032   -9.736  1.00 12.40 ? 39  SER A CB  1 
ATOM   337 O OG  . SER A 1 45  ? -2.762  5.078   -8.741  1.00 11.86 ? 39  SER A OG  1 
ATOM   338 N N   . VAL A 1 46  ? -3.118  8.101   -9.536  1.00 16.47 ? 40  VAL A N   1 
ATOM   339 C CA  . VAL A 1 46  ? -4.311  8.952   -9.661  1.00 18.12 ? 40  VAL A CA  1 
ATOM   340 C C   . VAL A 1 46  ? -3.906  10.046  -10.667 1.00 18.79 ? 40  VAL A C   1 
ATOM   341 O O   . VAL A 1 46  ? -4.671  10.465  -11.498 1.00 18.94 ? 40  VAL A O   1 
ATOM   342 C CB  . VAL A 1 46  ? -4.697  9.538   -8.280  1.00 19.03 ? 40  VAL A CB  1 
ATOM   343 C CG1 . VAL A 1 46  ? -5.476  10.841  -8.403  1.00 18.62 ? 40  VAL A CG1 1 
ATOM   344 C CG2 . VAL A 1 46  ? -5.375  8.587   -7.301  1.00 18.67 ? 40  VAL A CG2 1 
ATOM   345 N N   . ASP A 1 47  ? -2.628  10.456  -10.534 1.00 19.10 ? 41  ASP A N   1 
ATOM   346 C CA  . ASP A 1 47  ? -1.960  11.418  -11.413 1.00 18.57 ? 41  ASP A CA  1 
ATOM   347 C C   . ASP A 1 47  ? -1.808  10.848  -12.835 1.00 17.96 ? 41  ASP A C   1 
ATOM   348 O O   . ASP A 1 47  ? -1.632  11.576  -13.793 1.00 17.91 ? 41  ASP A O   1 
ATOM   349 C CB  . ASP A 1 47  ? -0.548  11.758  -10.888 1.00 19.47 ? 41  ASP A CB  1 
ATOM   350 C CG  . ASP A 1 47  ? -0.642  12.736  -9.743  1.00 20.89 ? 41  ASP A CG  1 
ATOM   351 O OD1 . ASP A 1 47  ? -1.777  13.227  -9.532  1.00 21.65 ? 41  ASP A OD1 1 
ATOM   352 O OD2 . ASP A 1 47  ? 0.413   12.989  -9.094  1.00 21.13 ? 41  ASP A OD2 1 
ATOM   353 N N   . ARG A 1 48  ? -1.713  9.568   -12.968 1.00 17.86 ? 42  ARG A N   1 
ATOM   354 C CA  . ARG A 1 48  ? -1.576  8.841   -14.209 1.00 18.10 ? 42  ARG A CA  1 
ATOM   355 C C   . ARG A 1 48  ? -2.986  8.572   -14.762 1.00 17.99 ? 42  ARG A C   1 
ATOM   356 O O   . ARG A 1 48  ? -3.091  8.203   -15.926 1.00 19.07 ? 42  ARG A O   1 
ATOM   357 C CB  . ARG A 1 48  ? -0.843  7.480   -14.093 1.00 17.36 ? 42  ARG A CB  1 
ATOM   358 C CG  . ARG A 1 48  ? 0.678   7.648   -14.100 1.00 17.31 ? 42  ARG A CG  1 
ATOM   359 C CD  . ARG A 1 48  ? 1.326   6.324   -14.332 1.00 17.80 ? 42  ARG A CD  1 
ATOM   360 N NE  . ARG A 1 48  ? 1.003   5.396   -13.250 1.00 17.99 ? 42  ARG A NE  1 
ATOM   361 C CZ  . ARG A 1 48  ? 1.640   5.531   -12.051 1.00 18.53 ? 42  ARG A CZ  1 
ATOM   362 N NH1 . ARG A 1 48  ? 2.555   6.450   -11.771 1.00 18.27 ? 42  ARG A NH1 1 
ATOM   363 N NH2 . ARG A 1 48  ? 1.337   4.624   -11.109 1.00 19.00 ? 42  ARG A NH2 1 
ATOM   364 N N   . GLY A 1 49  ? -3.988  8.730   -13.937 1.00 17.94 ? 43  GLY A N   1 
ATOM   365 C CA  . GLY A 1 49  ? -5.374  8.448   -14.426 1.00 17.44 ? 43  GLY A CA  1 
ATOM   366 C C   . GLY A 1 49  ? -5.541  6.970   -14.711 1.00 17.32 ? 43  GLY A C   1 
ATOM   367 O O   . GLY A 1 49  ? -6.409  6.586   -15.515 1.00 16.04 ? 43  GLY A O   1 
ATOM   368 N N   . SER A 1 50  ? -4.699  6.152   -14.039 1.00 18.30 ? 44  SER A N   1 
ATOM   369 C CA  . SER A 1 50  ? -4.828  4.685   -14.224 1.00 18.93 ? 44  SER A CA  1 
ATOM   370 C C   . SER A 1 50  ? -4.477  3.908   -12.959 1.00 18.91 ? 44  SER A C   1 
ATOM   371 O O   . SER A 1 50  ? -3.341  3.950   -12.457 1.00 19.86 ? 44  SER A O   1 
ATOM   372 C CB  . SER A 1 50  ? -4.092  4.192   -15.437 1.00 19.79 ? 44  SER A CB  1 
ATOM   373 O OG  . SER A 1 50  ? -2.753  4.644   -15.535 1.00 20.94 ? 44  SER A OG  1 
ATOM   374 N N   . PRO A 1 51  ? -5.479  3.202   -12.430 1.00 17.98 ? 45  PRO A N   1 
ATOM   375 C CA  . PRO A 1 51  ? -5.314  2.399   -11.219 1.00 17.65 ? 45  PRO A CA  1 
ATOM   376 C C   . PRO A 1 51  ? -4.275  1.293   -11.370 1.00 17.45 ? 45  PRO A C   1 
ATOM   377 O O   . PRO A 1 51  ? -4.071  0.775   -12.513 1.00 19.28 ? 45  PRO A O   1 
ATOM   378 C CB  . PRO A 1 51  ? -6.715  1.869   -10.923 1.00 17.50 ? 45  PRO A CB  1 
ATOM   379 C CG  . PRO A 1 51  ? -7.632  2.322   -11.987 1.00 17.08 ? 45  PRO A CG  1 
ATOM   380 C CD  . PRO A 1 51  ? -6.842  3.148   -12.973 1.00 17.38 ? 45  PRO A CD  1 
ATOM   381 N N   . PHE A 1 52  ? -3.607  0.876   -10.325 1.00 15.55 ? 46  PHE A N   1 
ATOM   382 C CA  . PHE A 1 52  ? -2.610  -0.177  -10.311 1.00 15.13 ? 46  PHE A CA  1 
ATOM   383 C C   . PHE A 1 52  ? -3.289  -1.535  -10.052 1.00 15.06 ? 46  PHE A C   1 
ATOM   384 O O   . PHE A 1 52  ? -4.330  -1.599  -9.338  1.00 15.46 ? 46  PHE A O   1 
ATOM   385 C CB  . PHE A 1 52  ? -1.528  0.124   -9.289  1.00 15.54 ? 46  PHE A CB  1 
ATOM   386 C CG  . PHE A 1 52  ? -0.449  -0.885  -9.053  1.00 15.47 ? 46  PHE A CG  1 
ATOM   387 C CD1 . PHE A 1 52  ? 0.514   -1.144  -10.036 1.00 15.66 ? 46  PHE A CD1 1 
ATOM   388 C CD2 . PHE A 1 52  ? -0.360  -1.568  -7.842  1.00 15.04 ? 46  PHE A CD2 1 
ATOM   389 C CE1 . PHE A 1 52  ? 1.557   -2.055  -9.820  1.00 15.80 ? 46  PHE A CE1 1 
ATOM   390 C CE2 . PHE A 1 52  ? 0.634   -2.493  -7.615  1.00 15.20 ? 46  PHE A CE2 1 
ATOM   391 C CZ  . PHE A 1 52  ? 1.602   -2.734  -8.591  1.00 15.38 ? 46  PHE A CZ  1 
ATOM   392 N N   . GLN A 1 53  ? -2.786  -2.598  -10.652 1.00 14.19 ? 47  GLN A N   1 
ATOM   393 C CA  . GLN A 1 53  ? -3.319  -3.952  -10.455 1.00 14.56 ? 47  GLN A CA  1 
ATOM   394 C C   . GLN A 1 53  ? -2.099  -4.866  -10.183 1.00 14.85 ? 47  GLN A C   1 
ATOM   395 O O   . GLN A 1 53  ? -1.083  -4.512  -10.764 1.00 14.60 ? 47  GLN A O   1 
ATOM   396 C CB  . GLN A 1 53  ? -4.054  -4.527  -11.618 1.00 15.33 ? 47  GLN A CB  1 
ATOM   397 C CG  . GLN A 1 53  ? -5.126  -3.601  -12.187 1.00 18.22 ? 47  GLN A CG  1 
ATOM   398 C CD  . GLN A 1 53  ? -5.962  -4.448  -13.098 1.00 20.27 ? 47  GLN A CD  1 
ATOM   399 O OE1 . GLN A 1 53  ? -7.190  -4.448  -13.106 1.00 22.02 ? 47  GLN A OE1 1 
ATOM   400 N NE2 . GLN A 1 53  ? -5.203  -5.270  -13.817 1.00 20.92 ? 47  GLN A NE2 1 
ATOM   401 N N   . CYS A 1 54  ? -2.237  -5.847  -9.334  1.00 14.50 ? 48  CYS A N   1 
ATOM   402 C CA  . CYS A 1 54  ? -1.205  -6.809  -9.003  1.00 14.65 ? 48  CYS A CA  1 
ATOM   403 C C   . CYS A 1 54  ? -1.957  -7.980  -8.355  1.00 14.66 ? 48  CYS A C   1 
ATOM   404 O O   . CYS A 1 54  ? -3.122  -7.741  -8.017  1.00 15.46 ? 48  CYS A O   1 
ATOM   405 C CB  . CYS A 1 54  ? -0.135  -6.314  -8.053  1.00 14.49 ? 48  CYS A CB  1 
ATOM   406 S SG  . CYS A 1 54  ? -0.715  -5.789  -6.411  1.00 16.39 ? 48  CYS A SG  1 
ATOM   407 N N   . ASN A 1 55  ? -1.319  -9.123  -8.232  1.00 14.19 ? 49  ASN A N   1 
ATOM   408 C CA  . ASN A 1 55  ? -1.927  -10.254 -7.507  1.00 13.00 ? 49  ASN A CA  1 
ATOM   409 C C   . ASN A 1 55  ? -1.325  -10.038 -6.100  1.00 13.29 ? 49  ASN A C   1 
ATOM   410 O O   . ASN A 1 55  ? -0.076  -9.844  -6.047  1.00 13.84 ? 49  ASN A O   1 
ATOM   411 C CB  . ASN A 1 55  ? -1.634  -11.632 -8.017  1.00 12.11 ? 49  ASN A CB  1 
ATOM   412 C CG  . ASN A 1 55  ? -1.846  -11.683 -9.504  1.00 12.14 ? 49  ASN A CG  1 
ATOM   413 O OD1 . ASN A 1 55  ? -0.940  -11.413 -10.290 1.00 11.98 ? 49  ASN A OD1 1 
ATOM   414 N ND2 . ASN A 1 55  ? -3.093  -11.917 -9.852  1.00 13.19 ? 49  ASN A ND2 1 
ATOM   415 N N   . ILE A 1 56  ? -2.203  -10.106 -5.132  1.00 12.82 ? 50  ILE A N   1 
ATOM   416 C CA  . ILE A 1 56  ? -1.688  -9.853  -3.752  1.00 12.94 ? 50  ILE A CA  1 
ATOM   417 C C   . ILE A 1 56  ? -1.167  -11.105 -3.073  1.00 12.76 ? 50  ILE A C   1 
ATOM   418 O O   . ILE A 1 56  ? -1.632  -12.216 -3.320  1.00 13.23 ? 50  ILE A O   1 
ATOM   419 C CB  . ILE A 1 56  ? -2.806  -9.074  -2.958  1.00 12.11 ? 50  ILE A CB  1 
ATOM   420 C CG1 . ILE A 1 56  ? -2.091  -8.221  -1.911  1.00 11.40 ? 50  ILE A CG1 1 
ATOM   421 C CG2 . ILE A 1 56  ? -3.890  -10.020 -2.416  1.00 11.72 ? 50  ILE A CG2 1 
ATOM   422 C CD1 . ILE A 1 56  ? -1.292  -7.022  -2.505  1.00 10.04 ? 50  ILE A CD1 1 
ATOM   423 N N   . GLY A 1 57  ? -0.190  -10.921 -2.248  1.00 12.41 ? 51  GLY A N   1 
ATOM   424 C CA  . GLY A 1 57  ? 0.543   -11.815 -1.443  1.00 13.61 ? 51  GLY A CA  1 
ATOM   425 C C   . GLY A 1 57  ? 1.392   -12.899 -2.045  1.00 14.77 ? 51  GLY A C   1 
ATOM   426 O O   . GLY A 1 57  ? 1.451   -13.987 -1.409  1.00 15.75 ? 51  GLY A O   1 
ATOM   427 N N   . VAL A 1 58  ? 2.062   -12.710 -3.164  1.00 15.02 ? 52  VAL A N   1 
ATOM   428 C CA  . VAL A 1 58  ? 2.896   -13.618 -3.893  1.00 14.11 ? 52  VAL A CA  1 
ATOM   429 C C   . VAL A 1 58  ? 4.253   -13.033 -4.248  1.00 14.62 ? 52  VAL A C   1 
ATOM   430 O O   . VAL A 1 58  ? 4.942   -13.559 -5.139  1.00 15.47 ? 52  VAL A O   1 
ATOM   431 C CB  . VAL A 1 58  ? 2.167   -14.017 -5.191  1.00 14.22 ? 52  VAL A CB  1 
ATOM   432 C CG1 . VAL A 1 58  ? 0.732   -14.473 -4.982  1.00 13.95 ? 52  VAL A CG1 1 
ATOM   433 C CG2 . VAL A 1 58  ? 2.224   -12.920 -6.230  1.00 14.10 ? 52  VAL A CG2 1 
ATOM   434 N N   . GLY A 1 59  ? 4.621   -11.910 -3.669  1.00 14.60 ? 53  GLY A N   1 
ATOM   435 C CA  . GLY A 1 59  ? 5.898   -11.259 -3.956  1.00 13.02 ? 53  GLY A CA  1 
ATOM   436 C C   . GLY A 1 59  ? 5.984   -10.400 -5.151  1.00 12.78 ? 53  GLY A C   1 
ATOM   437 O O   . GLY A 1 59  ? 7.125   -10.167 -5.606  1.00 13.33 ? 53  GLY A O   1 
ATOM   438 N N   . GLN A 1 60  ? 4.874   -9.891  -5.699  1.00 12.74 ? 54  GLN A N   1 
ATOM   439 C CA  . GLN A 1 60  ? 4.869   -8.976  -6.832  1.00 12.11 ? 54  GLN A CA  1 
ATOM   440 C C   . GLN A 1 60  ? 5.184   -7.565  -6.367  1.00 13.14 ? 54  GLN A C   1 
ATOM   441 O O   . GLN A 1 60  ? 5.850   -6.855  -7.149  1.00 14.90 ? 54  GLN A O   1 
ATOM   442 C CB  . GLN A 1 60  ? 3.597   -8.958  -7.666  1.00 12.25 ? 54  GLN A CB  1 
ATOM   443 C CG  . GLN A 1 60  ? 3.359   -10.245 -8.481  1.00 11.55 ? 54  GLN A CG  1 
ATOM   444 C CD  . GLN A 1 60  ? 2.079   -10.168 -9.259  1.00 11.96 ? 54  GLN A CD  1 
ATOM   445 O OE1 . GLN A 1 60  ? 1.634   -11.089 -9.942  1.00 12.31 ? 54  GLN A OE1 1 
ATOM   446 N NE2 . GLN A 1 60  ? 1.408   -9.026  -9.250  1.00 12.17 ? 54  GLN A NE2 1 
ATOM   447 N N   . VAL A 1 61  ? 4.830   -7.176  -5.172  1.00 12.93 ? 55  VAL A N   1 
ATOM   448 C CA  . VAL A 1 61  ? 5.062   -5.812  -4.616  1.00 12.51 ? 55  VAL A CA  1 
ATOM   449 C C   . VAL A 1 61  ? 5.824   -5.905  -3.295  1.00 12.94 ? 55  VAL A C   1 
ATOM   450 O O   . VAL A 1 61  ? 6.036   -7.045  -2.821  1.00 14.62 ? 55  VAL A O   1 
ATOM   451 C CB  . VAL A 1 61  ? 3.665   -5.183  -4.453  1.00 11.30 ? 55  VAL A CB  1 
ATOM   452 C CG1 . VAL A 1 61  ? 2.917   -5.039  -5.780  1.00 10.64 ? 55  VAL A CG1 1 
ATOM   453 C CG2 . VAL A 1 61  ? 2.842   -6.002  -3.485  1.00 10.90 ? 55  VAL A CG2 1 
ATOM   454 N N   . ILE A 1 62  ? 6.306   -4.834  -2.741  1.00 12.87 ? 56  ILE A N   1 
ATOM   455 C CA  . ILE A 1 62  ? 7.077   -4.763  -1.471  1.00 11.88 ? 56  ILE A CA  1 
ATOM   456 C C   . ILE A 1 62  ? 6.166   -5.394  -0.413  1.00 11.92 ? 56  ILE A C   1 
ATOM   457 O O   . ILE A 1 62  ? 4.941   -5.367  -0.581  1.00 11.95 ? 56  ILE A O   1 
ATOM   458 C CB  . ILE A 1 62  ? 7.412   -3.244  -1.181  1.00 11.17 ? 56  ILE A CB  1 
ATOM   459 C CG1 . ILE A 1 62  ? 6.095   -2.452  -1.114  1.00 11.17 ? 56  ILE A CG1 1 
ATOM   460 C CG2 . ILE A 1 62  ? 8.349   -2.711  -2.269  1.00 11.68 ? 56  ILE A CG2 1 
ATOM   461 C CD1 . ILE A 1 62  ? 6.140   -0.966  -0.621  1.00 10.59 ? 56  ILE A CD1 1 
ATOM   462 N N   . LYS A 1 63  ? 6.723   -5.969  0.597   1.00 11.51 ? 57  LYS A N   1 
ATOM   463 C CA  . LYS A 1 63  ? 6.036   -6.704  1.668   1.00 11.16 ? 57  LYS A CA  1 
ATOM   464 C C   . LYS A 1 63  ? 4.987   -5.923  2.383   1.00 10.87 ? 57  LYS A C   1 
ATOM   465 O O   . LYS A 1 63  ? 3.950   -6.543  2.706   1.00 10.84 ? 57  LYS A O   1 
ATOM   466 C CB  . LYS A 1 63  ? 7.123   -7.267  2.622   1.00 11.41 ? 57  LYS A CB  1 
ATOM   467 C CG  . LYS A 1 63  ? 8.112   -8.222  1.963   0.01 11.34 ? 57  LYS A CG  1 
ATOM   468 C CD  . LYS A 1 63  ? 9.107   -8.748  2.991   0.01 11.36 ? 57  LYS A CD  1 
ATOM   469 C CE  . LYS A 1 63  ? 9.965   -9.870  2.452   0.01 11.37 ? 57  LYS A CE  1 
ATOM   470 N NZ  . LYS A 1 63  ? 10.823  -10.430 3.528   0.01 11.38 ? 57  LYS A NZ  1 
ATOM   471 N N   . GLY A 1 64  ? 5.223   -4.628  2.661   1.00 10.38 ? 58  GLY A N   1 
ATOM   472 C CA  . GLY A 1 64  ? 4.203   -3.794  3.342   1.00 9.76  ? 58  GLY A CA  1 
ATOM   473 C C   . GLY A 1 64  ? 2.895   -3.823  2.579   1.00 10.78 ? 58  GLY A C   1 
ATOM   474 O O   . GLY A 1 64  ? 1.788   -3.802  3.169   1.00 12.15 ? 58  GLY A O   1 
ATOM   475 N N   . TRP A 1 65  ? 2.927   -3.906  1.261   1.00 10.54 ? 59  TRP A N   1 
ATOM   476 C CA  . TRP A 1 65  ? 1.755   -3.984  0.427   1.00 11.34 ? 59  TRP A CA  1 
ATOM   477 C C   . TRP A 1 65  ? 1.161   -5.398  0.623   1.00 12.17 ? 59  TRP A C   1 
ATOM   478 O O   . TRP A 1 65  ? -0.051  -5.477  0.749   1.00 11.83 ? 59  TRP A O   1 
ATOM   479 C CB  . TRP A 1 65  ? 2.010   -3.679  -1.053  1.00 11.41 ? 59  TRP A CB  1 
ATOM   480 C CG  . TRP A 1 65  ? 1.746   -2.240  -1.382  1.00 11.56 ? 59  TRP A CG  1 
ATOM   481 C CD1 . TRP A 1 65  ? 2.331   -1.142  -0.819  1.00 11.11 ? 59  TRP A CD1 1 
ATOM   482 C CD2 . TRP A 1 65  ? 0.858   -1.748  -2.403  1.00 11.67 ? 59  TRP A CD2 1 
ATOM   483 N NE1 . TRP A 1 65  ? 1.856   -0.020  -1.411  1.00 11.55 ? 59  TRP A NE1 1 
ATOM   484 C CE2 . TRP A 1 65  ? 0.922   -0.347  -2.360  1.00 11.44 ? 59  TRP A CE2 1 
ATOM   485 C CE3 . TRP A 1 65  ? -0.013  -2.386  -3.302  1.00 11.23 ? 59  TRP A CE3 1 
ATOM   486 C CZ2 . TRP A 1 65  ? 0.163   0.465   -3.189  1.00 11.36 ? 59  TRP A CZ2 1 
ATOM   487 C CZ3 . TRP A 1 65  ? -0.764  -1.581  -4.123  1.00 11.61 ? 59  TRP A CZ3 1 
ATOM   488 C CH2 . TRP A 1 65  ? -0.664  -0.185  -4.079  1.00 11.80 ? 59  TRP A CH2 1 
ATOM   489 N N   . ASP A 1 66  ? 1.999   -6.403  0.611   1.00 12.77 ? 60  ASP A N   1 
ATOM   490 C CA  . ASP A 1 66  ? 1.553   -7.803  0.775   1.00 13.79 ? 60  ASP A CA  1 
ATOM   491 C C   . ASP A 1 66  ? 0.874   -8.059  2.100   1.00 13.57 ? 60  ASP A C   1 
ATOM   492 O O   . ASP A 1 66  ? -0.163  -8.798  2.113   1.00 14.04 ? 60  ASP A O   1 
ATOM   493 C CB  . ASP A 1 66  ? 2.647   -8.799  0.424   1.00 13.93 ? 60  ASP A CB  1 
ATOM   494 C CG  . ASP A 1 66  ? 2.706   -9.248  -1.007  1.00 14.74 ? 60  ASP A CG  1 
ATOM   495 O OD1 . ASP A 1 66  ? 1.815   -8.941  -1.826  1.00 15.27 ? 60  ASP A OD1 1 
ATOM   496 O OD2 . ASP A 1 66  ? 3.669   -9.955  -1.437  1.00 16.01 ? 60  ASP A OD2 1 
ATOM   497 N N   . VAL A 1 67  ? 1.366   -7.498  3.199   1.00 13.26 ? 61  VAL A N   1 
ATOM   498 C CA  . VAL A 1 67  ? 0.703   -7.705  4.515   1.00 12.40 ? 61  VAL A CA  1 
ATOM   499 C C   . VAL A 1 67  ? -0.453  -6.778  4.759   1.00 12.78 ? 61  VAL A C   1 
ATOM   500 O O   . VAL A 1 67  ? -1.431  -7.173  5.426   1.00 12.87 ? 61  VAL A O   1 
ATOM   501 C CB  . VAL A 1 67  ? 1.714   -7.690  5.671   1.00 12.11 ? 61  VAL A CB  1 
ATOM   502 C CG1 . VAL A 1 67  ? 2.780   -8.795  5.451   1.00 11.93 ? 61  VAL A CG1 1 
ATOM   503 C CG2 . VAL A 1 67  ? 2.375   -6.355  5.786   1.00 12.43 ? 61  VAL A CG2 1 
ATOM   504 N N   . GLY A 1 68  ? -0.368  -5.560  4.211   1.00 12.95 ? 62  GLY A N   1 
ATOM   505 C CA  . GLY A 1 68  ? -1.267  -4.482  4.330   1.00 11.39 ? 62  GLY A CA  1 
ATOM   506 C C   . GLY A 1 68  ? -2.587  -4.533  3.629   1.00 11.46 ? 62  GLY A C   1 
ATOM   507 O O   . GLY A 1 68  ? -3.614  -4.364  4.276   1.00 11.13 ? 62  GLY A O   1 
ATOM   508 N N   . ILE A 1 69  ? -2.594  -4.678  2.331   1.00 11.41 ? 63  ILE A N   1 
ATOM   509 C CA  . ILE A 1 69  ? -3.768  -4.689  1.497   1.00 11.93 ? 63  ILE A CA  1 
ATOM   510 C C   . ILE A 1 69  ? -4.834  -5.724  1.808   1.00 13.53 ? 63  ILE A C   1 
ATOM   511 O O   . ILE A 1 69  ? -6.030  -5.459  1.629   1.00 13.58 ? 63  ILE A O   1 
ATOM   512 C CB  . ILE A 1 69  ? -3.385  -4.735  -0.050  1.00 10.32 ? 63  ILE A CB  1 
ATOM   513 C CG1 . ILE A 1 69  ? -2.450  -3.577  -0.409  1.00 9.86  ? 63  ILE A CG1 1 
ATOM   514 C CG2 . ILE A 1 69  ? -4.670  -4.770  -0.884  1.00 9.44  ? 63  ILE A CG2 1 
ATOM   515 C CD1 . ILE A 1 69  ? -2.953  -2.136  -0.334  1.00 8.47  ? 63  ILE A CD1 1 
ATOM   516 N N   . PRO A 1 70  ? -4.420  -6.951  2.118   1.00 14.71 ? 64  PRO A N   1 
ATOM   517 C CA  . PRO A 1 70  ? -5.358  -8.033  2.410   1.00 15.38 ? 64  PRO A CA  1 
ATOM   518 C C   . PRO A 1 70  ? -6.231  -7.652  3.605   1.00 16.74 ? 64  PRO A C   1 
ATOM   519 O O   . PRO A 1 70  ? -7.322  -8.284  3.777   1.00 18.37 ? 64  PRO A O   1 
ATOM   520 C CB  . PRO A 1 70  ? -4.494  -9.230  2.689   1.00 15.25 ? 64  PRO A CB  1 
ATOM   521 C CG  . PRO A 1 70  ? -3.130  -8.895  2.099   1.00 15.01 ? 64  PRO A CG  1 
ATOM   522 C CD  . PRO A 1 70  ? -3.012  -7.380  2.211   1.00 14.58 ? 64  PRO A CD  1 
ATOM   523 N N   . LYS A 1 71  ? -5.881  -6.658  4.375   1.00 16.50 ? 65  LYS A N   1 
ATOM   524 C CA  . LYS A 1 71  ? -6.704  -6.257  5.522   1.00 17.53 ? 65  LYS A CA  1 
ATOM   525 C C   . LYS A 1 71  ? -7.737  -5.198  5.205   1.00 17.71 ? 65  LYS A C   1 
ATOM   526 O O   . LYS A 1 71  ? -8.409  -4.673  6.113   1.00 17.60 ? 65  LYS A O   1 
ATOM   527 C CB  . LYS A 1 71  ? -5.716  -5.792  6.643   1.00 19.20 ? 65  LYS A CB  1 
ATOM   528 C CG  . LYS A 1 71  ? -4.827  -6.989  6.972   1.00 19.93 ? 65  LYS A CG  1 
ATOM   529 C CD  . LYS A 1 71  ? -3.966  -7.046  8.165   1.00 20.59 ? 65  LYS A CD  1 
ATOM   530 C CE  . LYS A 1 71  ? -3.292  -8.412  8.299   1.00 21.53 ? 65  LYS A CE  1 
ATOM   531 N NZ  . LYS A 1 71  ? -2.020  -8.551  7.543   1.00 21.75 ? 65  LYS A NZ  1 
ATOM   532 N N   . LEU A 1 72  ? -7.950  -4.901  3.912   1.00 16.83 ? 66  LEU A N   1 
ATOM   533 C CA  . LEU A 1 72  ? -8.879  -3.902  3.429   1.00 15.51 ? 66  LEU A CA  1 
ATOM   534 C C   . LEU A 1 72  ? -10.020 -4.549  2.666   1.00 15.14 ? 66  LEU A C   1 
ATOM   535 O O   . LEU A 1 72  ? -9.763  -5.557  1.965   1.00 15.07 ? 66  LEU A O   1 
ATOM   536 C CB  . LEU A 1 72  ? -8.079  -2.928  2.543   1.00 15.43 ? 66  LEU A CB  1 
ATOM   537 C CG  . LEU A 1 72  ? -6.914  -2.144  3.042   1.00 16.07 ? 66  LEU A CG  1 
ATOM   538 C CD1 . LEU A 1 72  ? -6.441  -1.153  1.954   1.00 17.13 ? 66  LEU A CD1 1 
ATOM   539 C CD2 . LEU A 1 72  ? -7.180  -1.262  4.254   1.00 15.71 ? 66  LEU A CD2 1 
ATOM   540 N N   . SER A 1 73  ? -11.220 -3.996  2.738   1.00 14.34 ? 67  SER A N   1 
ATOM   541 C CA  . SER A 1 73  ? -12.323 -4.553  1.918   1.00 14.50 ? 67  SER A CA  1 
ATOM   542 C C   . SER A 1 73  ? -12.552 -3.586  0.736   1.00 14.45 ? 67  SER A C   1 
ATOM   543 O O   . SER A 1 73  ? -12.092 -2.408  0.753   1.00 14.67 ? 67  SER A O   1 
ATOM   544 C CB  . SER A 1 73  ? -13.577 -4.783  2.698   1.00 14.75 ? 67  SER A CB  1 
ATOM   545 O OG  . SER A 1 73  ? -13.812 -3.572  3.385   1.00 15.52 ? 67  SER A OG  1 
ATOM   546 N N   . VAL A 1 74  ? -13.201 -4.116  -0.269  1.00 13.35 ? 68  VAL A N   1 
ATOM   547 C CA  . VAL A 1 74  ? -13.512 -3.394  -1.481  1.00 14.13 ? 68  VAL A CA  1 
ATOM   548 C C   . VAL A 1 74  ? -14.191 -2.087  -1.133  1.00 14.92 ? 68  VAL A C   1 
ATOM   549 O O   . VAL A 1 74  ? -15.134 -2.094  -0.305  1.00 15.51 ? 68  VAL A O   1 
ATOM   550 C CB  . VAL A 1 74  ? -14.346 -4.274  -2.444  1.00 14.58 ? 68  VAL A CB  1 
ATOM   551 C CG1 . VAL A 1 74  ? -15.103 -3.403  -3.435  1.00 14.98 ? 68  VAL A CG1 1 
ATOM   552 C CG2 . VAL A 1 74  ? -13.387 -5.153  -3.240  1.00 15.12 ? 68  VAL A CG2 1 
ATOM   553 N N   . GLY A 1 75  ? -13.712 -1.028  -1.760  1.00 15.19 ? 69  GLY A N   1 
ATOM   554 C CA  . GLY A 1 75  ? -14.195 0.356   -1.581  1.00 14.59 ? 69  GLY A CA  1 
ATOM   555 C C   . GLY A 1 75  ? -13.535 1.127   -0.489  1.00 14.67 ? 69  GLY A C   1 
ATOM   556 O O   . GLY A 1 75  ? -13.614 2.374   -0.383  1.00 14.48 ? 69  GLY A O   1 
ATOM   557 N N   . GLU A 1 76  ? -12.810 0.474   0.401   1.00 15.47 ? 70  GLU A N   1 
ATOM   558 C CA  . GLU A 1 76  ? -12.163 1.183   1.541   1.00 16.26 ? 70  GLU A CA  1 
ATOM   559 C C   . GLU A 1 76  ? -11.031 2.093   1.129   1.00 16.40 ? 70  GLU A C   1 
ATOM   560 O O   . GLU A 1 76  ? -10.327 1.786   0.160   1.00 16.84 ? 70  GLU A O   1 
ATOM   561 C CB  . GLU A 1 76  ? -11.622 0.146   2.526   1.00 16.04 ? 70  GLU A CB  1 
ATOM   562 C CG  . GLU A 1 76  ? -10.925 0.613   3.769   1.00 16.89 ? 70  GLU A CG  1 
ATOM   563 C CD  . GLU A 1 76  ? -10.792 -0.379  4.890   1.00 17.30 ? 70  GLU A CD  1 
ATOM   564 O OE1 . GLU A 1 76  ? -11.052 -1.559  4.643   1.00 17.08 ? 70  GLU A OE1 1 
ATOM   565 O OE2 . GLU A 1 76  ? -10.477 -0.027  5.992   1.00 17.85 ? 70  GLU A OE2 1 
ATOM   566 N N   . LYS A 1 77  ? -10.784 3.111   1.911   1.00 16.84 ? 71  LYS A N   1 
ATOM   567 C CA  . LYS A 1 77  ? -9.658  4.054   1.747   1.00 18.25 ? 71  LYS A CA  1 
ATOM   568 C C   . LYS A 1 77  ? -8.905  3.977   3.072   1.00 18.90 ? 71  LYS A C   1 
ATOM   569 O O   . LYS A 1 77  ? -9.543  4.030   4.161   1.00 19.86 ? 71  LYS A O   1 
ATOM   570 C CB  . LYS A 1 77  ? -10.192 5.374   1.354   1.00 20.46 ? 71  LYS A CB  1 
ATOM   571 C CG  . LYS A 1 77  ? -9.410  6.646   1.211   1.00 22.88 ? 71  LYS A CG  1 
ATOM   572 C CD  . LYS A 1 77  ? -8.160  6.500   0.314   1.00 25.63 ? 71  LYS A CD  1 
ATOM   573 C CE  . LYS A 1 77  ? -7.165  7.635   0.682   1.00 27.04 ? 71  LYS A CE  1 
ATOM   574 N NZ  . LYS A 1 77  ? -7.909  8.935   0.356   1.00 28.02 ? 71  LYS A NZ  1 
ATOM   575 N N   . ALA A 1 78  ? -7.601  3.760   3.112   1.00 17.97 ? 72  ALA A N   1 
ATOM   576 C CA  . ALA A 1 78  ? -6.823  3.647   4.354   1.00 16.90 ? 72  ALA A CA  1 
ATOM   577 C C   . ALA A 1 78  ? -5.413  4.147   4.121   1.00 16.35 ? 72  ALA A C   1 
ATOM   578 O O   . ALA A 1 78  ? -5.085  4.345   2.957   1.00 17.84 ? 72  ALA A O   1 
ATOM   579 C CB  . ALA A 1 78  ? -6.729  2.199   4.842   1.00 15.78 ? 72  ALA A CB  1 
ATOM   580 N N   . ARG A 1 79  ? -4.636  4.363   5.127   1.00 16.22 ? 73  ARG A N   1 
ATOM   581 C CA  . ARG A 1 79  ? -3.241  4.799   4.958   1.00 16.78 ? 73  ARG A CA  1 
ATOM   582 C C   . ARG A 1 79  ? -2.279  3.781   5.546   1.00 14.88 ? 73  ARG A C   1 
ATOM   583 O O   . ARG A 1 79  ? -2.455  3.384   6.711   1.00 15.36 ? 73  ARG A O   1 
ATOM   584 C CB  . ARG A 1 79  ? -3.135  6.190   5.556   1.00 19.12 ? 73  ARG A CB  1 
ATOM   585 C CG  . ARG A 1 79  ? -1.695  6.463   5.983   1.00 23.17 ? 73  ARG A CG  1 
ATOM   586 C CD  . ARG A 1 79  ? -1.600  7.895   6.431   1.00 26.42 ? 73  ARG A CD  1 
ATOM   587 N NE  . ARG A 1 79  ? -2.104  8.741   5.375   1.00 29.43 ? 73  ARG A NE  1 
ATOM   588 C CZ  . ARG A 1 79  ? -1.629  9.988   5.213   1.00 31.74 ? 73  ARG A CZ  1 
ATOM   589 N NH1 . ARG A 1 79  ? -0.780  10.561  6.069   1.00 32.07 ? 73  ARG A NH1 1 
ATOM   590 N NH2 . ARG A 1 79  ? -1.870  10.556  4.006   1.00 32.98 ? 73  ARG A NH2 1 
ATOM   591 N N   . LEU A 1 80  ? -1.330  3.269   4.810   1.00 13.42 ? 74  LEU A N   1 
ATOM   592 C CA  . LEU A 1 80  ? -0.371  2.259   5.247   1.00 12.25 ? 74  LEU A CA  1 
ATOM   593 C C   . LEU A 1 80  ? 0.952   2.924   5.597   1.00 11.78 ? 74  LEU A C   1 
ATOM   594 O O   . LEU A 1 80  ? 1.505   3.451   4.598   1.00 12.50 ? 74  LEU A O   1 
ATOM   595 C CB  . LEU A 1 80  ? -0.039  1.240   4.096   1.00 11.59 ? 74  LEU A CB  1 
ATOM   596 C CG  . LEU A 1 80  ? -1.069  0.313   3.551   1.00 12.24 ? 74  LEU A CG  1 
ATOM   597 C CD1 . LEU A 1 80  ? -0.530  -0.863  2.680   1.00 12.20 ? 74  LEU A CD1 1 
ATOM   598 C CD2 . LEU A 1 80  ? -1.877  -0.392  4.648   1.00 11.62 ? 74  LEU A CD2 1 
ATOM   599 N N   . THR A 1 81  ? 1.423   2.909   6.791   1.00 10.78 ? 75  THR A N   1 
ATOM   600 C CA  . THR A 1 81  ? 2.776   3.455   7.084   1.00 10.58 ? 75  THR A CA  1 
ATOM   601 C C   . THR A 1 81  ? 3.655   2.216   7.145   1.00 11.58 ? 75  THR A C   1 
ATOM   602 O O   . THR A 1 81  ? 3.420   1.291   7.969   1.00 12.89 ? 75  THR A O   1 
ATOM   603 C CB  . THR A 1 81  ? 2.816   4.328   8.376   1.00 10.01 ? 75  THR A CB  1 
ATOM   604 O OG1 . THR A 1 81  ? 1.742   5.326   8.018   1.00 11.08 ? 75  THR A OG1 1 
ATOM   605 C CG2 . THR A 1 81  ? 4.107   5.018   8.713   1.00 8.56  ? 75  THR A CG2 1 
ATOM   606 N N   . ILE A 1 82  ? 4.626   2.145   6.282   1.00 11.88 ? 76  ILE A N   1 
ATOM   607 C CA  . ILE A 1 82  ? 5.560   1.071   6.101   1.00 12.02 ? 76  ILE A CA  1 
ATOM   608 C C   . ILE A 1 82  ? 7.008   1.395   6.397   1.00 12.87 ? 76  ILE A C   1 
ATOM   609 O O   . ILE A 1 82  ? 7.613   2.190   5.653   1.00 14.32 ? 76  ILE A O   1 
ATOM   610 C CB  . ILE A 1 82  ? 5.489   0.563   4.579   1.00 11.02 ? 76  ILE A CB  1 
ATOM   611 C CG1 . ILE A 1 82  ? 4.008   0.315   4.225   1.00 11.63 ? 76  ILE A CG1 1 
ATOM   612 C CG2 . ILE A 1 82  ? 6.295   -0.712  4.377   1.00 10.79 ? 76  ILE A CG2 1 
ATOM   613 C CD1 . ILE A 1 82  ? 3.665   0.102   2.727   1.00 10.59 ? 76  ILE A CD1 1 
ATOM   614 N N   . PRO A 1 83  ? 7.615   0.696   7.349   1.00 12.51 ? 77  PRO A N   1 
ATOM   615 C CA  . PRO A 1 83  ? 9.052   0.855   7.636   1.00 12.19 ? 77  PRO A CA  1 
ATOM   616 C C   . PRO A 1 83  ? 9.948   0.261   6.558   1.00 12.27 ? 77  PRO A C   1 
ATOM   617 O O   . PRO A 1 83  ? 9.594   -0.719  5.855   1.00 12.59 ? 77  PRO A O   1 
ATOM   618 C CB  . PRO A 1 83  ? 9.241   0.154   8.970   1.00 11.12 ? 77  PRO A CB  1 
ATOM   619 C CG  . PRO A 1 83  ? 7.962   -0.419  9.366   1.00 11.63 ? 77  PRO A CG  1 
ATOM   620 C CD  . PRO A 1 83  ? 6.980   -0.271  8.220   1.00 11.89 ? 77  PRO A CD  1 
ATOM   621 N N   . GLY A 1 84  ? 11.134  0.805   6.396   1.00 12.36 ? 78  GLY A N   1 
ATOM   622 C CA  . GLY A 1 84  ? 12.175  0.395   5.467   1.00 12.60 ? 78  GLY A CA  1 
ATOM   623 C C   . GLY A 1 84  ? 12.307  -1.055  5.221   1.00 14.66 ? 78  GLY A C   1 
ATOM   624 O O   . GLY A 1 84  ? 12.182  -1.505  4.024   1.00 17.11 ? 78  GLY A O   1 
ATOM   625 N N   . PRO A 1 85  ? 12.556  -1.911  6.202   1.00 14.58 ? 79  PRO A N   1 
ATOM   626 C CA  . PRO A 1 85  ? 12.656  -3.372  5.997   1.00 14.11 ? 79  PRO A CA  1 
ATOM   627 C C   . PRO A 1 85  ? 11.475  -3.943  5.249   1.00 15.17 ? 79  PRO A C   1 
ATOM   628 O O   . PRO A 1 85  ? 11.544  -5.019  4.610   1.00 16.50 ? 79  PRO A O   1 
ATOM   629 C CB  . PRO A 1 85  ? 12.645  -3.920  7.458   1.00 13.41 ? 79  PRO A CB  1 
ATOM   630 C CG  . PRO A 1 85  ? 13.349  -2.834  8.248   1.00 12.17 ? 79  PRO A CG  1 
ATOM   631 C CD  . PRO A 1 85  ? 12.703  -1.552  7.641   1.00 13.74 ? 79  PRO A CD  1 
ATOM   632 N N   . TYR A 1 86  ? 10.283  -3.320  5.340   1.00 14.62 ? 80  TYR A N   1 
ATOM   633 C CA  . TYR A 1 86  ? 9.128   -3.878  4.612   1.00 13.11 ? 80  TYR A CA  1 
ATOM   634 C C   . TYR A 1 86  ? 8.846   -3.198  3.277   1.00 12.64 ? 80  TYR A C   1 
ATOM   635 O O   . TYR A 1 86  ? 7.811   -3.458  2.643   1.00 12.17 ? 80  TYR A O   1 
ATOM   636 C CB  . TYR A 1 86  ? 7.918   -3.841  5.544   1.00 13.10 ? 80  TYR A CB  1 
ATOM   637 C CG  . TYR A 1 86  ? 7.686   -5.153  6.235   1.00 13.08 ? 80  TYR A CG  1 
ATOM   638 C CD1 . TYR A 1 86  ? 8.597   -5.679  7.158   1.00 13.79 ? 80  TYR A CD1 1 
ATOM   639 C CD2 . TYR A 1 86  ? 6.546   -5.892  5.979   1.00 12.83 ? 80  TYR A CD2 1 
ATOM   640 C CE1 . TYR A 1 86  ? 8.390   -6.898  7.809   1.00 12.80 ? 80  TYR A CE1 1 
ATOM   641 C CE2 . TYR A 1 86  ? 6.302   -7.096  6.607   1.00 13.06 ? 80  TYR A CE2 1 
ATOM   642 C CZ  . TYR A 1 86  ? 7.233   -7.598  7.512   1.00 13.35 ? 80  TYR A CZ  1 
ATOM   643 O OH  . TYR A 1 86  ? 6.892   -8.785  8.132   1.00 14.01 ? 80  TYR A OH  1 
ATOM   644 N N   . ALA A 1 87  ? 9.710   -2.337  2.845   1.00 12.38 ? 81  ALA A N   1 
ATOM   645 C CA  . ALA A 1 87  ? 9.720   -1.513  1.675   1.00 12.78 ? 81  ALA A CA  1 
ATOM   646 C C   . ALA A 1 87  ? 11.028  -1.667  0.900   1.00 13.30 ? 81  ALA A C   1 
ATOM   647 O O   . ALA A 1 87  ? 11.280  -2.811  0.467   1.00 14.71 ? 81  ALA A O   1 
ATOM   648 C CB  . ALA A 1 87  ? 9.480   -0.027  1.971   1.00 11.41 ? 81  ALA A CB  1 
ATOM   649 N N   . TYR A 1 88  ? 11.798  -0.636  0.730   1.00 13.93 ? 82  TYR A N   1 
ATOM   650 C CA  . TYR A 1 88  ? 13.051  -0.717  -0.082  1.00 14.59 ? 82  TYR A CA  1 
ATOM   651 C C   . TYR A 1 88  ? 14.291  -0.804  0.780   1.00 16.43 ? 82  TYR A C   1 
ATOM   652 O O   . TYR A 1 88  ? 15.415  -0.787  0.239   1.00 17.11 ? 82  TYR A O   1 
ATOM   653 C CB  . TYR A 1 88  ? 13.145  0.506   -1.084  1.00 12.79 ? 82  TYR A CB  1 
ATOM   654 C CG  . TYR A 1 88  ? 12.047  0.439   -2.099  1.00 12.07 ? 82  TYR A CG  1 
ATOM   655 C CD1 . TYR A 1 88  ? 12.125  -0.348  -3.248  1.00 12.49 ? 82  TYR A CD1 1 
ATOM   656 C CD2 . TYR A 1 88  ? 10.811  1.016   -1.812  1.00 12.40 ? 82  TYR A CD2 1 
ATOM   657 C CE1 . TYR A 1 88  ? 11.059  -0.483  -4.146  1.00 12.92 ? 82  TYR A CE1 1 
ATOM   658 C CE2 . TYR A 1 88  ? 9.715   0.880   -2.667  1.00 12.29 ? 82  TYR A CE2 1 
ATOM   659 C CZ  . TYR A 1 88  ? 9.845   0.157   -3.817  1.00 12.72 ? 82  TYR A CZ  1 
ATOM   660 O OH  . TYR A 1 88  ? 8.742   0.020   -4.597  1.00 13.50 ? 82  TYR A OH  1 
ATOM   661 N N   . GLY A 1 89  ? 14.152  -0.866  2.110   1.00 17.49 ? 83  GLY A N   1 
ATOM   662 C CA  . GLY A 1 89  ? 15.323  -0.961  2.966   1.00 19.40 ? 83  GLY A CA  1 
ATOM   663 C C   . GLY A 1 89  ? 16.438  0.046   2.635   1.00 20.36 ? 83  GLY A C   1 
ATOM   664 O O   . GLY A 1 89  ? 16.201  1.211   2.235   1.00 21.11 ? 83  GLY A O   1 
ATOM   665 N N   . PRO A 1 90  ? 17.651  -0.412  2.880   1.00 20.32 ? 84  PRO A N   1 
ATOM   666 C CA  . PRO A 1 90  ? 18.868  0.366   2.728   1.00 20.94 ? 84  PRO A CA  1 
ATOM   667 C C   . PRO A 1 90  ? 19.239  0.756   1.328   1.00 20.98 ? 84  PRO A C   1 
ATOM   668 O O   . PRO A 1 90  ? 20.091  1.674   1.154   1.00 21.60 ? 84  PRO A O   1 
ATOM   669 C CB  . PRO A 1 90  ? 19.966  -0.506  3.386   1.00 21.51 ? 84  PRO A CB  1 
ATOM   670 C CG  . PRO A 1 90  ? 19.455  -1.935  3.173   1.00 21.26 ? 84  PRO A CG  1 
ATOM   671 C CD  . PRO A 1 90  ? 17.967  -1.751  3.419   1.00 20.79 ? 84  PRO A CD  1 
ATOM   672 N N   . ARG A 1 91  ? 18.638  0.129   0.352   1.00 20.70 ? 85  ARG A N   1 
ATOM   673 C CA  . ARG A 1 91  ? 18.944  0.456   -1.050  1.00 20.09 ? 85  ARG A CA  1 
ATOM   674 C C   . ARG A 1 91  ? 18.089  1.581   -1.566  1.00 19.29 ? 85  ARG A C   1 
ATOM   675 O O   . ARG A 1 91  ? 18.658  2.570   -2.088  1.00 20.80 ? 85  ARG A O   1 
ATOM   676 C CB  . ARG A 1 91  ? 18.922  -0.778  -1.888  1.00 21.14 ? 85  ARG A CB  1 
ATOM   677 C CG  . ARG A 1 91  ? 18.935  -0.446  -3.387  1.00 23.79 ? 85  ARG A CG  1 
ATOM   678 C CD  . ARG A 1 91  ? 19.108  -1.790  -4.063  1.00 26.09 ? 85  ARG A CD  1 
ATOM   679 N NE  . ARG A 1 91  ? 20.073  -2.520  -3.150  1.00 28.46 ? 85  ARG A NE  1 
ATOM   680 C CZ  . ARG A 1 91  ? 20.458  -3.740  -3.598  1.00 29.81 ? 85  ARG A CZ  1 
ATOM   681 N NH1 . ARG A 1 91  ? 19.850  -4.122  -4.748  1.00 31.32 ? 85  ARG A NH1 1 
ATOM   682 N NH2 . ARG A 1 91  ? 21.303  -4.556  -3.015  1.00 30.19 ? 85  ARG A NH2 1 
ATOM   683 N N   . GLY A 1 92  ? 16.786  1.586   -1.421  1.00 17.63 ? 86  GLY A N   1 
ATOM   684 C CA  . GLY A 1 92  ? 15.942  2.665   -1.887  1.00 16.04 ? 86  GLY A CA  1 
ATOM   685 C C   . GLY A 1 92  ? 15.649  2.382   -3.357  1.00 16.32 ? 86  GLY A C   1 
ATOM   686 O O   . GLY A 1 92  ? 15.717  1.194   -3.807  1.00 16.35 ? 86  GLY A O   1 
ATOM   687 N N   . PHE A 1 93  ? 15.298  3.445   -4.027  1.00 15.70 ? 87  PHE A N   1 
ATOM   688 C CA  . PHE A 1 93  ? 14.928  3.445   -5.473  1.00 14.97 ? 87  PHE A CA  1 
ATOM   689 C C   . PHE A 1 93  ? 15.467  4.747   -6.061  1.00 14.41 ? 87  PHE A C   1 
ATOM   690 O O   . PHE A 1 93  ? 15.278  5.836   -5.479  1.00 15.05 ? 87  PHE A O   1 
ATOM   691 C CB  . PHE A 1 93  ? 13.419  3.228   -5.656  1.00 14.89 ? 87  PHE A CB  1 
ATOM   692 C CG  . PHE A 1 93  ? 13.132  2.821   -7.071  1.00 15.28 ? 87  PHE A CG  1 
ATOM   693 C CD1 . PHE A 1 93  ? 13.047  3.795   -8.074  1.00 15.10 ? 87  PHE A CD1 1 
ATOM   694 C CD2 . PHE A 1 93  ? 13.070  1.461   -7.386  1.00 15.41 ? 87  PHE A CD2 1 
ATOM   695 C CE1 . PHE A 1 93  ? 12.845  3.444   -9.405  1.00 14.40 ? 87  PHE A CE1 1 
ATOM   696 C CE2 . PHE A 1 93  ? 12.851  1.101   -8.719  1.00 16.15 ? 87  PHE A CE2 1 
ATOM   697 C CZ  . PHE A 1 93  ? 12.740  2.094   -9.704  1.00 15.48 ? 87  PHE A CZ  1 
ATOM   698 N N   . PRO A 1 94  ? 16.216  4.629   -7.139  1.00 14.20 ? 88  PRO A N   1 
ATOM   699 C CA  . PRO A 1 94  ? 16.903  5.755   -7.752  1.00 14.63 ? 88  PRO A CA  1 
ATOM   700 C C   . PRO A 1 94  ? 15.992  6.923   -8.057  1.00 15.50 ? 88  PRO A C   1 
ATOM   701 O O   . PRO A 1 94  ? 14.996  6.757   -8.750  1.00 16.84 ? 88  PRO A O   1 
ATOM   702 C CB  . PRO A 1 94  ? 17.669  5.185   -8.909  1.00 13.94 ? 88  PRO A CB  1 
ATOM   703 C CG  . PRO A 1 94  ? 16.986  3.897   -9.227  1.00 13.70 ? 88  PRO A CG  1 
ATOM   704 C CD  . PRO A 1 94  ? 16.509  3.387   -7.868  1.00 13.96 ? 88  PRO A CD  1 
ATOM   705 N N   . GLY A 1 95  ? 16.280  8.048   -7.448  1.00 16.24 ? 89  GLY A N   1 
ATOM   706 C CA  . GLY A 1 95  ? 15.562  9.297   -7.627  1.00 17.23 ? 89  GLY A CA  1 
ATOM   707 C C   . GLY A 1 95  ? 14.203  9.337   -7.013  1.00 18.08 ? 89  GLY A C   1 
ATOM   708 O O   . GLY A 1 95  ? 13.488  10.344  -7.222  1.00 19.15 ? 89  GLY A O   1 
ATOM   709 N N   . LEU A 1 96  ? 13.775  8.358   -6.205  1.00 17.65 ? 90  LEU A N   1 
ATOM   710 C CA  . LEU A 1 96  ? 12.418  8.433   -5.634  1.00 16.17 ? 90  LEU A CA  1 
ATOM   711 C C   . LEU A 1 96  ? 12.418  8.281   -4.125  1.00 16.41 ? 90  LEU A C   1 
ATOM   712 O O   . LEU A 1 96  ? 11.765  9.033   -3.403  1.00 15.81 ? 90  LEU A O   1 
ATOM   713 C CB  . LEU A 1 96  ? 11.561  7.356   -6.354  1.00 14.77 ? 90  LEU A CB  1 
ATOM   714 C CG  . LEU A 1 96  ? 11.087  7.600   -7.745  1.00 14.09 ? 90  LEU A CG  1 
ATOM   715 C CD1 . LEU A 1 96  ? 10.131  6.603   -8.324  1.00 13.73 ? 90  LEU A CD1 1 
ATOM   716 C CD2 . LEU A 1 96  ? 10.344  8.947   -7.749  1.00 13.61 ? 90  LEU A CD2 1 
ATOM   717 N N   . ILE A 1 97  ? 13.173  7.257   -3.708  1.00 16.87 ? 91  ILE A N   1 
ATOM   718 C CA  . ILE A 1 97  ? 13.269  6.830   -2.326  1.00 16.35 ? 91  ILE A CA  1 
ATOM   719 C C   . ILE A 1 97  ? 14.650  6.531   -1.828  1.00 16.71 ? 91  ILE A C   1 
ATOM   720 O O   . ILE A 1 97  ? 15.287  5.572   -2.344  1.00 17.31 ? 91  ILE A O   1 
ATOM   721 C CB  . ILE A 1 97  ? 12.471  5.404   -2.348  1.00 16.22 ? 91  ILE A CB  1 
ATOM   722 C CG1 . ILE A 1 97  ? 11.000  5.752   -2.635  1.00 15.30 ? 91  ILE A CG1 1 
ATOM   723 C CG2 . ILE A 1 97  ? 12.754  4.636   -1.042  1.00 15.62 ? 91  ILE A CG2 1 
ATOM   724 C CD1 . ILE A 1 97  ? 10.124  4.704   -3.288  1.00 15.47 ? 91  ILE A CD1 1 
ATOM   725 N N   . PRO A 1 98  ? 15.082  7.252   -0.832  1.00 16.30 ? 92  PRO A N   1 
ATOM   726 C CA  . PRO A 1 98  ? 16.391  7.090   -0.202  1.00 16.23 ? 92  PRO A CA  1 
ATOM   727 C C   . PRO A 1 98  ? 16.503  5.838   0.690   1.00 16.24 ? 92  PRO A C   1 
ATOM   728 O O   . PRO A 1 98  ? 15.494  5.312   1.222   1.00 17.47 ? 92  PRO A O   1 
ATOM   729 C CB  . PRO A 1 98  ? 16.489  8.305   0.759   1.00 15.57 ? 92  PRO A CB  1 
ATOM   730 C CG  . PRO A 1 98  ? 15.446  9.287   0.293   1.00 15.74 ? 92  PRO A CG  1 
ATOM   731 C CD  . PRO A 1 98  ? 14.341  8.389   -0.262  1.00 16.79 ? 92  PRO A CD  1 
ATOM   732 N N   . PRO A 1 99  ? 17.735  5.464   0.973   1.00 15.05 ? 93  PRO A N   1 
ATOM   733 C CA  . PRO A 1 99  ? 18.049  4.332   1.824   1.00 14.81 ? 93  PRO A CA  1 
ATOM   734 C C   . PRO A 1 99  ? 17.272  4.454   3.133   1.00 15.65 ? 93  PRO A C   1 
ATOM   735 O O   . PRO A 1 99  ? 17.106  5.549   3.685   1.00 14.87 ? 93  PRO A O   1 
ATOM   736 C CB  . PRO A 1 99  ? 19.578  4.450   2.030   1.00 13.73 ? 93  PRO A CB  1 
ATOM   737 C CG  . PRO A 1 99  ? 20.071  5.166   0.805   1.00 13.92 ? 93  PRO A CG  1 
ATOM   738 C CD  . PRO A 1 99  ? 18.962  6.064   0.363   1.00 14.70 ? 93  PRO A CD  1 
ATOM   739 N N   . ASN A 1 100 ? 16.782  3.303   3.615   1.00 15.92 ? 94  ASN A N   1 
ATOM   740 C CA  . ASN A 1 100 ? 16.034  3.293   4.856   1.00 16.75 ? 94  ASN A CA  1 
ATOM   741 C C   . ASN A 1 100 ? 14.841  4.199   4.968   1.00 17.11 ? 94  ASN A C   1 
ATOM   742 O O   . ASN A 1 100 ? 14.609  4.677   6.105   1.00 17.97 ? 94  ASN A O   1 
ATOM   743 C CB  . ASN A 1 100 ? 17.012  3.549   6.023   1.00 17.01 ? 94  ASN A CB  1 
ATOM   744 C CG  . ASN A 1 100 ? 18.193  2.583   5.938   1.00 18.25 ? 94  ASN A CG  1 
ATOM   745 O OD1 . ASN A 1 100 ? 17.925  1.364   5.911   1.00 18.88 ? 94  ASN A OD1 1 
ATOM   746 N ND2 . ASN A 1 100 ? 19.430  3.089   5.940   1.00 18.06 ? 94  ASN A ND2 1 
ATOM   747 N N   . SER A 1 101 ? 14.016  4.458   3.967   1.00 17.02 ? 95  SER A N   1 
ATOM   748 C CA  . SER A 1 101 ? 12.850  5.333   4.181   1.00 14.87 ? 95  SER A CA  1 
ATOM   749 C C   . SER A 1 101 ? 11.638  4.512   4.600   1.00 13.88 ? 95  SER A C   1 
ATOM   750 O O   . SER A 1 101 ? 11.385  3.370   4.125   1.00 13.57 ? 95  SER A O   1 
ATOM   751 C CB  . SER A 1 101 ? 12.455  6.086   2.903   1.00 15.26 ? 95  SER A CB  1 
ATOM   752 O OG  . SER A 1 101 ? 13.483  6.998   2.498   1.00 16.20 ? 95  SER A OG  1 
ATOM   753 N N   . THR A 1 102 ? 10.846  5.183   5.399   1.00 12.55 ? 96  THR A N   1 
ATOM   754 C CA  . THR A 1 102 ? 9.518   4.753   5.821   1.00 12.80 ? 96  THR A CA  1 
ATOM   755 C C   . THR A 1 102 ? 8.592   5.397   4.766   1.00 12.20 ? 96  THR A C   1 
ATOM   756 O O   . THR A 1 102 ? 8.799   6.609   4.559   1.00 12.96 ? 96  THR A O   1 
ATOM   757 C CB  . THR A 1 102 ? 9.135   5.277   7.244   1.00 12.72 ? 96  THR A CB  1 
ATOM   758 O OG1 . THR A 1 102 ? 10.012  4.446   8.073   1.00 14.48 ? 96  THR A OG1 1 
ATOM   759 C CG2 . THR A 1 102 ? 7.694   5.048   7.626   1.00 12.88 ? 96  THR A CG2 1 
ATOM   760 N N   . LEU A 1 103 ? 7.723   4.669   4.163   1.00 10.67 ? 97  LEU A N   1 
ATOM   761 C CA  . LEU A 1 103 ? 6.840   5.089   3.129   1.00 9.88  ? 97  LEU A CA  1 
ATOM   762 C C   . LEU A 1 103 ? 5.417   5.203   3.656   1.00 11.77 ? 97  LEU A C   1 
ATOM   763 O O   . LEU A 1 103 ? 4.978   4.341   4.436   1.00 11.89 ? 97  LEU A O   1 
ATOM   764 C CB  . LEU A 1 103 ? 6.930   4.052   1.971   1.00 8.00  ? 97  LEU A CB  1 
ATOM   765 C CG  . LEU A 1 103 ? 8.228   3.694   1.332   1.00 7.43  ? 97  LEU A CG  1 
ATOM   766 C CD1 . LEU A 1 103 ? 8.143   2.906   0.004   1.00 6.79  ? 97  LEU A CD1 1 
ATOM   767 C CD2 . LEU A 1 103 ? 9.054   4.954   1.086   1.00 7.18  ? 97  LEU A CD2 1 
ATOM   768 N N   . VAL A 1 104 ? 4.696   6.222   3.169   1.00 12.54 ? 98  VAL A N   1 
ATOM   769 C CA  . VAL A 1 104 ? 3.289   6.393   3.531   1.00 13.27 ? 98  VAL A CA  1 
ATOM   770 C C   . VAL A 1 104 ? 2.471   6.175   2.258   1.00 14.21 ? 98  VAL A C   1 
ATOM   771 O O   . VAL A 1 104 ? 2.795   6.813   1.227   1.00 16.32 ? 98  VAL A O   1 
ATOM   772 C CB  . VAL A 1 104 ? 2.981   7.752   4.157   1.00 13.25 ? 98  VAL A CB  1 
ATOM   773 C CG1 . VAL A 1 104 ? 1.487   7.780   4.539   1.00 12.78 ? 98  VAL A CG1 1 
ATOM   774 C CG2 . VAL A 1 104 ? 3.888   8.070   5.294   1.00 12.25 ? 98  VAL A CG2 1 
ATOM   775 N N   . PHE A 1 105 ? 1.522   5.317   2.273   1.00 14.58 ? 99  PHE A N   1 
ATOM   776 C CA  . PHE A 1 105 ? 0.694   5.032   1.102   1.00 14.87 ? 99  PHE A CA  1 
ATOM   777 C C   . PHE A 1 105 ? -0.787  5.281   1.450   1.00 15.38 ? 99  PHE A C   1 
ATOM   778 O O   . PHE A 1 105 ? -1.326  4.738   2.419   1.00 15.39 ? 99  PHE A O   1 
ATOM   779 C CB  . PHE A 1 105 ? 0.939   3.618   0.587   1.00 14.63 ? 99  PHE A CB  1 
ATOM   780 C CG  . PHE A 1 105 ? 2.151   3.384   -0.256  1.00 14.40 ? 99  PHE A CG  1 
ATOM   781 C CD1 . PHE A 1 105 ? 2.143   3.742   -1.631  1.00 13.98 ? 99  PHE A CD1 1 
ATOM   782 C CD2 . PHE A 1 105 ? 3.276   2.749   0.262   1.00 13.94 ? 99  PHE A CD2 1 
ATOM   783 C CE1 . PHE A 1 105 ? 3.258   3.551   -2.419  1.00 13.80 ? 99  PHE A CE1 1 
ATOM   784 C CE2 . PHE A 1 105 ? 4.418   2.544   -0.506  1.00 13.40 ? 99  PHE A CE2 1 
ATOM   785 C CZ  . PHE A 1 105 ? 4.417   2.971   -1.848  1.00 13.77 ? 99  PHE A CZ  1 
ATOM   786 N N   . ASP A 1 106 ? -1.382  6.153   0.664   1.00 15.78 ? 100 ASP A N   1 
ATOM   787 C CA  . ASP A 1 106 ? -2.849  6.412   0.756   1.00 15.80 ? 100 ASP A CA  1 
ATOM   788 C C   . ASP A 1 106 ? -3.399  5.429   -0.305  1.00 13.92 ? 100 ASP A C   1 
ATOM   789 O O   . ASP A 1 106 ? -2.955  5.656   -1.443  1.00 13.75 ? 100 ASP A O   1 
ATOM   790 C CB  . ASP A 1 106 ? -3.137  7.839   0.393   1.00 17.70 ? 100 ASP A CB  1 
ATOM   791 C CG  . ASP A 1 106 ? -3.022  8.847   1.471   1.00 20.03 ? 100 ASP A CG  1 
ATOM   792 O OD1 . ASP A 1 106 ? -3.088  8.580   2.655   1.00 20.66 ? 100 ASP A OD1 1 
ATOM   793 O OD2 . ASP A 1 106 ? -2.900  10.090  1.174   1.00 23.36 ? 100 ASP A OD2 1 
ATOM   794 N N   . VAL A 1 107 ? -4.153  4.427   -0.062  1.00 12.60 ? 101 VAL A N   1 
ATOM   795 C CA  . VAL A 1 107 ? -4.571  3.494   -1.123  1.00 12.39 ? 101 VAL A CA  1 
ATOM   796 C C   . VAL A 1 107 ? -6.065  3.331   -1.111  1.00 12.41 ? 101 VAL A C   1 
ATOM   797 O O   . VAL A 1 107 ? -6.638  3.509   -0.005  1.00 13.32 ? 101 VAL A O   1 
ATOM   798 C CB  . VAL A 1 107 ? -3.866  2.101   -0.867  1.00 12.45 ? 101 VAL A CB  1 
ATOM   799 C CG1 . VAL A 1 107 ? -2.379  2.204   -0.565  1.00 12.31 ? 101 VAL A CG1 1 
ATOM   800 C CG2 . VAL A 1 107 ? -4.593  1.467   0.315   1.00 12.45 ? 101 VAL A CG2 1 
ATOM   801 N N   . GLU A 1 108 ? -6.673  2.987   -2.185  1.00 13.21 ? 102 GLU A N   1 
ATOM   802 C CA  . GLU A 1 108 ? -8.146  2.759   -2.239  1.00 14.21 ? 102 GLU A CA  1 
ATOM   803 C C   . GLU A 1 108 ? -8.377  1.443   -2.972  1.00 14.40 ? 102 GLU A C   1 
ATOM   804 O O   . GLU A 1 108 ? -7.924  1.274   -4.101  1.00 13.51 ? 102 GLU A O   1 
ATOM   805 C CB  . GLU A 1 108 ? -8.827  3.781   -3.128  1.00 15.03 ? 102 GLU A CB  1 
ATOM   806 C CG  . GLU A 1 108 ? -10.357 3.911   -2.987  1.00 17.08 ? 102 GLU A CG  1 
ATOM   807 C CD  . GLU A 1 108 ? -10.870 5.073   -3.831  1.00 18.48 ? 102 GLU A CD  1 
ATOM   808 O OE1 . GLU A 1 108 ? -10.181 5.595   -4.702  1.00 18.73 ? 102 GLU A OE1 1 
ATOM   809 O OE2 . GLU A 1 108 ? -12.013 5.434   -3.510  1.00 19.43 ? 102 GLU A OE2 1 
ATOM   810 N N   . LEU A 1 109 ? -9.035  0.516   -2.290  1.00 15.43 ? 103 LEU A N   1 
ATOM   811 C CA  . LEU A 1 109 ? -9.301  -0.793  -2.910  1.00 14.72 ? 103 LEU A CA  1 
ATOM   812 C C   . LEU A 1 109 ? -10.551 -0.630  -3.748  1.00 15.03 ? 103 LEU A C   1 
ATOM   813 O O   . LEU A 1 109 ? -11.673 -0.585  -3.247  1.00 16.39 ? 103 LEU A O   1 
ATOM   814 C CB  . LEU A 1 109 ? -9.273  -1.823  -1.802  1.00 13.88 ? 103 LEU A CB  1 
ATOM   815 C CG  . LEU A 1 109 ? -9.416  -3.245  -2.349  1.00 13.95 ? 103 LEU A CG  1 
ATOM   816 C CD1 . LEU A 1 109 ? -8.219  -3.502  -3.235  1.00 13.69 ? 103 LEU A CD1 1 
ATOM   817 C CD2 . LEU A 1 109 ? -9.465  -4.257  -1.211  1.00 14.33 ? 103 LEU A CD2 1 
ATOM   818 N N   . LEU A 1 110 ? -10.426 -0.557  -5.025  1.00 14.86 ? 104 LEU A N   1 
ATOM   819 C CA  . LEU A 1 110 ? -11.459 -0.352  -6.006  1.00 15.23 ? 104 LEU A CA  1 
ATOM   820 C C   . LEU A 1 110 ? -12.144 -1.666  -6.278  1.00 17.00 ? 104 LEU A C   1 
ATOM   821 O O   . LEU A 1 110 ? -13.394 -1.733  -6.205  1.00 18.29 ? 104 LEU A O   1 
ATOM   822 C CB  . LEU A 1 110 ? -10.831 0.311   -7.235  1.00 14.08 ? 104 LEU A CB  1 
ATOM   823 C CG  . LEU A 1 110 ? -10.240 1.700   -7.058  1.00 13.33 ? 104 LEU A CG  1 
ATOM   824 C CD1 . LEU A 1 110 ? -9.542  2.105   -8.343  1.00 13.53 ? 104 LEU A CD1 1 
ATOM   825 C CD2 . LEU A 1 110 ? -11.375 2.648   -6.716  1.00 12.83 ? 104 LEU A CD2 1 
ATOM   826 N N   . LYS A 1 111 ? -11.343 -2.673  -6.571  1.00 18.46 ? 105 LYS A N   1 
ATOM   827 C CA  . LYS A 1 111 ? -12.023 -3.980  -6.827  1.00 20.04 ? 105 LYS A CA  1 
ATOM   828 C C   . LYS A 1 111 ? -11.149 -5.169  -6.624  1.00 20.69 ? 105 LYS A C   1 
ATOM   829 O O   . LYS A 1 111 ? -9.925  -5.081  -6.833  1.00 21.18 ? 105 LYS A O   1 
ATOM   830 C CB  . LYS A 1 111 ? -12.652 -3.829  -8.185  1.00 20.58 ? 105 LYS A CB  1 
ATOM   831 C CG  . LYS A 1 111 ? -11.912 -4.342  -9.362  1.00 21.39 ? 105 LYS A CG  1 
ATOM   832 C CD  . LYS A 1 111 ? -12.875 -4.700  -10.510 1.00 21.69 ? 105 LYS A CD  1 
ATOM   833 C CE  . LYS A 1 111 ? -12.108 -4.994  -11.784 0.01 21.59 ? 105 LYS A CE  1 
ATOM   834 N NZ  . LYS A 1 111 ? -13.043 -5.272  -12.904 0.01 21.60 ? 105 LYS A NZ  1 
ATOM   835 N N   . VAL A 1 112 ? -11.726 -6.255  -6.176  1.00 21.71 ? 106 VAL A N   1 
ATOM   836 C CA  . VAL A 1 112 ? -10.958 -7.510  -5.914  1.00 23.25 ? 106 VAL A CA  1 
ATOM   837 C C   . VAL A 1 112 ? -11.331 -8.454  -7.038  1.00 25.10 ? 106 VAL A C   1 
ATOM   838 O O   . VAL A 1 112 ? -12.503 -8.424  -7.457  1.00 26.75 ? 106 VAL A O   1 
ATOM   839 C CB  . VAL A 1 112 ? -11.274 -8.061  -4.524  1.00 22.33 ? 106 VAL A CB  1 
ATOM   840 C CG1 . VAL A 1 112 ? -10.553 -9.356  -4.257  1.00 22.52 ? 106 VAL A CG1 1 
ATOM   841 C CG2 . VAL A 1 112 ? -11.005 -7.052  -3.454  1.00 22.85 ? 106 VAL A CG2 1 
ATOM   842 N N   . ASN A 1 113 ? -10.442 -9.299  -7.467  1.00 27.60 ? 107 ASN A N   1 
ATOM   843 C CA  . ASN A 1 113 ? -10.891 -10.213 -8.609  1.00 29.43 ? 107 ASN A CA  1 
ATOM   844 C C   . ASN A 1 113 ? -10.138 -11.523 -8.634  1.00 29.42 ? 107 ASN A C   1 
ATOM   845 O O   . ASN A 1 113 ? -9.905  -12.145 -7.582  1.00 28.96 ? 107 ASN A O   1 
ATOM   846 C CB  . ASN A 1 113 ? -10.609 -9.234  -9.726  1.00 31.37 ? 107 ASN A CB  1 
ATOM   847 C CG  . ASN A 1 113 ? -11.638 -9.142  -10.795 1.00 33.18 ? 107 ASN A CG  1 
ATOM   848 O OD1 . ASN A 1 113 ? -12.041 -7.983  -11.084 1.00 34.33 ? 107 ASN A OD1 1 
ATOM   849 N ND2 . ASN A 1 113 ? -11.937 -10.304 -11.386 1.00 33.65 ? 107 ASN A ND2 1 
HETATM 850 C C1  . FK5 B 2 .   ? 5.848   -1.894  -5.515  1.00 12.73 ? 108 FK5 A C1  1 
HETATM 851 C C2  . FK5 B 2 .   ? 5.351   -0.606  -4.907  1.00 12.07 ? 108 FK5 A C2  1 
HETATM 852 C C3  . FK5 B 2 .   ? 3.963   -0.880  -4.296  1.00 10.62 ? 108 FK5 A C3  1 
HETATM 853 C C4  . FK5 B 2 .   ? 2.989   -1.004  -5.444  1.00 10.74 ? 108 FK5 A C4  1 
HETATM 854 C C5  . FK5 B 2 .   ? 2.772   0.303   -6.199  1.00 9.75  ? 108 FK5 A C5  1 
HETATM 855 C C6  . FK5 B 2 .   ? 4.109   0.706   -6.766  1.00 10.82 ? 108 FK5 A C6  1 
HETATM 856 C C8  . FK5 B 2 .   ? 5.901   1.681   -5.412  1.00 13.40 ? 108 FK5 A C8  1 
HETATM 857 C C9  . FK5 B 2 .   ? 5.798   2.997   -6.133  1.00 13.75 ? 108 FK5 A C9  1 
HETATM 858 C C10 . FK5 B 2 .   ? 6.788   3.266   -7.270  1.00 13.83 ? 108 FK5 A C10 1 
HETATM 859 C C11 . FK5 B 2 .   ? 8.216   2.707   -7.097  1.00 13.51 ? 108 FK5 A C11 1 
HETATM 860 C C12 . FK5 B 2 .   ? 8.897   2.834   -8.479  1.00 12.82 ? 108 FK5 A C12 1 
HETATM 861 C C13 . FK5 B 2 .   ? 8.102   2.001   -9.536  1.00 13.32 ? 108 FK5 A C13 1 
HETATM 862 C C14 . FK5 B 2 .   ? 6.693   2.685   -9.616  1.00 13.31 ? 108 FK5 A C14 1 
HETATM 863 C C15 . FK5 B 2 .   ? 5.613   2.258   -10.594 1.00 12.59 ? 108 FK5 A C15 1 
HETATM 864 C C16 . FK5 B 2 .   ? 5.297   0.788   -10.735 1.00 11.63 ? 108 FK5 A C16 1 
HETATM 865 C C17 . FK5 B 2 .   ? 4.071   0.336   -11.573 1.00 10.23 ? 108 FK5 A C17 1 
HETATM 866 C C18 . FK5 B 2 .   ? 4.503   -0.037  -12.992 1.00 10.18 ? 108 FK5 A C18 1 
HETATM 867 C C19 . FK5 B 2 .   ? 5.286   -1.274  -13.164 1.00 10.56 ? 108 FK5 A C19 1 
HETATM 868 C C20 . FK5 B 2 .   ? 6.643   -1.175  -13.169 1.00 10.94 ? 108 FK5 A C20 1 
HETATM 869 C C21 . FK5 B 2 .   ? 7.557   -2.383  -13.202 1.00 11.09 ? 108 FK5 A C21 1 
HETATM 870 C C22 . FK5 B 2 .   ? 7.945   -2.834  -11.807 1.00 11.02 ? 108 FK5 A C22 1 
HETATM 871 C C23 . FK5 B 2 .   ? 7.169   -3.960  -11.195 1.00 10.38 ? 108 FK5 A C23 1 
HETATM 872 C C24 . FK5 B 2 .   ? 7.268   -4.076  -9.701  1.00 11.16 ? 108 FK5 A C24 1 
HETATM 873 C C25 . FK5 B 2 .   ? 6.553   -2.877  -8.943  1.00 11.64 ? 108 FK5 A C25 1 
HETATM 874 C C26 . FK5 B 2 .   ? 6.867   -2.890  -7.421  1.00 12.16 ? 108 FK5 A C26 1 
HETATM 875 C C27 . FK5 B 2 .   ? 8.341   -2.830  -7.049  1.00 13.49 ? 108 FK5 A C27 1 
HETATM 876 C C28 . FK5 B 2 .   ? 8.795   -3.921  -6.450  1.00 15.08 ? 108 FK5 A C28 1 
HETATM 877 C C29 . FK5 B 2 .   ? 10.209  -4.187  -6.135  1.00 17.54 ? 108 FK5 A C29 1 
HETATM 878 C C30 . FK5 B 2 .   ? 10.549  -4.465  -4.680  1.00 18.14 ? 108 FK5 A C30 1 
HETATM 879 C C31 . FK5 B 2 .   ? 12.032  -4.825  -4.500  1.00 19.26 ? 108 FK5 A C31 1 
HETATM 880 C C32 . FK5 B 2 .   ? 12.329  -6.024  -5.384  1.00 20.28 ? 108 FK5 A C32 1 
HETATM 881 C C33 . FK5 B 2 .   ? 11.903  -5.862  -6.831  1.00 20.24 ? 108 FK5 A C33 1 
HETATM 882 C C34 . FK5 B 2 .   ? 10.399  -5.573  -6.870  1.00 19.42 ? 108 FK5 A C34 1 
HETATM 883 C C35 . FK5 B 2 .   ? 9.055   3.444   -6.072  1.00 13.23 ? 108 FK5 A C35 1 
HETATM 884 C C36 . FK5 B 2 .   ? 2.997   1.425   -11.707 1.00 9.04  ? 108 FK5 A C36 1 
HETATM 885 C C37 . FK5 B 2 .   ? 4.512   -2.581  -13.299 1.00 9.09  ? 108 FK5 A C37 1 
HETATM 886 C C38 . FK5 B 2 .   ? 8.826   -2.003  -14.053 1.00 11.57 ? 108 FK5 A C38 1 
HETATM 887 C C39 . FK5 B 2 .   ? 9.289   -3.255  -14.833 1.00 12.62 ? 108 FK5 A C39 1 
HETATM 888 C C40 . FK5 B 2 .   ? 10.501  -3.779  -14.566 1.00 13.88 ? 108 FK5 A C40 1 
HETATM 889 C C41 . FK5 B 2 .   ? 5.006   -3.032  -9.017  1.00 11.14 ? 108 FK5 A C41 1 
HETATM 890 C C42 . FK5 B 2 .   ? 9.213   -1.698  -7.613  1.00 13.33 ? 108 FK5 A C42 1 
HETATM 891 C C43 . FK5 B 2 .   ? 8.920   0.879   -11.553 1.00 13.75 ? 108 FK5 A C43 1 
HETATM 892 C C44 . FK5 B 2 .   ? 5.123   3.730   -12.410 1.00 14.11 ? 108 FK5 A C44 1 
HETATM 893 C C45 . FK5 B 2 .   ? 12.551  -4.140  -2.259  1.00 18.40 ? 108 FK5 A C45 1 
HETATM 894 N N7  . FK5 B 2 .   ? 5.167   0.606   -5.747  1.00 12.61 ? 108 FK5 A N7  1 
HETATM 895 O O1  . FK5 B 2 .   ? 6.162   -1.781  -6.814  1.00 12.39 ? 108 FK5 A O1  1 
HETATM 896 O O2  . FK5 B 2 .   ? 6.025   -2.937  -4.839  1.00 12.89 ? 108 FK5 A O2  1 
HETATM 897 O O3  . FK5 B 2 .   ? 6.709   1.662   -4.458  1.00 13.79 ? 108 FK5 A O3  1 
HETATM 898 O O4  . FK5 B 2 .   ? 4.985   3.809   -5.710  1.00 14.69 ? 108 FK5 A O4  1 
HETATM 899 O O5  . FK5 B 2 .   ? 6.104   2.531   -8.316  1.00 14.44 ? 108 FK5 A O5  1 
HETATM 900 O O6  . FK5 B 2 .   ? 6.853   4.624   -7.630  1.00 14.71 ? 108 FK5 A O6  1 
HETATM 901 O O7  . FK5 B 2 .   ? 8.813   2.095   -10.800 1.00 13.54 ? 108 FK5 A O7  1 
HETATM 902 O O8  . FK5 B 2 .   ? 6.103   2.829   -11.836 1.00 13.59 ? 108 FK5 A O8  1 
HETATM 903 O O9  . FK5 B 2 .   ? 8.864   -2.240  -11.174 1.00 11.50 ? 108 FK5 A O9  1 
HETATM 904 O O10 . FK5 B 2 .   ? 6.499   -5.272  -9.357  1.00 11.73 ? 108 FK5 A O10 1 
HETATM 905 O O11 . FK5 B 2 .   ? 12.360  -5.231  -3.152  1.00 18.81 ? 108 FK5 A O11 1 
HETATM 906 O O12 . FK5 B 2 .   ? 13.742  -6.150  -5.287  1.00 21.72 ? 108 FK5 A O12 1 
HETATM 907 O O   . HOH C 3 .   ? 14.368  2.762   1.382   1.00 11.57 ? 201 HOH A O   1 
HETATM 908 O O   . HOH C 3 .   ? -0.663  3.137   -12.630 1.00 29.28 ? 202 HOH A O   1 
HETATM 909 O O   . HOH C 3 .   ? 0.875   9.571   0.814   1.00 29.99 ? 203 HOH A O   1 
HETATM 910 O O   . HOH C 3 .   ? -0.872  4.708   8.423   1.00 12.79 ? 204 HOH A O   1 
HETATM 911 O O   . HOH C 3 .   ? -4.375  9.119   -3.023  1.00 23.11 ? 205 HOH A O   1 
HETATM 912 O O   . HOH C 3 .   ? 11.143  11.659  -3.698  1.00 32.32 ? 206 HOH A O   1 
HETATM 913 O O   . HOH C 3 .   ? -14.242 -0.854  6.161   1.00 24.75 ? 207 HOH A O   1 
HETATM 914 O O   . HOH C 3 .   ? -10.915 2.412   6.675   1.00 31.70 ? 208 HOH A O   1 
HETATM 915 O O   . HOH C 3 .   ? -2.511  -12.852 1.449   1.00 40.48 ? 209 HOH A O   1 
HETATM 916 O O   . HOH C 3 .   ? -0.353  -11.551 2.290   1.00 37.95 ? 210 HOH A O   1 
HETATM 917 O O   . HOH C 3 .   ? -9.275  -5.987  8.913   1.00 37.91 ? 211 HOH A O   1 
HETATM 918 O O   . HOH C 3 .   ? -7.269  3.199   12.073  1.00 34.15 ? 212 HOH A O   1 
HETATM 919 O O   . HOH C 3 .   ? 21.847  2.143   2.917   1.00 19.71 ? 213 HOH A O   1 
HETATM 920 O O   . HOH C 3 .   ? -1.421  -9.693  -12.396 1.00 30.93 ? 214 HOH A O   1 
HETATM 921 O O   . HOH C 3 .   ? -13.070 -3.230  5.659   1.00 19.20 ? 215 HOH A O   1 
HETATM 922 O O   . HOH C 3 .   ? 11.740  2.174   1.780   1.00 15.81 ? 216 HOH A O   1 
HETATM 923 O O   . HOH C 3 .   ? 8.539   11.525  -8.231  1.00 39.68 ? 217 HOH A O   1 
HETATM 924 O O   . HOH C 3 .   ? -8.256  7.370   -4.031  1.00 27.41 ? 218 HOH A O   1 
HETATM 925 O O   . HOH C 3 .   ? 9.971   -5.193  0.465   1.00 20.86 ? 219 HOH A O   1 
HETATM 926 O O   . HOH C 3 .   ? 15.675  -0.193  6.474   1.00 32.69 ? 220 HOH A O   1 
HETATM 927 O O   . HOH C 3 .   ? -5.847  6.729   -3.549  1.00 26.71 ? 221 HOH A O   1 
HETATM 928 O O   . HOH C 3 .   ? 11.326  11.900  4.701   1.00 46.53 ? 222 HOH A O   1 
HETATM 929 O O   . HOH C 3 .   ? 16.572  -0.442  -6.318  1.00 53.47 ? 223 HOH A O   1 
HETATM 930 O O   . HOH C 3 .   ? 2.082   -9.700  -4.632  1.00 19.36 ? 224 HOH A O   1 
HETATM 931 O O   . HOH C 3 .   ? -9.505  -6.355  -9.572  1.00 28.40 ? 225 HOH A O   1 
HETATM 932 O O   . HOH C 3 .   ? -16.989 -1.500  6.746   1.00 42.54 ? 226 HOH A O   1 
HETATM 933 O O   . HOH C 3 .   ? 5.593   16.452  -3.341  1.00 45.17 ? 227 HOH A O   1 
HETATM 934 O O   . HOH C 3 .   ? 10.165  -3.501  10.091  1.00 28.01 ? 228 HOH A O   1 
HETATM 935 O O   . HOH C 3 .   ? -0.272  -2.529  -13.110 1.00 38.61 ? 229 HOH A O   1 
HETATM 936 O O   . HOH C 3 .   ? -2.171  12.366  -5.821  1.00 42.79 ? 230 HOH A O   1 
HETATM 937 O O   . HOH C 3 .   ? 10.466  8.754   4.806   1.00 30.99 ? 231 HOH A O   1 
HETATM 938 O O   . HOH C 3 .   ? -13.953 3.958   -3.381  1.00 43.39 ? 232 HOH A O   1 
HETATM 939 O O   . HOH C 3 .   ? -4.573  -15.410 -9.438  1.00 46.10 ? 233 HOH A O   1 
HETATM 940 O O   . HOH C 3 .   ? 12.755  8.845   3.766   1.00 49.10 ? 234 HOH A O   1 
HETATM 941 O O   . HOH C 3 .   ? -11.627 -11.980 -1.748  1.00 43.53 ? 235 HOH A O   1 
HETATM 942 O O   . HOH C 3 .   ? -0.507  4.450   12.971  1.00 50.92 ? 236 HOH A O   1 
HETATM 943 O O   . HOH C 3 .   ? 13.574  13.369  0.640   1.00 43.11 ? 237 HOH A O   1 
HETATM 944 O O   . HOH C 3 .   ? 12.299  -6.469  -14.105 1.00 45.72 ? 238 HOH A O   1 
HETATM 945 O O   . HOH C 3 .   ? -14.865 0.609   -5.375  1.00 55.39 ? 239 HOH A O   1 
HETATM 946 O O   . HOH C 3 .   ? 4.017   7.970   -13.435 1.00 54.44 ? 240 HOH A O   1 
HETATM 947 O O   . HOH C 3 .   ? 22.109  -2.181  -0.912  1.00 44.41 ? 241 HOH A O   1 
# 
